data_4EM6
#
_entry.id   4EM6
#
_cell.length_a   71.590
_cell.length_b   72.730
_cell.length_c   115.250
_cell.angle_alpha   95.420
_cell.angle_beta   91.540
_cell.angle_gamma   110.060
#
_symmetry.space_group_name_H-M   'P 1'
#
loop_
_entity.id
_entity.type
_entity.pdbx_description
1 polymer 'Glucose-6-phosphate isomerase'
2 non-polymer 'CHLORIDE ION'
3 non-polymer 'CALCIUM ION'
4 non-polymer 1,2-ETHANEDIOL
5 water water
#
_entity_poly.entity_id   1
_entity_poly.type   'polypeptide(L)'
_entity_poly.pdbx_seq_one_letter_code
;GPGSMARDATKLEATVAKLKKHWAESAPRDMRAAFSADPGRFGRYSLCLDDLLFDWSKCRVNDETMALLKELAVAADVEG
RRAAMFAGEHINNTEDRAVLHVALRDTSSKEVLVDGHNVLPDVKHVLDRMAAFADGIRSGALKGATGRKITDIVNIGIGG
SDLGPVMATLALAPYHDEPRAHFVSNIDGAHIADTLSPLDPASTLIIVASKTFTTIETMTNAQTARKWVADTLGEAAVGA
HFAAVSTALDKVAAFGIPEDRVFGFWDWVGGRYSVWSAIGLPVMIAVGPDNFRKFLAGAHAMDVHFRDAPLEKNLPVMLG
LIGYWHRAICGYGSRAIIPYDQRLSRLPAYLQQLDMESNGKSVTLDGKPVSGPTGPVVWGEPGTNGQHAFFQLLHQGTDT
IPLEFIVAAKGHEPTLDHQHEMLMANCLAQSEALMKGRTLDEARAQLQAKNLPASQVERIAPHRVFSGNRPSLTLIHDML
DPYTLGRLIALYEHRVFVEAQIFGINAFDQWGVELGKELATELLPVVSGKEGASGRDASTQGLVAHLHARRKA
;
_entity_poly.pdbx_strand_id   D,A,B,C
#
loop_
_chem_comp.id
_chem_comp.type
_chem_comp.name
_chem_comp.formula
CA non-polymer 'CALCIUM ION' 'Ca 2'
CL non-polymer 'CHLORIDE ION' 'Cl -1'
EDO non-polymer 1,2-ETHANEDIOL 'C2 H6 O2'
#
# COMPACT_ATOMS: atom_id res chain seq x y z
N ARG A 7 -52.68 -14.59 5.66
CA ARG A 7 -51.94 -15.80 6.07
C ARG A 7 -52.85 -17.03 5.96
N ASP A 8 -52.34 -18.09 5.33
CA ASP A 8 -53.14 -19.29 5.09
C ASP A 8 -52.52 -20.48 5.83
N ALA A 9 -53.05 -20.75 7.02
CA ALA A 9 -52.51 -21.77 7.91
C ALA A 9 -52.46 -23.16 7.29
N THR A 10 -53.53 -23.54 6.58
CA THR A 10 -53.60 -24.86 5.93
C THR A 10 -52.62 -24.94 4.75
N LYS A 11 -52.57 -23.87 3.94
CA LYS A 11 -51.60 -23.79 2.85
C LYS A 11 -50.17 -23.82 3.38
N LEU A 12 -49.92 -23.09 4.46
CA LEU A 12 -48.60 -23.04 5.09
C LEU A 12 -48.18 -24.43 5.59
N GLU A 13 -49.06 -25.10 6.34
CA GLU A 13 -48.79 -26.47 6.82
C GLU A 13 -48.51 -27.42 5.64
N ALA A 14 -49.32 -27.30 4.61
CA ALA A 14 -49.18 -28.12 3.38
C ALA A 14 -47.82 -27.94 2.72
N THR A 15 -47.38 -26.69 2.61
CA THR A 15 -46.12 -26.34 1.98
C THR A 15 -44.93 -26.80 2.83
N VAL A 16 -45.04 -26.65 4.15
CA VAL A 16 -44.03 -27.20 5.05
C VAL A 16 -43.88 -28.72 4.83
N ALA A 17 -44.99 -29.43 4.73
CA ALA A 17 -44.97 -30.88 4.49
C ALA A 17 -44.31 -31.19 3.17
N LYS A 18 -44.63 -30.42 2.14
CA LYS A 18 -43.99 -30.60 0.84
C LYS A 18 -42.48 -30.35 0.90
N LEU A 19 -42.06 -29.36 1.68
CA LEU A 19 -40.65 -29.06 1.85
C LEU A 19 -39.92 -30.21 2.53
N LYS A 20 -40.57 -30.80 3.54
CA LYS A 20 -39.96 -31.93 4.25
C LYS A 20 -39.80 -33.09 3.29
N LYS A 21 -40.78 -33.30 2.44
CA LYS A 21 -40.74 -34.43 1.52
C LYS A 21 -39.67 -34.16 0.47
N HIS A 22 -39.64 -32.92 -0.01
CA HIS A 22 -38.64 -32.50 -0.98
C HIS A 22 -37.21 -32.68 -0.43
N TRP A 23 -36.99 -32.26 0.81
CA TRP A 23 -35.69 -32.43 1.49
C TRP A 23 -35.27 -33.91 1.54
N ALA A 24 -36.21 -34.78 1.93
CA ALA A 24 -35.93 -36.21 2.01
C ALA A 24 -35.62 -36.82 0.65
N GLU A 25 -36.38 -36.44 -0.37
CA GLU A 25 -36.41 -37.20 -1.62
C GLU A 25 -35.72 -36.54 -2.81
N SER A 26 -35.72 -35.21 -2.88
CA SER A 26 -35.43 -34.49 -4.12
C SER A 26 -34.37 -33.39 -4.06
N ALA A 27 -34.16 -32.78 -2.89
CA ALA A 27 -33.15 -31.74 -2.74
C ALA A 27 -31.81 -32.37 -3.08
N PRO A 28 -30.89 -31.57 -3.66
CA PRO A 28 -29.60 -32.13 -4.07
C PRO A 28 -28.83 -32.76 -2.93
N ARG A 29 -28.31 -33.96 -3.16
CA ARG A 29 -27.54 -34.65 -2.12
C ARG A 29 -26.03 -34.58 -2.39
N ASP A 30 -25.67 -34.48 -3.65
CA ASP A 30 -24.27 -34.46 -4.08
C ASP A 30 -24.00 -33.09 -4.69
N MET A 31 -23.35 -32.24 -3.90
CA MET A 31 -23.14 -30.86 -4.32
C MET A 31 -22.07 -30.72 -5.41
N ARG A 32 -21.09 -31.61 -5.44
CA ARG A 32 -20.14 -31.61 -6.55
C ARG A 32 -20.85 -31.79 -7.88
N ALA A 33 -21.75 -32.76 -7.93
CA ALA A 33 -22.54 -33.03 -9.12
C ALA A 33 -23.48 -31.88 -9.45
N ALA A 34 -24.07 -31.29 -8.41
CA ALA A 34 -25.00 -30.19 -8.61
C ALA A 34 -24.30 -29.00 -9.27
N PHE A 35 -23.08 -28.70 -8.83
CA PHE A 35 -22.32 -27.62 -9.46
C PHE A 35 -21.78 -27.94 -10.85
N SER A 36 -21.25 -29.15 -11.03
CA SER A 36 -20.62 -29.50 -12.30
C SER A 36 -21.66 -29.59 -13.40
N ALA A 37 -22.82 -30.19 -13.11
CA ALA A 37 -23.89 -30.34 -14.13
C ALA A 37 -24.59 -29.02 -14.46
N ASP A 38 -24.59 -28.08 -13.51
CA ASP A 38 -25.45 -26.91 -13.58
C ASP A 38 -24.74 -25.72 -12.96
N PRO A 39 -23.64 -25.25 -13.59
CA PRO A 39 -22.91 -24.12 -13.07
C PRO A 39 -23.77 -22.85 -13.01
N GLY A 40 -24.83 -22.81 -13.82
CA GLY A 40 -25.85 -21.77 -13.70
C GLY A 40 -26.48 -21.58 -12.34
N ARG A 41 -26.37 -22.59 -11.46
CA ARG A 41 -26.89 -22.45 -10.10
C ARG A 41 -26.30 -21.24 -9.33
N PHE A 42 -25.06 -20.85 -9.59
CA PHE A 42 -24.51 -19.68 -8.93
C PHE A 42 -25.37 -18.43 -9.22
N GLY A 43 -25.63 -18.18 -10.50
CA GLY A 43 -26.47 -17.05 -10.93
C GLY A 43 -27.89 -17.13 -10.40
N ARG A 44 -28.50 -18.31 -10.47
CA ARG A 44 -29.88 -18.46 -10.02
C ARG A 44 -30.02 -18.32 -8.50
N TYR A 45 -28.99 -18.71 -7.74
CA TYR A 45 -29.07 -18.66 -6.28
C TYR A 45 -28.15 -17.59 -5.71
N SER A 46 -28.12 -16.44 -6.36
CA SER A 46 -27.45 -15.26 -5.83
C SER A 46 -28.22 -13.99 -6.23
N LEU A 47 -28.09 -12.95 -5.43
CA LEU A 47 -28.70 -11.67 -5.70
C LEU A 47 -27.74 -10.59 -5.26
N CYS A 48 -27.88 -9.41 -5.87
CA CYS A 48 -27.13 -8.25 -5.46
C CYS A 48 -28.06 -7.10 -5.06
N LEU A 49 -27.61 -6.29 -4.11
CA LEU A 49 -28.13 -4.94 -3.90
C LEU A 49 -26.91 -4.02 -3.97
N ASP A 50 -26.79 -3.27 -5.05
CA ASP A 50 -25.59 -2.46 -5.31
C ASP A 50 -24.34 -3.37 -5.25
N ASP A 51 -23.35 -2.98 -4.44
CA ASP A 51 -22.14 -3.79 -4.27
C ASP A 51 -22.33 -5.07 -3.46
N LEU A 52 -23.43 -5.19 -2.72
CA LEU A 52 -23.64 -6.35 -1.85
C LEU A 52 -24.07 -7.56 -2.66
N LEU A 53 -23.25 -8.60 -2.61
CA LEU A 53 -23.55 -9.89 -3.23
C LEU A 53 -23.96 -10.88 -2.13
N PHE A 54 -25.07 -11.59 -2.36
CA PHE A 54 -25.56 -12.61 -1.47
C PHE A 54 -25.65 -13.89 -2.31
N ASP A 55 -24.78 -14.86 -2.01
CA ASP A 55 -24.67 -16.13 -2.75
C ASP A 55 -25.07 -17.30 -1.86
N TRP A 56 -26.22 -17.93 -2.13
CA TRP A 56 -26.61 -19.13 -1.40
C TRP A 56 -26.51 -20.40 -2.26
N SER A 57 -25.71 -20.38 -3.34
CA SER A 57 -25.67 -21.51 -4.27
C SER A 57 -25.02 -22.77 -3.70
N LYS A 58 -24.21 -22.61 -2.66
CA LYS A 58 -23.67 -23.77 -1.93
C LYS A 58 -24.66 -24.39 -0.94
N CYS A 59 -25.86 -23.80 -0.76
CA CYS A 59 -26.92 -24.48 0.00
C CYS A 59 -27.53 -25.63 -0.81
N ARG A 60 -28.17 -26.57 -0.10
CA ARG A 60 -28.62 -27.83 -0.70
C ARG A 60 -29.98 -27.63 -1.36
N VAL A 61 -30.01 -26.77 -2.38
CA VAL A 61 -31.26 -26.32 -2.97
C VAL A 61 -31.24 -26.48 -4.49
N ASN A 62 -32.43 -26.66 -5.07
CA ASN A 62 -32.61 -26.56 -6.50
C ASN A 62 -33.85 -25.71 -6.82
N ASP A 63 -34.25 -25.66 -8.09
CA ASP A 63 -35.36 -24.77 -8.47
C ASP A 63 -36.68 -25.16 -7.80
N GLU A 64 -36.84 -26.46 -7.55
CA GLU A 64 -38.03 -26.91 -6.84
C GLU A 64 -38.02 -26.45 -5.37
N THR A 65 -36.85 -26.45 -4.73
CA THR A 65 -36.71 -25.92 -3.36
C THR A 65 -37.12 -24.48 -3.36
N MET A 66 -36.62 -23.71 -4.32
CA MET A 66 -36.83 -22.28 -4.33
C MET A 66 -38.30 -21.95 -4.61
N ALA A 67 -38.96 -22.71 -5.50
CA ALA A 67 -40.41 -22.49 -5.74
C ALA A 67 -41.23 -22.78 -4.49
N LEU A 68 -40.88 -23.84 -3.78
CA LEU A 68 -41.60 -24.19 -2.54
C LEU A 68 -41.38 -23.11 -1.49
N LEU A 69 -40.17 -22.58 -1.40
CA LEU A 69 -39.87 -21.52 -0.42
C LEU A 69 -40.61 -20.23 -0.77
N LYS A 70 -40.73 -19.93 -2.07
CA LYS A 70 -41.60 -18.82 -2.47
C LYS A 70 -43.06 -19.05 -2.05
N GLU A 71 -43.60 -20.24 -2.32
CA GLU A 71 -44.96 -20.57 -1.88
C GLU A 71 -45.14 -20.41 -0.38
N LEU A 72 -44.10 -20.78 0.37
CA LEU A 72 -44.07 -20.63 1.83
C LEU A 72 -44.19 -19.17 2.25
N ALA A 73 -43.38 -18.30 1.64
CA ALA A 73 -43.44 -16.86 1.91
C ALA A 73 -44.82 -16.28 1.63
N VAL A 74 -45.42 -16.71 0.53
CA VAL A 74 -46.76 -16.26 0.18
C VAL A 74 -47.76 -16.77 1.21
N ALA A 75 -47.67 -18.05 1.58
CA ALA A 75 -48.60 -18.65 2.55
C ALA A 75 -48.52 -18.00 3.92
N ALA A 76 -47.32 -17.59 4.30
CA ALA A 76 -47.07 -16.92 5.58
C ALA A 76 -47.43 -15.43 5.58
N ASP A 77 -47.77 -14.91 4.40
CA ASP A 77 -48.03 -13.49 4.15
C ASP A 77 -46.91 -12.59 4.67
N VAL A 78 -45.68 -12.98 4.33
CA VAL A 78 -44.52 -12.17 4.62
C VAL A 78 -44.72 -10.74 4.15
N GLU A 79 -45.25 -10.57 2.94
CA GLU A 79 -45.37 -9.25 2.38
C GLU A 79 -46.42 -8.39 3.10
N GLY A 80 -47.58 -8.97 3.42
CA GLY A 80 -48.62 -8.26 4.17
C GLY A 80 -48.15 -7.86 5.58
N ARG A 81 -47.44 -8.77 6.25
CA ARG A 81 -46.92 -8.51 7.59
C ARG A 81 -45.85 -7.41 7.53
N ARG A 82 -44.99 -7.46 6.51
CA ARG A 82 -43.99 -6.40 6.28
C ARG A 82 -44.66 -5.04 6.07
N ALA A 83 -45.72 -5.00 5.25
CA ALA A 83 -46.41 -3.75 5.01
C ALA A 83 -46.98 -3.20 6.31
N ALA A 84 -47.53 -4.08 7.13
CA ALA A 84 -48.10 -3.67 8.42
C ALA A 84 -47.03 -3.08 9.33
N MET A 85 -45.82 -3.64 9.32
CA MET A 85 -44.70 -3.03 10.08
C MET A 85 -44.41 -1.61 9.59
N PHE A 86 -44.24 -1.45 8.28
CA PHE A 86 -43.89 -0.12 7.72
C PHE A 86 -44.99 0.90 7.94
N ALA A 87 -46.24 0.42 8.02
CA ALA A 87 -47.41 1.26 8.18
C ALA A 87 -47.63 1.75 9.63
N GLY A 88 -46.83 1.25 10.57
CA GLY A 88 -47.02 1.61 11.96
C GLY A 88 -48.17 0.91 12.67
N GLU A 89 -48.66 -0.20 12.12
CA GLU A 89 -49.64 -1.00 12.83
C GLU A 89 -48.99 -1.64 14.07
N HIS A 90 -49.83 -2.01 15.03
CA HIS A 90 -49.33 -2.49 16.30
C HIS A 90 -49.00 -3.99 16.19
N ILE A 91 -48.01 -4.32 15.37
CA ILE A 91 -47.73 -5.71 15.06
C ILE A 91 -47.09 -6.47 16.23
N ASN A 92 -46.53 -5.75 17.19
CA ASN A 92 -46.14 -6.31 18.48
C ASN A 92 -47.44 -6.38 19.29
N ASN A 93 -48.15 -7.48 19.09
CA ASN A 93 -49.52 -7.59 19.56
C ASN A 93 -49.64 -7.84 21.06
N THR A 94 -48.66 -8.53 21.64
CA THR A 94 -48.72 -8.90 23.04
C THR A 94 -48.44 -7.70 23.94
N GLU A 95 -47.64 -6.76 23.44
CA GLU A 95 -47.39 -5.50 24.12
C GLU A 95 -48.22 -4.34 23.56
N ASP A 96 -48.93 -4.59 22.45
CA ASP A 96 -49.74 -3.59 21.76
C ASP A 96 -48.92 -2.37 21.42
N ARG A 97 -47.90 -2.61 20.61
CA ARG A 97 -47.00 -1.56 20.18
C ARG A 97 -46.72 -1.68 18.70
N ALA A 98 -46.41 -0.53 18.09
CA ALA A 98 -45.84 -0.50 16.76
C ALA A 98 -44.39 -0.95 16.83
N VAL A 99 -43.82 -1.21 15.66
CA VAL A 99 -42.48 -1.72 15.50
C VAL A 99 -41.85 -0.90 14.40
N LEU A 100 -41.10 0.13 14.78
CA LEU A 100 -40.67 1.14 13.80
C LEU A 100 -39.22 1.56 13.90
N HIS A 101 -38.33 0.60 14.16
CA HIS A 101 -36.91 0.86 13.98
C HIS A 101 -36.61 1.40 12.56
N VAL A 102 -37.38 1.01 11.56
CA VAL A 102 -37.16 1.51 10.21
C VAL A 102 -37.35 3.04 10.15
N ALA A 103 -38.24 3.57 10.98
CA ALA A 103 -38.48 5.02 10.99
C ALA A 103 -37.26 5.77 11.52
N LEU A 104 -36.44 5.12 12.34
CA LEU A 104 -35.30 5.79 12.96
C LEU A 104 -34.25 6.23 11.93
N ARG A 105 -34.23 5.55 10.78
CA ARG A 105 -33.28 5.85 9.71
C ARG A 105 -33.97 6.31 8.39
N ASP A 106 -35.24 6.68 8.48
CA ASP A 106 -36.04 6.98 7.28
C ASP A 106 -35.91 8.44 6.89
N THR A 107 -35.08 8.68 5.87
CA THR A 107 -34.85 10.01 5.32
C THR A 107 -35.60 10.28 4.01
N SER A 108 -36.45 9.35 3.58
CA SER A 108 -37.16 9.48 2.32
C SER A 108 -38.67 9.66 2.46
N SER A 109 -39.30 9.05 3.47
CA SER A 109 -40.76 9.16 3.56
C SER A 109 -41.22 10.54 3.98
N LYS A 110 -42.40 10.92 3.50
CA LYS A 110 -43.01 12.20 3.87
C LYS A 110 -43.55 12.13 5.30
N GLU A 111 -44.11 10.99 5.67
CA GLU A 111 -44.63 10.79 7.01
C GLU A 111 -44.65 9.30 7.35
N VAL A 112 -44.48 8.99 8.64
CA VAL A 112 -44.75 7.66 9.14
C VAL A 112 -45.62 7.83 10.36
N LEU A 113 -46.79 7.21 10.35
CA LEU A 113 -47.78 7.44 11.40
C LEU A 113 -47.81 6.33 12.45
N VAL A 114 -47.82 6.75 13.71
CA VAL A 114 -48.20 5.87 14.81
C VAL A 114 -49.37 6.54 15.49
N ASP A 115 -50.50 5.84 15.57
CA ASP A 115 -51.69 6.35 16.23
C ASP A 115 -52.05 7.78 15.75
N GLY A 116 -51.94 7.95 14.43
CA GLY A 116 -52.32 9.19 13.76
C GLY A 116 -51.29 10.30 13.79
N HIS A 117 -50.13 10.05 14.39
CA HIS A 117 -49.10 11.09 14.60
C HIS A 117 -47.85 10.75 13.80
N ASN A 118 -47.35 11.73 13.06
CA ASN A 118 -46.16 11.58 12.27
C ASN A 118 -44.93 11.63 13.16
N VAL A 119 -44.24 10.50 13.26
CA VAL A 119 -43.09 10.36 14.14
C VAL A 119 -41.80 10.92 13.58
N LEU A 120 -41.74 11.17 12.27
CA LEU A 120 -40.45 11.50 11.62
C LEU A 120 -39.80 12.78 12.16
N PRO A 121 -40.58 13.85 12.37
CA PRO A 121 -39.92 15.07 12.89
C PRO A 121 -39.28 14.83 14.28
N ASP A 122 -39.93 14.08 15.14
CA ASP A 122 -39.37 13.76 16.47
C ASP A 122 -38.05 12.97 16.32
N VAL A 123 -38.07 11.97 15.45
CA VAL A 123 -36.87 11.20 15.18
C VAL A 123 -35.71 12.10 14.77
N LYS A 124 -35.98 12.97 13.81
CA LYS A 124 -34.92 13.77 13.24
C LYS A 124 -34.43 14.82 14.25
N HIS A 125 -35.34 15.31 15.10
CA HIS A 125 -34.98 16.32 16.10
C HIS A 125 -34.04 15.73 17.15
N VAL A 126 -34.31 14.50 17.60
CA VAL A 126 -33.39 13.83 18.53
C VAL A 126 -32.01 13.64 17.89
N LEU A 127 -31.97 13.23 16.63
CA LEU A 127 -30.68 13.07 15.94
C LEU A 127 -29.90 14.40 15.88
N ASP A 128 -30.60 15.48 15.57
CA ASP A 128 -29.99 16.82 15.50
C ASP A 128 -29.39 17.23 16.85
N ARG A 129 -30.15 16.99 17.92
CA ARG A 129 -29.68 17.28 19.27
C ARG A 129 -28.48 16.41 19.64
N MET A 130 -28.55 15.11 19.33
CA MET A 130 -27.41 14.23 19.57
C MET A 130 -26.18 14.74 18.83
N ALA A 131 -26.36 15.15 17.57
CA ALA A 131 -25.24 15.60 16.74
C ALA A 131 -24.58 16.86 17.30
N ALA A 132 -25.39 17.80 17.78
CA ALA A 132 -24.84 19.03 18.34
C ALA A 132 -24.01 18.70 19.59
N PHE A 133 -24.54 17.81 20.42
CA PHE A 133 -23.86 17.39 21.63
C PHE A 133 -22.58 16.65 21.27
N ALA A 134 -22.68 15.67 20.37
CA ALA A 134 -21.49 14.92 19.92
C ALA A 134 -20.41 15.85 19.35
N ASP A 135 -20.81 16.78 18.50
CA ASP A 135 -19.86 17.74 17.94
C ASP A 135 -19.14 18.56 19.03
N GLY A 136 -19.89 19.04 20.02
CA GLY A 136 -19.31 19.79 21.15
C GLY A 136 -18.31 19.00 21.99
N ILE A 137 -18.65 17.73 22.25
CA ILE A 137 -17.80 16.87 23.04
C ILE A 137 -16.52 16.61 22.27
N ARG A 138 -16.68 16.23 21.00
CA ARG A 138 -15.56 15.96 20.10
C ARG A 138 -14.62 17.15 19.88
N SER A 139 -15.20 18.33 19.73
CA SER A 139 -14.39 19.55 19.47
C SER A 139 -13.69 20.11 20.70
N GLY A 140 -14.16 19.76 21.89
CA GLY A 140 -13.65 20.34 23.13
C GLY A 140 -14.39 21.58 23.57
N ALA A 141 -15.42 21.98 22.82
CA ALA A 141 -16.28 23.09 23.22
C ALA A 141 -17.01 22.79 24.53
N LEU A 142 -17.46 21.54 24.68
CA LEU A 142 -18.13 21.08 25.89
C LEU A 142 -17.13 20.38 26.81
N LYS A 143 -16.78 21.05 27.89
CA LYS A 143 -15.72 20.61 28.77
C LYS A 143 -16.26 19.95 30.05
N GLY A 144 -15.38 19.26 30.76
CA GLY A 144 -15.68 18.76 32.10
C GLY A 144 -15.80 19.91 33.08
N ALA A 145 -16.16 19.58 34.31
CA ALA A 145 -16.44 20.54 35.35
C ALA A 145 -15.21 21.40 35.73
N THR A 146 -14.00 20.90 35.46
CA THR A 146 -12.78 21.65 35.75
C THR A 146 -12.16 22.21 34.47
N GLY A 147 -12.88 22.11 33.36
CA GLY A 147 -12.47 22.76 32.11
C GLY A 147 -11.67 21.92 31.15
N ARG A 148 -11.63 20.61 31.35
CA ARG A 148 -10.89 19.73 30.43
C ARG A 148 -11.72 19.22 29.27
N LYS A 149 -11.07 19.07 28.13
CA LYS A 149 -11.65 18.33 26.99
C LYS A 149 -11.92 16.88 27.43
N ILE A 150 -13.06 16.35 27.03
CA ILE A 150 -13.43 14.99 27.38
C ILE A 150 -12.54 14.04 26.56
N THR A 151 -11.87 13.11 27.24
CA THR A 151 -10.99 12.13 26.59
C THR A 151 -11.58 10.72 26.52
N ASP A 152 -12.60 10.48 27.34
CA ASP A 152 -13.17 9.15 27.50
C ASP A 152 -14.67 9.26 27.71
N ILE A 153 -15.42 8.39 27.04
CA ILE A 153 -16.84 8.26 27.31
C ILE A 153 -17.09 6.85 27.81
N VAL A 154 -17.97 6.74 28.79
CA VAL A 154 -18.33 5.44 29.35
C VAL A 154 -19.83 5.25 29.23
N ASN A 155 -20.25 4.31 28.35
CA ASN A 155 -21.67 3.99 28.21
C ASN A 155 -22.00 2.95 29.26
N ILE A 156 -23.16 3.12 29.93
CA ILE A 156 -23.65 2.15 30.89
C ILE A 156 -25.05 1.75 30.44
N GLY A 157 -25.22 0.47 30.13
CA GLY A 157 -26.51 -0.10 29.70
C GLY A 157 -26.45 -1.61 29.66
N ILE A 158 -27.61 -2.25 29.53
CA ILE A 158 -27.67 -3.72 29.37
C ILE A 158 -28.33 -4.08 28.05
N GLY A 159 -28.09 -5.30 27.58
CA GLY A 159 -28.80 -5.83 26.44
C GLY A 159 -28.64 -4.95 25.21
N GLY A 160 -29.78 -4.54 24.64
CA GLY A 160 -29.80 -3.66 23.48
C GLY A 160 -29.25 -2.25 23.71
N SER A 161 -29.13 -1.82 24.98
CA SER A 161 -28.43 -0.56 25.29
C SER A 161 -26.91 -0.74 25.38
N ASP A 162 -26.40 -1.94 25.10
CA ASP A 162 -24.94 -2.22 25.12
C ASP A 162 -24.41 -2.89 23.83
N LEU A 163 -25.04 -3.97 23.37
CA LEU A 163 -24.41 -4.82 22.33
C LEU A 163 -24.22 -4.09 21.00
N GLY A 164 -25.24 -3.34 20.58
CA GLY A 164 -25.14 -2.50 19.39
C GLY A 164 -24.05 -1.44 19.46
N PRO A 165 -24.08 -0.58 20.48
CA PRO A 165 -22.99 0.39 20.69
C PRO A 165 -21.61 -0.23 20.64
N VAL A 166 -21.39 -1.32 21.37
CA VAL A 166 -20.10 -2.03 21.35
C VAL A 166 -19.73 -2.50 19.93
N MET A 167 -20.64 -3.27 19.32
CA MET A 167 -20.43 -3.85 17.99
C MET A 167 -20.05 -2.79 16.94
N ALA A 168 -20.85 -1.73 16.86
CA ALA A 168 -20.68 -0.70 15.85
C ALA A 168 -19.43 0.13 16.09
N THR A 169 -19.13 0.45 17.35
CA THR A 169 -17.93 1.24 17.66
C THR A 169 -16.65 0.46 17.27
N LEU A 170 -16.58 -0.81 17.64
CA LEU A 170 -15.48 -1.68 17.19
C LEU A 170 -15.44 -1.82 15.67
N ALA A 171 -16.60 -2.02 15.04
CA ALA A 171 -16.67 -2.22 13.59
C ALA A 171 -16.18 -1.00 12.82
N LEU A 172 -16.33 0.18 13.42
CA LEU A 172 -15.99 1.43 12.74
C LEU A 172 -14.74 2.11 13.31
N ALA A 173 -13.83 1.30 13.82
CA ALA A 173 -12.57 1.79 14.38
C ALA A 173 -11.80 2.71 13.44
N PRO A 174 -11.83 2.46 12.10
CA PRO A 174 -11.13 3.41 11.23
C PRO A 174 -11.72 4.81 11.20
N TYR A 175 -12.93 4.99 11.73
CA TYR A 175 -13.65 6.25 11.66
C TYR A 175 -13.75 6.91 13.04
N HIS A 176 -12.98 6.42 13.99
CA HIS A 176 -13.07 6.79 15.39
C HIS A 176 -11.72 7.26 15.88
N ASP A 177 -11.64 8.55 16.21
CA ASP A 177 -10.38 9.15 16.71
C ASP A 177 -10.52 9.33 18.23
N GLU A 178 -11.06 10.49 18.62
CA GLU A 178 -11.26 10.85 20.02
C GLU A 178 -12.68 11.35 20.20
N PRO A 179 -13.23 11.21 21.41
CA PRO A 179 -12.63 10.56 22.57
C PRO A 179 -12.71 9.03 22.48
N ARG A 180 -11.98 8.37 23.38
CA ARG A 180 -12.09 6.93 23.59
C ARG A 180 -13.48 6.54 24.09
N ALA A 181 -13.88 5.33 23.71
CA ALA A 181 -15.20 4.82 24.10
C ALA A 181 -15.06 3.54 24.92
N HIS A 182 -15.82 3.45 26.01
CA HIS A 182 -15.82 2.30 26.90
C HIS A 182 -17.27 1.91 27.14
N PHE A 183 -17.50 0.64 27.45
CA PHE A 183 -18.86 0.10 27.55
C PHE A 183 -18.96 -0.80 28.79
N VAL A 184 -19.83 -0.42 29.71
CA VAL A 184 -20.11 -1.17 30.92
C VAL A 184 -21.52 -1.71 30.86
N SER A 185 -21.68 -2.98 31.24
CA SER A 185 -22.99 -3.65 31.19
C SER A 185 -23.23 -4.64 32.31
N ASN A 186 -22.21 -5.39 32.71
CA ASN A 186 -22.39 -6.42 33.73
C ASN A 186 -22.70 -5.78 35.08
N ILE A 187 -23.61 -6.37 35.85
CA ILE A 187 -23.81 -5.94 37.24
C ILE A 187 -22.56 -6.29 38.07
N ASP A 188 -21.81 -7.31 37.64
CA ASP A 188 -20.55 -7.68 38.26
C ASP A 188 -19.71 -6.41 38.46
N GLY A 189 -19.34 -6.11 39.70
CA GLY A 189 -18.58 -4.90 40.04
C GLY A 189 -17.26 -4.79 39.29
N ALA A 190 -16.75 -5.94 38.86
CA ALA A 190 -15.52 -5.95 38.06
C ALA A 190 -15.64 -5.04 36.84
N HIS A 191 -16.82 -4.99 36.21
CA HIS A 191 -16.95 -4.26 34.96
C HIS A 191 -16.79 -2.75 35.15
N ILE A 192 -17.59 -2.16 36.03
CA ILE A 192 -17.47 -0.71 36.29
C ILE A 192 -16.12 -0.37 36.93
N ALA A 193 -15.61 -1.23 37.83
CA ALA A 193 -14.36 -0.95 38.53
C ALA A 193 -13.16 -0.99 37.59
N ASP A 194 -13.06 -2.04 36.79
CA ASP A 194 -11.95 -2.15 35.84
C ASP A 194 -12.00 -1.03 34.81
N THR A 195 -13.21 -0.62 34.44
CA THR A 195 -13.36 0.40 33.39
C THR A 195 -13.01 1.79 33.92
N LEU A 196 -13.47 2.12 35.13
CA LEU A 196 -13.27 3.47 35.66
C LEU A 196 -11.92 3.69 36.30
N SER A 197 -11.33 2.61 36.80
CA SER A 197 -10.05 2.64 37.53
CA SER A 197 -10.12 2.77 37.59
C SER A 197 -8.96 3.48 36.86
N PRO A 198 -8.73 3.25 35.55
CA PRO A 198 -7.65 4.01 34.94
C PRO A 198 -7.99 5.42 34.47
N LEU A 199 -9.26 5.82 34.59
CA LEU A 199 -9.73 7.06 33.99
C LEU A 199 -9.70 8.20 34.98
N ASP A 200 -9.73 9.42 34.43
CA ASP A 200 -9.79 10.64 35.24
C ASP A 200 -11.20 11.18 35.12
N PRO A 201 -11.94 11.25 36.25
CA PRO A 201 -13.31 11.77 36.16
C PRO A 201 -13.38 13.16 35.47
N ALA A 202 -12.35 13.98 35.68
CA ALA A 202 -12.30 15.32 35.11
C ALA A 202 -12.44 15.33 33.58
N SER A 203 -11.99 14.27 32.92
CA SER A 203 -12.09 14.19 31.45
C SER A 203 -12.97 13.04 30.98
N THR A 204 -13.90 12.59 31.83
CA THR A 204 -14.75 11.44 31.51
C THR A 204 -16.24 11.82 31.53
N LEU A 205 -16.95 11.41 30.47
CA LEU A 205 -18.41 11.55 30.39
C LEU A 205 -19.05 10.18 30.46
N ILE A 206 -20.03 10.06 31.35
CA ILE A 206 -20.75 8.81 31.57
C ILE A 206 -22.08 8.97 30.87
N ILE A 207 -22.44 8.00 30.02
CA ILE A 207 -23.75 7.99 29.36
C ILE A 207 -24.58 6.86 29.98
N VAL A 208 -25.73 7.20 30.56
CA VAL A 208 -26.59 6.20 31.19
C VAL A 208 -27.74 5.93 30.22
N ALA A 209 -27.80 4.70 29.71
CA ALA A 209 -28.81 4.29 28.74
C ALA A 209 -29.85 3.41 29.44
N SER A 210 -30.99 4.02 29.76
CA SER A 210 -32.12 3.31 30.33
C SER A 210 -33.38 4.11 30.07
N LYS A 211 -34.29 3.57 29.26
CA LYS A 211 -35.54 4.31 28.94
C LYS A 211 -36.28 4.77 30.19
N THR A 212 -36.42 3.86 31.15
CA THR A 212 -37.13 4.11 32.39
C THR A 212 -36.28 4.83 33.46
N PHE A 213 -34.97 4.75 33.33
CA PHE A 213 -34.06 5.20 34.37
C PHE A 213 -34.31 4.50 35.72
N THR A 214 -34.89 3.29 35.66
CA THR A 214 -34.99 2.42 36.82
C THR A 214 -34.45 1.00 36.59
N THR A 215 -33.91 0.73 35.40
CA THR A 215 -33.29 -0.57 35.09
C THR A 215 -32.33 -0.95 36.21
N ILE A 216 -32.62 -2.03 36.94
CA ILE A 216 -31.90 -2.27 38.20
C ILE A 216 -30.39 -2.38 38.01
N GLU A 217 -29.93 -3.22 37.09
CA GLU A 217 -28.47 -3.33 36.89
C GLU A 217 -27.82 -2.04 36.43
N THR A 218 -28.39 -1.46 35.37
CA THR A 218 -27.85 -0.21 34.79
C THR A 218 -27.79 0.92 35.82
N MET A 219 -28.87 1.09 36.59
CA MET A 219 -28.91 2.19 37.55
C MET A 219 -28.02 1.94 38.78
N THR A 220 -27.77 0.69 39.13
CA THR A 220 -26.79 0.38 40.16
C THR A 220 -25.40 0.81 39.69
N ASN A 221 -25.05 0.41 38.47
CA ASN A 221 -23.81 0.83 37.83
C ASN A 221 -23.75 2.35 37.71
N ALA A 222 -24.88 2.98 37.33
CA ALA A 222 -24.96 4.43 37.18
C ALA A 222 -24.72 5.13 38.51
N GLN A 223 -25.25 4.60 39.62
CA GLN A 223 -25.00 5.23 40.92
C GLN A 223 -23.54 5.06 41.34
N THR A 224 -22.96 3.90 41.03
CA THR A 224 -21.54 3.69 41.27
C THR A 224 -20.68 4.71 40.48
N ALA A 225 -20.98 4.91 39.20
CA ALA A 225 -20.29 5.92 38.38
C ALA A 225 -20.49 7.35 38.89
N ARG A 226 -21.70 7.65 39.36
CA ARG A 226 -22.04 8.97 39.90
C ARG A 226 -21.21 9.26 41.15
N LYS A 227 -21.06 8.26 42.03
CA LYS A 227 -20.24 8.38 43.23
C LYS A 227 -18.76 8.55 42.84
N TRP A 228 -18.34 7.84 41.80
CA TRP A 228 -16.99 8.03 41.27
C TRP A 228 -16.73 9.45 40.81
N VAL A 229 -17.65 10.07 40.06
CA VAL A 229 -17.50 11.48 39.68
C VAL A 229 -17.53 12.38 40.90
N ALA A 230 -18.53 12.20 41.77
CA ALA A 230 -18.72 13.12 42.90
C ALA A 230 -17.61 13.02 43.94
N ASP A 231 -17.09 11.82 44.15
CA ASP A 231 -16.02 11.64 45.14
C ASP A 231 -14.77 12.47 44.80
N THR A 232 -14.46 12.61 43.52
CA THR A 232 -13.28 13.32 43.08
C THR A 232 -13.55 14.79 42.74
N LEU A 233 -14.66 15.05 42.03
CA LEU A 233 -14.95 16.39 41.52
C LEU A 233 -15.95 17.18 42.37
N GLY A 234 -16.71 16.49 43.21
CA GLY A 234 -17.76 17.13 44.00
C GLY A 234 -19.11 16.94 43.36
N GLU A 235 -20.14 17.01 44.19
CA GLU A 235 -21.53 16.85 43.78
C GLU A 235 -21.97 17.74 42.61
N ALA A 236 -21.60 19.02 42.64
CA ALA A 236 -22.00 19.98 41.59
C ALA A 236 -21.49 19.60 40.20
N ALA A 237 -20.36 18.88 40.15
CA ALA A 237 -19.76 18.49 38.89
C ALA A 237 -20.56 17.43 38.14
N VAL A 238 -21.46 16.71 38.82
CA VAL A 238 -22.20 15.63 38.18
C VAL A 238 -22.87 16.10 36.89
N GLY A 239 -23.44 17.29 36.91
CA GLY A 239 -24.16 17.83 35.77
C GLY A 239 -23.32 18.05 34.51
N ALA A 240 -21.98 18.12 34.67
CA ALA A 240 -21.08 18.24 33.53
C ALA A 240 -20.45 16.92 33.09
N HIS A 241 -20.76 15.81 33.78
CA HIS A 241 -20.13 14.50 33.47
C HIS A 241 -21.08 13.38 33.13
N PHE A 242 -22.34 13.73 32.88
CA PHE A 242 -23.37 12.76 32.56
C PHE A 242 -24.24 13.20 31.39
N ALA A 243 -24.64 12.21 30.60
CA ALA A 243 -25.76 12.31 29.67
C ALA A 243 -26.63 11.08 29.86
N ALA A 244 -27.87 11.19 29.42
CA ALA A 244 -28.85 10.15 29.58
C ALA A 244 -29.50 9.82 28.25
N VAL A 245 -29.70 8.53 27.99
CA VAL A 245 -30.58 8.10 26.92
C VAL A 245 -31.77 7.49 27.63
N SER A 246 -32.82 8.29 27.74
CA SER A 246 -33.95 7.99 28.60
C SER A 246 -35.11 8.87 28.27
N THR A 247 -36.30 8.42 28.69
CA THR A 247 -37.50 9.29 28.64
C THR A 247 -38.10 9.60 30.03
N ALA A 248 -37.41 9.21 31.08
CA ALA A 248 -37.90 9.42 32.45
C ALA A 248 -37.39 10.78 32.93
N LEU A 249 -38.02 11.86 32.47
CA LEU A 249 -37.46 13.19 32.63
C LEU A 249 -37.32 13.65 34.08
N ASP A 250 -38.29 13.30 34.93
CA ASP A 250 -38.17 13.63 36.36
C ASP A 250 -36.98 12.89 37.02
N LYS A 251 -36.82 11.60 36.74
CA LYS A 251 -35.74 10.83 37.37
C LYS A 251 -34.36 11.25 36.85
N VAL A 252 -34.27 11.57 35.57
CA VAL A 252 -33.01 12.06 35.01
C VAL A 252 -32.61 13.42 35.64
N ALA A 253 -33.59 14.30 35.80
CA ALA A 253 -33.35 15.60 36.42
C ALA A 253 -32.93 15.41 37.89
N ALA A 254 -33.60 14.54 38.63
CA ALA A 254 -33.24 14.29 40.04
C ALA A 254 -31.80 13.76 40.19
N PHE A 255 -31.35 12.97 39.22
CA PHE A 255 -30.01 12.36 39.22
C PHE A 255 -28.93 13.43 39.04
N GLY A 256 -29.28 14.49 38.30
CA GLY A 256 -28.35 15.59 38.08
C GLY A 256 -27.99 15.87 36.64
N ILE A 257 -28.71 15.27 35.70
CA ILE A 257 -28.41 15.37 34.28
C ILE A 257 -29.25 16.50 33.68
N PRO A 258 -28.57 17.48 33.06
CA PRO A 258 -29.33 18.61 32.47
C PRO A 258 -30.17 18.24 31.28
N GLU A 259 -31.23 19.02 31.08
CA GLU A 259 -32.19 18.79 30.02
C GLU A 259 -31.56 18.61 28.65
N ASP A 260 -30.54 19.43 28.35
CA ASP A 260 -29.92 19.38 27.04
C ASP A 260 -28.99 18.19 26.84
N ARG A 261 -28.81 17.34 27.85
CA ARG A 261 -28.06 16.10 27.68
C ARG A 261 -28.87 14.85 27.94
N VAL A 262 -30.19 14.94 27.71
CA VAL A 262 -31.10 13.81 27.77
C VAL A 262 -31.67 13.63 26.38
N PHE A 263 -31.63 12.40 25.88
CA PHE A 263 -31.98 12.10 24.49
C PHE A 263 -32.95 10.94 24.53
N GLY A 264 -34.14 11.14 23.96
CA GLY A 264 -35.21 10.15 24.10
C GLY A 264 -35.38 9.18 22.94
N PHE A 265 -36.20 8.18 23.17
CA PHE A 265 -36.67 7.27 22.10
C PHE A 265 -38.08 6.81 22.48
N TRP A 266 -38.65 5.88 21.72
CA TRP A 266 -40.10 5.61 21.73
C TRP A 266 -40.36 4.14 21.98
N ASP A 267 -41.60 3.81 22.39
CA ASP A 267 -41.98 2.45 22.73
CA ASP A 267 -41.90 2.43 22.75
C ASP A 267 -41.87 1.50 21.53
N TRP A 268 -41.91 2.08 20.32
CA TRP A 268 -41.88 1.27 19.10
C TRP A 268 -40.44 1.00 18.61
N VAL A 269 -39.45 1.37 19.44
CA VAL A 269 -38.06 1.00 19.26
C VAL A 269 -37.71 -0.10 20.25
N GLY A 270 -37.60 -1.33 19.77
CA GLY A 270 -37.20 -2.44 20.67
C GLY A 270 -35.72 -2.34 21.02
N GLY A 271 -35.35 -2.76 22.22
CA GLY A 271 -33.96 -2.68 22.67
C GLY A 271 -32.97 -3.24 21.65
N ARG A 272 -33.28 -4.43 21.16
CA ARG A 272 -32.39 -5.11 20.24
C ARG A 272 -32.45 -4.56 18.80
N TYR A 273 -33.30 -3.54 18.60
CA TYR A 273 -33.41 -2.73 17.37
C TYR A 273 -33.10 -1.24 17.59
N SER A 274 -32.32 -0.91 18.63
CA SER A 274 -32.22 0.48 19.11
C SER A 274 -30.94 1.22 18.81
N VAL A 275 -29.94 0.57 18.20
CA VAL A 275 -28.65 1.22 17.99
C VAL A 275 -28.78 2.44 17.05
N TRP A 276 -29.85 2.45 16.25
CA TRP A 276 -30.16 3.53 15.31
C TRP A 276 -30.69 4.79 15.99
N SER A 277 -31.21 4.61 17.21
CA SER A 277 -31.84 5.69 17.96
C SER A 277 -30.81 6.46 18.79
N ALA A 278 -31.29 7.26 19.75
CA ALA A 278 -30.45 7.86 20.80
C ALA A 278 -29.56 6.88 21.53
N ILE A 279 -29.95 5.60 21.59
CA ILE A 279 -29.07 4.57 22.15
C ILE A 279 -27.72 4.55 21.44
N GLY A 280 -27.71 4.91 20.16
CA GLY A 280 -26.47 5.04 19.36
C GLY A 280 -25.59 6.23 19.68
N LEU A 281 -25.98 7.05 20.65
CA LEU A 281 -25.18 8.22 21.04
C LEU A 281 -23.68 7.95 21.22
N PRO A 282 -23.28 6.96 22.01
CA PRO A 282 -21.83 6.72 22.12
C PRO A 282 -21.16 6.40 20.78
N VAL A 283 -21.88 5.75 19.85
CA VAL A 283 -21.32 5.48 18.51
C VAL A 283 -21.15 6.80 17.75
N MET A 284 -22.14 7.67 17.87
CA MET A 284 -22.08 8.97 17.26
C MET A 284 -20.95 9.85 17.82
N ILE A 285 -20.67 9.76 19.11
CA ILE A 285 -19.56 10.51 19.69
C ILE A 285 -18.21 9.94 19.19
N ALA A 286 -18.14 8.62 19.08
CA ALA A 286 -16.97 7.93 18.53
C ALA A 286 -16.66 8.25 17.07
N VAL A 287 -17.64 8.15 16.18
CA VAL A 287 -17.38 8.29 14.73
C VAL A 287 -17.80 9.63 14.15
N GLY A 288 -18.51 10.44 14.93
CA GLY A 288 -19.02 11.71 14.43
C GLY A 288 -20.41 11.55 13.83
N PRO A 289 -21.22 12.63 13.87
CA PRO A 289 -22.57 12.60 13.33
C PRO A 289 -22.67 12.27 11.83
N ASP A 290 -21.72 12.75 11.03
CA ASP A 290 -21.72 12.48 9.58
C ASP A 290 -21.58 10.98 9.35
N ASN A 291 -20.64 10.34 10.05
CA ASN A 291 -20.52 8.88 9.95
C ASN A 291 -21.74 8.14 10.50
N PHE A 292 -22.33 8.64 11.58
CA PHE A 292 -23.54 8.01 12.12
C PHE A 292 -24.70 8.09 11.12
N ARG A 293 -24.84 9.24 10.46
CA ARG A 293 -25.88 9.38 9.45
C ARG A 293 -25.67 8.44 8.24
N LYS A 294 -24.41 8.18 7.88
CA LYS A 294 -24.08 7.20 6.85
C LYS A 294 -24.49 5.80 7.31
N PHE A 295 -24.24 5.47 8.57
CA PHE A 295 -24.71 4.20 9.18
C PHE A 295 -26.24 4.08 9.02
N LEU A 296 -26.95 5.13 9.38
CA LEU A 296 -28.41 5.12 9.17
C LEU A 296 -28.79 4.96 7.68
N ALA A 297 -28.08 5.67 6.80
CA ALA A 297 -28.40 5.64 5.37
C ALA A 297 -28.26 4.23 4.79
N GLY A 298 -27.26 3.48 5.27
CA GLY A 298 -27.05 2.10 4.79
C GLY A 298 -28.21 1.23 5.20
N ALA A 299 -28.64 1.40 6.45
CA ALA A 299 -29.83 0.68 6.93
C ALA A 299 -31.07 1.06 6.09
N HIS A 300 -31.23 2.35 5.81
CA HIS A 300 -32.37 2.85 5.05
C HIS A 300 -32.39 2.28 3.62
N ALA A 301 -31.22 2.15 3.00
CA ALA A 301 -31.13 1.56 1.66
C ALA A 301 -31.66 0.14 1.69
N MET A 302 -31.27 -0.62 2.70
CA MET A 302 -31.80 -1.98 2.87
C MET A 302 -33.29 -2.00 3.22
N ASP A 303 -33.78 -1.02 3.97
CA ASP A 303 -35.23 -0.93 4.24
C ASP A 303 -36.06 -0.74 2.97
N VAL A 304 -35.64 0.20 2.12
CA VAL A 304 -36.33 0.47 0.86
C VAL A 304 -36.34 -0.78 -0.03
N HIS A 305 -35.19 -1.43 -0.10
CA HIS A 305 -35.05 -2.69 -0.85
C HIS A 305 -36.01 -3.76 -0.30
N PHE A 306 -36.00 -3.93 1.02
CA PHE A 306 -36.85 -4.94 1.68
C PHE A 306 -38.32 -4.68 1.39
N ARG A 307 -38.71 -3.42 1.47
CA ARG A 307 -40.08 -3.02 1.23
C ARG A 307 -40.50 -3.22 -0.22
N ASP A 308 -39.61 -2.88 -1.14
CA ASP A 308 -40.00 -2.70 -2.53
C ASP A 308 -39.65 -3.81 -3.47
N ALA A 309 -38.63 -4.62 -3.17
CA ALA A 309 -38.21 -5.68 -4.10
C ALA A 309 -39.21 -6.85 -4.08
N PRO A 310 -39.51 -7.41 -5.25
CA PRO A 310 -40.34 -8.59 -5.27
C PRO A 310 -39.63 -9.76 -4.59
N LEU A 311 -40.42 -10.73 -4.12
CA LEU A 311 -39.93 -11.81 -3.24
C LEU A 311 -38.60 -12.39 -3.71
N GLU A 312 -38.54 -12.84 -4.95
CA GLU A 312 -37.35 -13.57 -5.43
C GLU A 312 -36.17 -12.69 -5.76
N LYS A 313 -36.32 -11.39 -5.60
CA LYS A 313 -35.23 -10.46 -5.81
C LYS A 313 -34.86 -9.78 -4.50
N ASN A 314 -35.51 -10.21 -3.42
CA ASN A 314 -35.44 -9.50 -2.13
C ASN A 314 -34.44 -10.20 -1.20
N LEU A 315 -33.31 -9.56 -0.91
CA LEU A 315 -32.21 -10.19 -0.18
C LEU A 315 -32.63 -10.69 1.21
N PRO A 316 -33.25 -9.83 2.05
CA PRO A 316 -33.69 -10.35 3.36
C PRO A 316 -34.72 -11.46 3.28
N VAL A 317 -35.63 -11.39 2.31
CA VAL A 317 -36.63 -12.45 2.18
C VAL A 317 -35.92 -13.80 1.88
N MET A 318 -34.98 -13.78 0.94
CA MET A 318 -34.31 -15.00 0.54
C MET A 318 -33.39 -15.52 1.65
N LEU A 319 -32.73 -14.61 2.36
CA LEU A 319 -31.93 -14.98 3.54
C LEU A 319 -32.78 -15.63 4.64
N GLY A 320 -33.94 -15.07 4.94
CA GLY A 320 -34.85 -15.68 5.89
C GLY A 320 -35.39 -17.01 5.44
N LEU A 321 -35.71 -17.11 4.15
CA LEU A 321 -36.22 -18.38 3.61
C LEU A 321 -35.16 -19.47 3.71
N ILE A 322 -33.92 -19.14 3.42
CA ILE A 322 -32.84 -20.13 3.52
C ILE A 322 -32.57 -20.47 4.99
N GLY A 323 -32.60 -19.46 5.86
CA GLY A 323 -32.50 -19.70 7.31
C GLY A 323 -33.59 -20.61 7.86
N TYR A 324 -34.82 -20.38 7.42
CA TYR A 324 -35.94 -21.21 7.83
C TYR A 324 -35.78 -22.66 7.32
N TRP A 325 -35.45 -22.78 6.04
CA TRP A 325 -35.13 -24.07 5.41
C TRP A 325 -34.13 -24.83 6.25
N HIS A 326 -33.01 -24.21 6.54
CA HIS A 326 -32.00 -24.89 7.35
C HIS A 326 -32.50 -25.36 8.72
N ARG A 327 -33.22 -24.50 9.43
CA ARG A 327 -33.68 -24.79 10.80
C ARG A 327 -34.87 -25.74 10.83
N ALA A 328 -35.97 -25.32 10.20
CA ALA A 328 -37.26 -26.02 10.31
C ALA A 328 -37.38 -27.22 9.40
N ILE A 329 -36.66 -27.22 8.28
CA ILE A 329 -36.83 -28.34 7.32
C ILE A 329 -35.66 -29.31 7.42
N CYS A 330 -34.45 -28.80 7.31
CA CYS A 330 -33.25 -29.63 7.33
C CYS A 330 -32.94 -30.10 8.74
N GLY A 331 -33.52 -29.43 9.73
CA GLY A 331 -33.29 -29.75 11.16
C GLY A 331 -32.00 -29.27 11.81
N TYR A 332 -31.40 -28.19 11.29
CA TYR A 332 -30.14 -27.69 11.84
C TYR A 332 -30.46 -26.75 13.03
N GLY A 333 -30.05 -27.15 14.22
CA GLY A 333 -30.43 -26.42 15.45
C GLY A 333 -29.64 -25.15 15.76
N SER A 334 -28.55 -24.95 15.03
CA SER A 334 -27.75 -23.72 15.16
C SER A 334 -27.33 -23.21 13.80
N ARG A 335 -26.85 -21.98 13.77
CA ARG A 335 -26.16 -21.46 12.61
C ARG A 335 -24.98 -20.62 13.03
N ALA A 336 -23.89 -20.80 12.30
CA ALA A 336 -22.65 -20.15 12.59
C ALA A 336 -22.44 -18.96 11.64
N ILE A 337 -22.28 -17.78 12.21
CA ILE A 337 -22.09 -16.54 11.45
C ILE A 337 -20.65 -16.11 11.65
N ILE A 338 -19.88 -16.14 10.56
CA ILE A 338 -18.45 -16.00 10.62
C ILE A 338 -18.02 -14.83 9.73
N PRO A 339 -17.88 -13.64 10.33
CA PRO A 339 -17.44 -12.50 9.55
C PRO A 339 -15.93 -12.49 9.39
N TYR A 340 -15.46 -12.47 8.15
CA TYR A 340 -14.03 -12.38 7.88
C TYR A 340 -13.56 -10.93 7.97
N ASP A 341 -13.59 -10.42 9.20
CA ASP A 341 -13.21 -9.03 9.47
C ASP A 341 -13.05 -8.94 10.98
N GLN A 342 -11.83 -8.67 11.43
CA GLN A 342 -11.54 -8.60 12.87
C GLN A 342 -12.34 -7.49 13.52
N ARG A 343 -12.69 -6.45 12.77
CA ARG A 343 -13.47 -5.34 13.36
C ARG A 343 -14.93 -5.76 13.65
N LEU A 344 -15.38 -6.86 13.04
CA LEU A 344 -16.70 -7.43 13.32
C LEU A 344 -16.65 -8.50 14.42
N SER A 345 -15.63 -8.42 15.29
CA SER A 345 -15.45 -9.34 16.40
C SER A 345 -16.69 -9.47 17.30
N ARG A 346 -17.47 -8.41 17.44
CA ARG A 346 -18.64 -8.48 18.29
C ARG A 346 -19.95 -8.48 17.53
N LEU A 347 -19.87 -8.74 16.22
CA LEU A 347 -21.08 -8.89 15.40
C LEU A 347 -21.86 -10.19 15.77
N PRO A 348 -21.16 -11.34 15.89
CA PRO A 348 -21.96 -12.53 16.24
C PRO A 348 -22.71 -12.37 17.57
N ALA A 349 -22.09 -11.77 18.58
CA ALA A 349 -22.77 -11.55 19.88
C ALA A 349 -24.00 -10.64 19.70
N TYR A 350 -23.87 -9.61 18.87
CA TYR A 350 -25.02 -8.73 18.54
C TYR A 350 -26.16 -9.50 17.85
N LEU A 351 -25.80 -10.28 16.84
CA LEU A 351 -26.77 -11.07 16.10
C LEU A 351 -27.42 -12.14 16.97
N GLN A 352 -26.72 -12.64 17.98
CA GLN A 352 -27.34 -13.54 18.98
C GLN A 352 -28.52 -12.91 19.66
N GLN A 353 -28.39 -11.66 20.11
CA GLN A 353 -29.51 -11.02 20.74
C GLN A 353 -30.60 -10.76 19.72
N LEU A 354 -30.23 -10.19 18.57
CA LEU A 354 -31.21 -9.86 17.55
C LEU A 354 -32.06 -11.07 17.17
N ASP A 355 -31.38 -12.15 16.87
CA ASP A 355 -32.02 -13.34 16.38
C ASP A 355 -32.70 -14.15 17.50
N MET A 356 -31.94 -14.53 18.52
CA MET A 356 -32.44 -15.43 19.56
C MET A 356 -33.48 -14.79 20.47
N GLU A 357 -33.32 -13.52 20.83
CA GLU A 357 -34.32 -12.88 21.67
C GLU A 357 -35.59 -12.54 20.86
N SER A 358 -35.45 -12.30 19.55
CA SER A 358 -36.64 -12.17 18.72
C SER A 358 -37.38 -13.48 18.55
N ASN A 359 -36.67 -14.54 18.17
CA ASN A 359 -37.33 -15.75 17.64
C ASN A 359 -37.28 -17.00 18.54
N GLY A 360 -36.68 -16.87 19.73
CA GLY A 360 -36.70 -17.97 20.70
C GLY A 360 -38.02 -17.97 21.47
N LYS A 361 -39.06 -18.44 20.79
CA LYS A 361 -40.45 -18.33 21.24
C LYS A 361 -41.13 -19.67 20.99
N SER A 362 -42.10 -20.00 21.84
CA SER A 362 -42.79 -21.30 21.78
C SER A 362 -44.29 -21.15 21.57
N VAL A 363 -44.75 -19.91 21.46
CA VAL A 363 -46.13 -19.65 21.14
C VAL A 363 -46.27 -18.71 19.94
N THR A 364 -47.36 -18.89 19.19
CA THR A 364 -47.67 -18.08 18.02
C THR A 364 -48.28 -16.74 18.47
N LEU A 365 -48.50 -15.85 17.52
CA LEU A 365 -49.14 -14.54 17.82
C LEU A 365 -50.44 -14.74 18.61
N ASP A 366 -51.21 -15.76 18.26
CA ASP A 366 -52.51 -16.00 18.88
C ASP A 366 -52.41 -16.81 20.19
N GLY A 367 -51.19 -17.05 20.68
CA GLY A 367 -51.00 -17.68 21.97
C GLY A 367 -51.08 -19.20 21.93
N LYS A 368 -51.04 -19.80 20.74
CA LYS A 368 -51.11 -21.26 20.58
C LYS A 368 -49.69 -21.85 20.48
N PRO A 369 -49.53 -23.14 20.85
CA PRO A 369 -48.18 -23.75 20.69
C PRO A 369 -47.73 -23.70 19.24
N VAL A 370 -46.46 -23.36 19.01
CA VAL A 370 -45.92 -23.30 17.66
C VAL A 370 -45.87 -24.70 17.02
N SER A 371 -45.91 -24.72 15.69
CA SER A 371 -46.01 -25.94 14.88
C SER A 371 -44.69 -26.67 14.63
N GLY A 372 -43.56 -26.00 14.79
CA GLY A 372 -42.26 -26.70 14.64
C GLY A 372 -41.15 -25.93 15.33
N PRO A 373 -39.88 -26.11 14.90
CA PRO A 373 -38.80 -25.36 15.57
C PRO A 373 -38.90 -23.88 15.26
N THR A 374 -38.50 -23.03 16.23
CA THR A 374 -38.42 -21.60 15.94
C THR A 374 -36.97 -21.20 15.88
N GLY A 375 -36.58 -20.09 16.51
CA GLY A 375 -35.25 -19.54 16.30
C GLY A 375 -34.15 -20.54 16.64
N PRO A 376 -33.08 -20.56 15.83
CA PRO A 376 -31.94 -21.39 16.13
C PRO A 376 -30.95 -20.73 17.09
N VAL A 377 -30.00 -21.50 17.59
CA VAL A 377 -28.87 -20.93 18.31
C VAL A 377 -27.99 -20.27 17.24
N VAL A 378 -27.60 -19.02 17.49
CA VAL A 378 -26.74 -18.27 16.62
C VAL A 378 -25.43 -18.08 17.36
N TRP A 379 -24.32 -18.33 16.69
CA TRP A 379 -23.03 -18.22 17.32
C TRP A 379 -21.98 -17.95 16.26
N GLY A 380 -20.79 -17.55 16.67
CA GLY A 380 -19.68 -17.37 15.77
C GLY A 380 -18.57 -16.52 16.37
N GLU A 381 -17.48 -16.48 15.61
CA GLU A 381 -16.36 -15.60 15.86
C GLU A 381 -15.88 -15.16 14.48
N PRO A 382 -15.08 -14.09 14.42
CA PRO A 382 -14.53 -13.70 13.12
C PRO A 382 -13.61 -14.74 12.49
N GLY A 383 -13.59 -14.78 11.17
CA GLY A 383 -12.53 -15.47 10.42
C GLY A 383 -11.34 -14.51 10.31
N THR A 384 -10.09 -15.00 10.28
CA THR A 384 -9.79 -16.44 10.26
C THR A 384 -9.78 -17.09 11.65
N ASN A 385 -9.84 -16.29 12.71
CA ASN A 385 -9.74 -16.79 14.10
C ASN A 385 -10.56 -18.07 14.32
N GLY A 386 -11.83 -18.04 13.92
CA GLY A 386 -12.72 -19.19 14.12
C GLY A 386 -12.25 -20.48 13.48
N GLN A 387 -11.57 -20.38 12.34
CA GLN A 387 -10.98 -21.55 11.67
C GLN A 387 -10.11 -22.37 12.59
N HIS A 388 -9.36 -21.65 13.43
CA HIS A 388 -8.37 -22.25 14.28
C HIS A 388 -8.93 -22.59 15.64
N ALA A 389 -10.23 -22.37 15.82
CA ALA A 389 -10.88 -22.63 17.06
C ALA A 389 -11.83 -23.81 16.89
N PHE A 390 -12.78 -23.70 15.96
CA PHE A 390 -13.87 -24.66 15.92
C PHE A 390 -14.25 -25.19 14.55
N PHE A 391 -13.57 -24.78 13.48
CA PHE A 391 -13.94 -25.30 12.16
C PHE A 391 -13.69 -26.81 12.01
N GLN A 392 -12.78 -27.36 12.81
CA GLN A 392 -12.70 -28.82 12.98
C GLN A 392 -14.06 -29.44 13.08
N LEU A 393 -14.86 -28.94 14.01
CA LEU A 393 -16.19 -29.49 14.25
C LEU A 393 -17.12 -29.19 13.08
N LEU A 394 -17.02 -28.00 12.51
CA LEU A 394 -17.90 -27.65 11.37
C LEU A 394 -17.66 -28.56 10.15
N HIS A 395 -16.42 -29.03 9.98
CA HIS A 395 -16.07 -29.92 8.89
C HIS A 395 -16.30 -31.41 9.18
N GLN A 396 -15.95 -31.86 10.40
CA GLN A 396 -15.91 -33.29 10.71
C GLN A 396 -16.74 -33.74 11.89
N GLY A 397 -17.50 -32.82 12.49
CA GLY A 397 -18.44 -33.15 13.56
C GLY A 397 -19.63 -33.93 13.03
N THR A 398 -20.38 -34.53 13.94
CA THR A 398 -21.49 -35.38 13.55
C THR A 398 -22.67 -34.56 13.03
N ASP A 399 -22.86 -33.35 13.53
CA ASP A 399 -23.96 -32.51 13.05
C ASP A 399 -23.51 -31.60 11.92
N THR A 400 -24.40 -31.35 10.96
CA THR A 400 -24.18 -30.28 9.99
C THR A 400 -24.67 -28.98 10.59
N ILE A 401 -23.84 -27.94 10.51
CA ILE A 401 -24.20 -26.61 10.97
C ILE A 401 -24.00 -25.65 9.78
N PRO A 402 -25.07 -25.00 9.33
CA PRO A 402 -24.92 -24.11 8.19
C PRO A 402 -24.08 -22.90 8.53
N LEU A 403 -23.29 -22.46 7.54
CA LEU A 403 -22.41 -21.30 7.66
C LEU A 403 -22.97 -20.06 6.95
N GLU A 404 -22.80 -18.89 7.57
CA GLU A 404 -23.07 -17.62 6.92
C GLU A 404 -21.79 -16.82 6.99
N PHE A 405 -21.12 -16.70 5.84
CA PHE A 405 -19.83 -16.00 5.72
C PHE A 405 -20.03 -14.56 5.29
N ILE A 406 -19.26 -13.66 5.85
CA ILE A 406 -19.29 -12.25 5.47
C ILE A 406 -17.86 -11.80 5.25
N VAL A 407 -17.59 -11.10 4.15
CA VAL A 407 -16.24 -10.60 3.84
C VAL A 407 -16.30 -9.35 2.93
N ALA A 408 -15.28 -8.50 3.04
CA ALA A 408 -15.11 -7.32 2.20
C ALA A 408 -14.12 -7.60 1.06
N ALA A 409 -14.32 -6.94 -0.06
CA ALA A 409 -13.42 -7.03 -1.19
C ALA A 409 -12.14 -6.22 -0.92
N LYS A 410 -12.22 -5.20 -0.06
CA LYS A 410 -11.09 -4.34 0.22
C LYS A 410 -10.99 -4.04 1.73
N GLY A 411 -9.77 -4.06 2.25
CA GLY A 411 -9.52 -3.67 3.62
C GLY A 411 -9.19 -2.18 3.70
N HIS A 412 -8.85 -1.71 4.91
CA HIS A 412 -8.52 -0.31 5.16
C HIS A 412 -7.03 -0.01 5.18
N GLU A 413 -6.20 -1.03 4.94
CA GLU A 413 -4.75 -0.91 5.00
C GLU A 413 -4.11 -1.31 3.67
N PRO A 414 -3.94 -0.35 2.73
CA PRO A 414 -3.33 -0.66 1.44
C PRO A 414 -2.00 -1.39 1.53
N THR A 415 -1.15 -1.05 2.50
CA THR A 415 0.15 -1.72 2.62
C THR A 415 0.04 -3.19 3.05
N LEU A 416 -1.12 -3.58 3.60
CA LEU A 416 -1.38 -4.95 4.03
C LEU A 416 -2.40 -5.66 3.13
N ASP A 417 -2.59 -5.19 1.90
CA ASP A 417 -3.59 -5.83 1.04
C ASP A 417 -3.24 -7.30 0.79
N HIS A 418 -1.96 -7.69 0.85
CA HIS A 418 -1.62 -9.13 0.71
C HIS A 418 -2.24 -9.95 1.86
N GLN A 419 -2.29 -9.37 3.07
CA GLN A 419 -3.04 -10.01 4.16
C GLN A 419 -4.52 -10.09 3.88
N HIS A 420 -5.05 -9.04 3.25
CA HIS A 420 -6.45 -9.06 2.87
C HIS A 420 -6.72 -10.16 1.81
N GLU A 421 -5.80 -10.34 0.88
CA GLU A 421 -5.92 -11.44 -0.07
C GLU A 421 -5.94 -12.80 0.62
N MET A 422 -5.07 -12.98 1.62
CA MET A 422 -5.09 -14.21 2.42
C MET A 422 -6.43 -14.38 3.14
N LEU A 423 -6.95 -13.29 3.70
CA LEU A 423 -8.23 -13.33 4.41
C LEU A 423 -9.35 -13.80 3.49
N MET A 424 -9.44 -13.20 2.30
CA MET A 424 -10.48 -13.57 1.30
C MET A 424 -10.30 -14.99 0.81
N ALA A 425 -9.06 -15.39 0.56
CA ALA A 425 -8.77 -16.76 0.12
C ALA A 425 -9.24 -17.79 1.15
N ASN A 426 -9.02 -17.50 2.43
CA ASN A 426 -9.49 -18.40 3.49
C ASN A 426 -11.00 -18.47 3.56
N CYS A 427 -11.67 -17.33 3.41
CA CYS A 427 -13.11 -17.30 3.43
C CYS A 427 -13.70 -18.17 2.33
N LEU A 428 -13.23 -17.99 1.10
CA LEU A 428 -13.72 -18.79 -0.03
C LEU A 428 -13.34 -20.28 0.09
N ALA A 429 -12.17 -20.56 0.62
CA ALA A 429 -11.70 -21.94 0.80
C ALA A 429 -12.58 -22.69 1.76
N GLN A 430 -13.03 -22.03 2.82
CA GLN A 430 -13.83 -22.74 3.83
C GLN A 430 -15.20 -23.17 3.27
N SER A 431 -15.87 -22.26 2.54
CA SER A 431 -17.15 -22.63 1.93
C SER A 431 -16.97 -23.69 0.85
N GLU A 432 -15.90 -23.56 0.06
CA GLU A 432 -15.55 -24.56 -0.94
C GLU A 432 -15.33 -25.94 -0.29
N ALA A 433 -14.55 -25.99 0.78
CA ALA A 433 -14.21 -27.21 1.49
C ALA A 433 -15.47 -27.82 2.08
N LEU A 434 -16.34 -27.00 2.69
CA LEU A 434 -17.60 -27.51 3.25
C LEU A 434 -18.47 -28.20 2.20
N MET A 435 -18.49 -27.64 1.00
CA MET A 435 -19.27 -28.19 -0.10
C MET A 435 -18.63 -29.45 -0.68
N LYS A 436 -17.34 -29.36 -1.00
CA LYS A 436 -16.66 -30.39 -1.77
C LYS A 436 -16.33 -31.63 -0.95
N GLY A 437 -15.85 -31.44 0.27
CA GLY A 437 -15.37 -32.56 1.09
C GLY A 437 -14.15 -33.24 0.48
N ARG A 438 -13.87 -34.45 0.96
CA ARG A 438 -12.76 -35.26 0.49
C ARG A 438 -13.11 -36.70 0.78
N THR A 439 -13.07 -37.54 -0.25
CA THR A 439 -13.44 -38.93 -0.09
C THR A 439 -12.28 -39.75 0.47
N LEU A 440 -12.58 -40.99 0.85
CA LEU A 440 -11.56 -41.89 1.35
C LEU A 440 -10.48 -42.12 0.31
N ASP A 441 -10.86 -42.40 -0.94
CA ASP A 441 -9.84 -42.62 -1.98
C ASP A 441 -8.99 -41.37 -2.23
N GLU A 442 -9.61 -40.19 -2.16
CA GLU A 442 -8.88 -38.95 -2.29
C GLU A 442 -7.90 -38.74 -1.12
N ALA A 443 -8.34 -39.04 0.10
CA ALA A 443 -7.45 -39.02 1.29
C ALA A 443 -6.29 -40.00 1.13
N ARG A 444 -6.60 -41.23 0.74
CA ARG A 444 -5.52 -42.19 0.45
C ARG A 444 -4.52 -41.69 -0.58
N ALA A 445 -5.00 -41.18 -1.71
CA ALA A 445 -4.10 -40.70 -2.77
C ALA A 445 -3.10 -39.63 -2.28
N GLN A 446 -3.56 -38.76 -1.37
CA GLN A 446 -2.68 -37.72 -0.82
C GLN A 446 -1.58 -38.34 0.01
N LEU A 447 -1.95 -39.34 0.79
CA LEU A 447 -0.97 -40.05 1.63
C LEU A 447 0.00 -40.88 0.78
N GLN A 448 -0.52 -41.55 -0.23
CA GLN A 448 0.30 -42.32 -1.18
C GLN A 448 1.31 -41.43 -1.93
N ALA A 449 0.91 -40.20 -2.25
CA ALA A 449 1.79 -39.21 -2.90
C ALA A 449 2.96 -38.78 -1.99
N LYS A 450 2.84 -38.98 -0.69
CA LYS A 450 3.91 -38.70 0.25
C LYS A 450 4.80 -39.93 0.48
N ASN A 451 4.53 -41.01 -0.27
CA ASN A 451 5.27 -42.26 -0.18
C ASN A 451 5.15 -42.96 1.18
N LEU A 452 4.04 -42.79 1.87
CA LEU A 452 3.88 -43.46 3.16
C LEU A 452 3.67 -44.97 2.92
N PRO A 453 4.09 -45.80 3.88
CA PRO A 453 3.77 -47.23 3.79
C PRO A 453 2.26 -47.47 3.65
N ALA A 454 1.89 -48.53 2.94
CA ALA A 454 0.48 -48.86 2.70
C ALA A 454 -0.31 -49.01 4.00
N SER A 455 0.33 -49.59 5.01
CA SER A 455 -0.33 -49.81 6.28
C SER A 455 -0.66 -48.48 6.95
N GLN A 456 0.25 -47.51 6.86
CA GLN A 456 0.00 -46.18 7.39
C GLN A 456 -1.10 -45.44 6.60
N VAL A 457 -1.07 -45.56 5.27
CA VAL A 457 -2.09 -44.97 4.40
C VAL A 457 -3.49 -45.44 4.85
N GLU A 458 -3.65 -46.74 5.02
CA GLU A 458 -4.94 -47.29 5.44
C GLU A 458 -5.32 -46.93 6.86
N ARG A 459 -4.32 -46.79 7.73
CA ARG A 459 -4.59 -46.41 9.11
C ARG A 459 -5.09 -44.96 9.18
N ILE A 460 -4.42 -44.08 8.45
CA ILE A 460 -4.65 -42.64 8.59
C ILE A 460 -5.82 -42.11 7.74
N ALA A 461 -5.99 -42.67 6.54
CA ALA A 461 -6.93 -42.10 5.55
C ALA A 461 -8.35 -41.81 6.06
N PRO A 462 -8.95 -42.74 6.85
CA PRO A 462 -10.33 -42.53 7.32
C PRO A 462 -10.49 -41.30 8.21
N HIS A 463 -9.42 -40.92 8.89
CA HIS A 463 -9.41 -39.71 9.73
C HIS A 463 -9.37 -38.40 8.92
N ARG A 464 -9.05 -38.51 7.64
CA ARG A 464 -8.86 -37.36 6.75
C ARG A 464 -10.01 -37.23 5.74
N VAL A 465 -11.09 -37.96 5.99
CA VAL A 465 -12.33 -37.89 5.18
C VAL A 465 -13.24 -36.76 5.67
N PHE A 466 -13.80 -36.04 4.69
CA PHE A 466 -14.72 -34.94 4.93
C PHE A 466 -15.97 -35.26 4.09
N SER A 467 -17.13 -35.33 4.75
CA SER A 467 -18.40 -35.67 4.10
C SER A 467 -18.73 -34.71 2.98
N GLY A 468 -18.44 -33.43 3.18
CA GLY A 468 -18.86 -32.42 2.20
C GLY A 468 -20.37 -32.27 2.21
N ASN A 469 -20.92 -31.60 1.21
CA ASN A 469 -22.34 -31.29 1.15
C ASN A 469 -22.86 -30.50 2.35
N ARG A 470 -21.98 -29.72 2.97
CA ARG A 470 -22.36 -28.96 4.13
C ARG A 470 -22.62 -27.54 3.62
N PRO A 471 -23.83 -27.02 3.89
CA PRO A 471 -24.23 -25.79 3.22
C PRO A 471 -23.64 -24.53 3.80
N SER A 472 -23.47 -23.54 2.92
CA SER A 472 -23.09 -22.20 3.31
C SER A 472 -23.68 -21.15 2.36
N LEU A 473 -23.75 -19.93 2.87
CA LEU A 473 -24.00 -18.77 2.03
C LEU A 473 -22.92 -17.75 2.31
N THR A 474 -22.65 -16.90 1.33
CA THR A 474 -21.60 -15.90 1.48
C THR A 474 -22.13 -14.54 1.08
N LEU A 475 -21.81 -13.56 1.93
CA LEU A 475 -22.16 -12.17 1.71
C LEU A 475 -20.85 -11.39 1.48
N ILE A 476 -20.78 -10.68 0.35
CA ILE A 476 -19.61 -9.83 0.05
C ILE A 476 -20.03 -8.37 -0.17
N HIS A 477 -19.33 -7.45 0.49
CA HIS A 477 -19.52 -6.02 0.28
C HIS A 477 -18.15 -5.41 -0.06
N ASP A 478 -18.13 -4.22 -0.63
CA ASP A 478 -16.86 -3.64 -1.10
C ASP A 478 -15.88 -3.35 0.03
N MET A 479 -16.38 -2.70 1.08
CA MET A 479 -15.55 -2.27 2.19
C MET A 479 -16.44 -2.04 3.40
N LEU A 480 -15.99 -2.41 4.60
CA LEU A 480 -16.76 -2.13 5.81
C LEU A 480 -16.59 -0.67 6.23
N ASP A 481 -17.53 0.13 5.79
CA ASP A 481 -17.64 1.53 6.15
C ASP A 481 -18.96 1.73 6.90
N PRO A 482 -19.24 2.96 7.38
CA PRO A 482 -20.48 3.09 8.15
C PRO A 482 -21.72 2.64 7.39
N TYR A 483 -21.85 3.09 6.15
CA TYR A 483 -23.03 2.72 5.34
C TYR A 483 -23.16 1.21 5.18
N THR A 484 -22.04 0.53 4.91
CA THR A 484 -22.07 -0.91 4.65
C THR A 484 -22.43 -1.67 5.90
N LEU A 485 -21.92 -1.21 7.05
CA LEU A 485 -22.29 -1.80 8.34
C LEU A 485 -23.80 -1.69 8.58
N GLY A 486 -24.34 -0.49 8.36
CA GLY A 486 -25.78 -0.21 8.53
C GLY A 486 -26.64 -1.10 7.66
N ARG A 487 -26.24 -1.23 6.41
CA ARG A 487 -26.90 -2.12 5.46
C ARG A 487 -26.86 -3.59 5.88
N LEU A 488 -25.72 -4.03 6.40
CA LEU A 488 -25.56 -5.40 6.87
C LEU A 488 -26.46 -5.70 8.09
N ILE A 489 -26.50 -4.78 9.06
CA ILE A 489 -27.31 -5.03 10.24
C ILE A 489 -28.79 -5.06 9.85
N ALA A 490 -29.21 -4.14 8.99
CA ALA A 490 -30.60 -4.09 8.55
C ALA A 490 -31.00 -5.38 7.81
N LEU A 491 -30.11 -5.91 6.98
CA LEU A 491 -30.30 -7.19 6.31
C LEU A 491 -30.66 -8.27 7.35
N TYR A 492 -29.90 -8.32 8.43
CA TYR A 492 -30.17 -9.32 9.47
C TYR A 492 -31.46 -9.01 10.28
N GLU A 493 -31.75 -7.73 10.53
CA GLU A 493 -33.04 -7.39 11.17
C GLU A 493 -34.17 -7.97 10.33
N HIS A 494 -34.08 -7.79 9.01
CA HIS A 494 -35.18 -8.20 8.18
C HIS A 494 -35.25 -9.68 7.91
N ARG A 495 -34.10 -10.39 7.85
CA ARG A 495 -34.17 -11.85 7.78
C ARG A 495 -34.83 -12.41 9.04
N VAL A 496 -34.54 -11.82 10.20
CA VAL A 496 -35.16 -12.26 11.45
C VAL A 496 -36.66 -12.01 11.36
N PHE A 497 -37.04 -10.84 10.85
CA PHE A 497 -38.45 -10.55 10.62
C PHE A 497 -39.12 -11.63 9.79
N VAL A 498 -38.52 -11.94 8.66
CA VAL A 498 -39.06 -12.90 7.68
C VAL A 498 -39.25 -14.28 8.31
N GLU A 499 -38.22 -14.79 8.98
CA GLU A 499 -38.32 -16.07 9.69
C GLU A 499 -39.44 -16.06 10.74
N ALA A 500 -39.56 -14.96 11.49
CA ALA A 500 -40.59 -14.88 12.52
C ALA A 500 -41.97 -15.03 11.92
N GLN A 501 -42.20 -14.41 10.77
CA GLN A 501 -43.51 -14.47 10.13
C GLN A 501 -43.83 -15.89 9.68
N ILE A 502 -42.82 -16.60 9.17
CA ILE A 502 -43.02 -18.00 8.80
C ILE A 502 -43.27 -18.88 10.04
N PHE A 503 -42.49 -18.66 11.11
CA PHE A 503 -42.71 -19.37 12.38
C PHE A 503 -44.10 -19.04 12.98
N GLY A 504 -44.63 -17.88 12.65
CA GLY A 504 -45.91 -17.41 13.17
C GLY A 504 -45.84 -16.78 14.55
N ILE A 505 -44.69 -16.22 14.91
CA ILE A 505 -44.42 -15.74 16.26
C ILE A 505 -44.28 -14.21 16.29
N ASN A 506 -44.24 -13.65 17.50
CA ASN A 506 -43.98 -12.23 17.66
C ASN A 506 -42.49 -12.03 17.83
N ALA A 507 -41.82 -11.53 16.80
CA ALA A 507 -40.41 -11.20 16.85
C ALA A 507 -40.02 -10.09 17.86
N PHE A 508 -41.01 -9.39 18.43
CA PHE A 508 -40.75 -8.06 19.02
C PHE A 508 -41.05 -7.96 20.53
N ASP A 509 -41.53 -9.04 21.12
CA ASP A 509 -41.67 -9.12 22.59
C ASP A 509 -40.53 -9.96 23.19
N GLN A 510 -40.47 -10.04 24.51
CA GLN A 510 -39.46 -10.83 25.21
C GLN A 510 -39.94 -11.16 26.61
N TRP A 511 -41.05 -11.89 26.65
CA TRP A 511 -41.63 -12.26 27.93
C TRP A 511 -40.72 -13.23 28.68
N GLY A 512 -39.83 -13.88 27.93
CA GLY A 512 -38.99 -14.92 28.50
C GLY A 512 -37.91 -14.46 29.46
N VAL A 513 -37.70 -13.14 29.57
CA VAL A 513 -36.73 -12.60 30.51
C VAL A 513 -37.33 -12.31 31.88
N GLU A 514 -38.65 -12.40 32.00
CA GLU A 514 -39.31 -11.96 33.23
C GLU A 514 -39.12 -12.88 34.44
N LEU A 515 -39.16 -14.20 34.23
CA LEU A 515 -39.11 -15.13 35.34
C LEU A 515 -37.78 -15.01 36.08
N GLY A 516 -36.69 -14.94 35.33
CA GLY A 516 -35.35 -14.78 35.91
C GLY A 516 -35.22 -13.52 36.75
N LYS A 517 -35.73 -12.41 36.23
CA LYS A 517 -35.74 -11.13 36.95
C LYS A 517 -36.54 -11.21 38.24
N GLU A 518 -37.74 -11.77 38.15
CA GLU A 518 -38.60 -11.96 39.30
C GLU A 518 -37.87 -12.75 40.40
N LEU A 519 -37.30 -13.91 40.05
CA LEU A 519 -36.66 -14.75 41.05
C LEU A 519 -35.36 -14.11 41.63
N ALA A 520 -34.64 -13.35 40.80
CA ALA A 520 -33.40 -12.70 41.25
C ALA A 520 -33.72 -11.62 42.28
N THR A 521 -34.84 -10.91 42.06
CA THR A 521 -35.28 -9.86 42.99
C THR A 521 -35.60 -10.46 44.37
N GLU A 522 -36.33 -11.58 44.36
CA GLU A 522 -36.65 -12.33 45.57
C GLU A 522 -35.41 -12.90 46.23
N LEU A 523 -34.48 -13.39 45.43
CA LEU A 523 -33.30 -14.10 45.97
C LEU A 523 -32.25 -13.19 46.57
N LEU A 524 -32.17 -11.95 46.13
CA LEU A 524 -31.14 -11.00 46.62
C LEU A 524 -31.05 -10.92 48.16
N PRO A 525 -32.17 -10.63 48.86
CA PRO A 525 -32.00 -10.58 50.32
C PRO A 525 -31.68 -11.95 50.98
N VAL A 526 -32.02 -13.05 50.32
CA VAL A 526 -31.70 -14.37 50.85
C VAL A 526 -30.20 -14.60 50.67
N VAL A 527 -29.69 -14.26 49.48
CA VAL A 527 -28.25 -14.37 49.22
C VAL A 527 -27.46 -13.45 50.16
N SER A 528 -27.91 -12.21 50.34
CA SER A 528 -27.22 -11.26 51.22
CA SER A 528 -27.22 -11.26 51.23
C SER A 528 -27.28 -11.69 52.70
N GLY A 529 -28.27 -12.50 53.07
CA GLY A 529 -28.47 -12.88 54.46
C GLY A 529 -29.38 -11.94 55.22
N LYS A 530 -29.97 -10.96 54.52
CA LYS A 530 -30.86 -9.99 55.17
C LYS A 530 -32.13 -10.69 55.66
N GLU A 531 -32.57 -11.70 54.92
CA GLU A 531 -33.65 -12.56 55.38
C GLU A 531 -33.24 -14.01 55.47
N GLY A 532 -33.93 -14.75 56.34
CA GLY A 532 -33.73 -16.18 56.47
C GLY A 532 -34.24 -16.87 55.22
N ALA A 533 -34.32 -18.19 55.32
CA ALA A 533 -34.76 -19.05 54.22
C ALA A 533 -36.28 -18.99 54.12
N SER A 534 -36.80 -19.29 52.93
CA SER A 534 -38.24 -19.39 52.75
C SER A 534 -38.63 -20.37 51.64
N GLY A 535 -38.18 -21.62 51.79
CA GLY A 535 -38.80 -22.76 51.12
C GLY A 535 -38.56 -22.93 49.62
N ARG A 536 -37.40 -22.49 49.13
CA ARG A 536 -37.04 -22.75 47.73
C ARG A 536 -36.56 -24.18 47.59
N ASP A 537 -36.31 -24.59 46.35
CA ASP A 537 -35.83 -25.96 46.07
C ASP A 537 -34.48 -26.23 46.73
N ALA A 538 -34.18 -27.50 46.97
CA ALA A 538 -33.00 -27.87 47.72
C ALA A 538 -31.70 -27.47 47.03
N SER A 539 -31.70 -27.33 45.72
CA SER A 539 -30.49 -26.92 45.02
C SER A 539 -30.24 -25.42 45.28
N THR A 540 -31.28 -24.61 45.05
CA THR A 540 -31.16 -23.17 45.35
C THR A 540 -30.74 -23.00 46.81
N GLN A 541 -31.37 -23.71 47.71
CA GLN A 541 -31.04 -23.61 49.11
C GLN A 541 -29.59 -24.01 49.34
N GLY A 542 -29.19 -25.12 48.76
CA GLY A 542 -27.83 -25.64 48.91
C GLY A 542 -26.75 -24.70 48.43
N LEU A 543 -27.01 -24.06 47.28
CA LEU A 543 -26.10 -23.07 46.71
C LEU A 543 -26.03 -21.81 47.60
N VAL A 544 -27.18 -21.33 48.07
CA VAL A 544 -27.23 -20.23 49.04
C VAL A 544 -26.43 -20.55 50.31
N ALA A 545 -26.63 -21.75 50.87
CA ALA A 545 -25.93 -22.15 52.10
C ALA A 545 -24.42 -22.20 51.87
N HIS A 546 -24.01 -22.71 50.71
CA HIS A 546 -22.59 -22.75 50.35
C HIS A 546 -22.05 -21.32 50.29
N LEU A 547 -22.75 -20.43 49.60
CA LEU A 547 -22.27 -19.05 49.51
C LEU A 547 -22.10 -18.42 50.89
N HIS A 548 -23.09 -18.59 51.75
CA HIS A 548 -23.02 -18.02 53.09
C HIS A 548 -21.82 -18.60 53.82
N ALA A 549 -21.58 -19.89 53.67
CA ALA A 549 -20.48 -20.55 54.38
C ALA A 549 -19.16 -19.99 53.92
N ARG A 550 -19.02 -19.79 52.61
CA ARG A 550 -17.73 -19.36 52.06
C ARG A 550 -17.50 -17.85 52.25
N ARG A 551 -18.58 -17.08 52.47
CA ARG A 551 -18.46 -15.63 52.69
C ARG A 551 -18.27 -15.25 54.17
N LYS A 552 -18.34 -16.25 55.05
CA LYS A 552 -17.65 -16.31 56.37
C LYS A 552 -18.52 -17.07 57.33
N ARG B 7 9.06 47.53 -38.26
CA ARG B 7 9.87 46.42 -38.84
C ARG B 7 10.10 46.69 -40.32
N ASP B 8 11.35 46.55 -40.75
CA ASP B 8 11.74 46.90 -42.10
C ASP B 8 12.25 45.62 -42.77
N ALA B 9 11.33 44.89 -43.40
CA ALA B 9 11.62 43.60 -44.04
C ALA B 9 12.75 43.65 -45.09
N THR B 10 12.80 44.73 -45.87
CA THR B 10 13.78 44.83 -46.93
C THR B 10 15.16 45.08 -46.32
N LYS B 11 15.24 45.99 -45.36
CA LYS B 11 16.47 46.21 -44.61
C LYS B 11 16.90 44.94 -43.86
N LEU B 12 15.95 44.24 -43.27
CA LEU B 12 16.28 43.03 -42.52
C LEU B 12 16.93 42.00 -43.45
N GLU B 13 16.31 41.72 -44.58
CA GLU B 13 16.88 40.79 -45.56
C GLU B 13 18.27 41.22 -46.07
N ALA B 14 18.42 42.50 -46.35
CA ALA B 14 19.70 43.03 -46.83
C ALA B 14 20.78 42.85 -45.77
N THR B 15 20.40 43.08 -44.52
CA THR B 15 21.31 42.93 -43.40
C THR B 15 21.71 41.47 -43.17
N VAL B 16 20.74 40.56 -43.25
CA VAL B 16 21.05 39.13 -43.15
C VAL B 16 22.01 38.75 -44.27
N ALA B 17 21.77 39.26 -45.47
CA ALA B 17 22.68 39.02 -46.60
C ALA B 17 24.09 39.55 -46.31
N LYS B 18 24.18 40.77 -45.82
CA LYS B 18 25.47 41.32 -45.37
C LYS B 18 26.11 40.46 -44.27
N LEU B 19 25.32 39.96 -43.32
CA LEU B 19 25.88 39.15 -42.23
C LEU B 19 26.47 37.85 -42.75
N LYS B 20 25.79 37.21 -43.72
CA LYS B 20 26.29 35.98 -44.32
C LYS B 20 27.61 36.22 -45.07
N LYS B 21 27.69 37.31 -45.82
CA LYS B 21 28.92 37.65 -46.55
C LYS B 21 30.05 37.91 -45.56
N HIS B 22 29.74 38.66 -44.51
CA HIS B 22 30.66 38.98 -43.42
C HIS B 22 31.20 37.71 -42.75
N TRP B 23 30.31 36.78 -42.41
CA TRP B 23 30.72 35.46 -41.89
C TRP B 23 31.68 34.76 -42.83
N ALA B 24 31.35 34.71 -44.12
CA ALA B 24 32.23 34.08 -45.11
C ALA B 24 33.57 34.81 -45.33
N GLU B 25 33.56 36.14 -45.30
CA GLU B 25 34.69 36.91 -45.82
C GLU B 25 35.54 37.63 -44.78
N SER B 26 34.93 38.06 -43.67
CA SER B 26 35.51 39.07 -42.79
C SER B 26 35.53 38.75 -41.30
N ALA B 27 34.62 37.91 -40.81
CA ALA B 27 34.59 37.58 -39.39
C ALA B 27 35.89 36.86 -39.05
N PRO B 28 36.36 36.99 -37.81
CA PRO B 28 37.67 36.45 -37.48
C PRO B 28 37.69 34.93 -37.66
N ARG B 29 38.78 34.43 -38.25
CA ARG B 29 38.98 33.01 -38.45
C ARG B 29 39.95 32.42 -37.42
N ASP B 30 40.95 33.21 -37.03
CA ASP B 30 42.02 32.77 -36.13
C ASP B 30 41.92 33.48 -34.80
N MET B 31 41.32 32.82 -33.82
CA MET B 31 40.99 33.48 -32.56
C MET B 31 42.21 33.75 -31.69
N ARG B 32 43.20 32.87 -31.74
CA ARG B 32 44.46 33.19 -31.05
C ARG B 32 45.05 34.49 -31.57
N ALA B 33 45.07 34.63 -32.90
CA ALA B 33 45.64 35.81 -33.55
C ALA B 33 44.82 37.06 -33.21
N ALA B 34 43.51 36.91 -33.17
CA ALA B 34 42.60 38.01 -32.77
C ALA B 34 42.90 38.47 -31.35
N PHE B 35 42.97 37.54 -30.40
CA PHE B 35 43.21 37.93 -29.03
C PHE B 35 44.61 38.55 -28.81
N SER B 36 45.63 38.02 -29.47
CA SER B 36 47.01 38.50 -29.31
C SER B 36 47.16 39.93 -29.78
N ALA B 37 46.57 40.22 -30.94
CA ALA B 37 46.64 41.53 -31.59
C ALA B 37 45.78 42.54 -30.87
N ASP B 38 44.65 42.08 -30.34
CA ASP B 38 43.54 42.95 -29.90
C ASP B 38 42.97 42.45 -28.58
N PRO B 39 43.76 42.52 -27.50
CA PRO B 39 43.26 42.09 -26.18
C PRO B 39 42.08 42.93 -25.67
N GLY B 40 41.89 44.12 -26.26
CA GLY B 40 40.71 44.95 -25.98
C GLY B 40 39.37 44.32 -26.36
N ARG B 41 39.38 43.25 -27.14
CA ARG B 41 38.14 42.61 -27.54
C ARG B 41 37.35 42.07 -26.34
N PHE B 42 38.03 41.76 -25.24
CA PHE B 42 37.31 41.27 -24.04
C PHE B 42 36.37 42.37 -23.53
N GLY B 43 36.91 43.57 -23.37
CA GLY B 43 36.12 44.72 -22.97
C GLY B 43 35.01 45.09 -23.93
N ARG B 44 35.32 45.05 -25.23
CA ARG B 44 34.34 45.44 -26.25
C ARG B 44 33.20 44.44 -26.33
N TYR B 45 33.50 43.16 -26.13
CA TYR B 45 32.46 42.14 -26.25
C TYR B 45 32.06 41.53 -24.89
N SER B 46 31.95 42.38 -23.88
CA SER B 46 31.41 41.96 -22.57
C SER B 46 30.57 43.09 -22.00
N LEU B 47 29.61 42.75 -21.14
CA LEU B 47 28.72 43.71 -20.49
C LEU B 47 28.42 43.20 -19.09
N CYS B 48 28.03 44.11 -18.21
CA CYS B 48 27.59 43.73 -16.87
C CYS B 48 26.21 44.28 -16.55
N LEU B 49 25.48 43.54 -15.72
CA LEU B 49 24.36 44.07 -14.95
C LEU B 49 24.68 43.75 -13.49
N ASP B 50 25.03 44.78 -12.72
CA ASP B 50 25.48 44.59 -11.34
C ASP B 50 26.62 43.56 -11.32
N ASP B 51 26.48 42.50 -10.51
CA ASP B 51 27.52 41.48 -10.43
C ASP B 51 27.55 40.52 -11.61
N LEU B 52 26.52 40.54 -12.47
CA LEU B 52 26.47 39.58 -13.60
C LEU B 52 27.34 40.05 -14.73
N LEU B 53 28.32 39.23 -15.11
CA LEU B 53 29.19 39.51 -16.26
C LEU B 53 28.80 38.58 -17.39
N PHE B 54 28.65 39.16 -18.59
CA PHE B 54 28.38 38.44 -19.83
C PHE B 54 29.50 38.74 -20.79
N ASP B 55 30.29 37.71 -21.08
CA ASP B 55 31.45 37.83 -21.95
C ASP B 55 31.28 36.98 -23.19
N TRP B 56 31.12 37.61 -24.35
CA TRP B 56 31.02 36.88 -25.63
C TRP B 56 32.26 37.06 -26.50
N SER B 57 33.35 37.50 -25.88
CA SER B 57 34.57 37.83 -26.63
C SER B 57 35.25 36.63 -27.29
N LYS B 58 34.96 35.42 -26.82
CA LYS B 58 35.48 34.23 -27.48
C LYS B 58 34.64 33.82 -28.68
N CYS B 59 33.54 34.53 -28.94
CA CYS B 59 32.77 34.33 -30.17
C CYS B 59 33.53 34.90 -31.38
N ARG B 60 33.25 34.38 -32.56
CA ARG B 60 33.96 34.73 -33.78
C ARG B 60 33.42 36.05 -34.36
N VAL B 61 33.54 37.13 -33.61
CA VAL B 61 32.97 38.42 -33.96
C VAL B 61 34.01 39.53 -33.86
N ASN B 62 33.79 40.60 -34.65
CA ASN B 62 34.60 41.82 -34.58
C ASN B 62 33.63 43.02 -34.58
N ASP B 63 34.17 44.22 -34.70
CA ASP B 63 33.31 45.43 -34.64
C ASP B 63 32.31 45.47 -35.78
N GLU B 64 32.70 44.97 -36.94
CA GLU B 64 31.79 44.95 -38.09
C GLU B 64 30.65 44.00 -37.82
N THR B 65 30.92 42.89 -37.13
CA THR B 65 29.87 41.93 -36.82
C THR B 65 28.84 42.60 -35.94
N MET B 66 29.30 43.25 -34.87
CA MET B 66 28.40 43.87 -33.91
C MET B 66 27.62 45.04 -34.50
N ALA B 67 28.22 45.80 -35.40
CA ALA B 67 27.49 46.86 -36.08
C ALA B 67 26.36 46.30 -36.97
N LEU B 68 26.66 45.23 -37.70
CA LEU B 68 25.64 44.56 -38.52
C LEU B 68 24.53 43.99 -37.64
N LEU B 69 24.91 43.44 -36.49
CA LEU B 69 23.92 42.85 -35.58
C LEU B 69 23.00 43.93 -34.98
N LYS B 70 23.55 45.11 -34.70
CA LYS B 70 22.74 46.22 -34.25
C LYS B 70 21.75 46.61 -35.36
N GLU B 71 22.23 46.68 -36.61
CA GLU B 71 21.37 47.05 -37.74
C GLU B 71 20.23 46.04 -37.82
N LEU B 72 20.57 44.77 -37.57
CA LEU B 72 19.58 43.69 -37.58
C LEU B 72 18.49 43.87 -36.51
N ALA B 73 18.93 44.14 -35.28
CA ALA B 73 18.02 44.38 -34.16
C ALA B 73 17.08 45.56 -34.41
N VAL B 74 17.61 46.62 -35.03
CA VAL B 74 16.80 47.79 -35.37
C VAL B 74 15.79 47.47 -36.48
N ALA B 75 16.24 46.81 -37.53
CA ALA B 75 15.37 46.44 -38.66
C ALA B 75 14.26 45.48 -38.25
N ALA B 76 14.58 44.62 -37.28
CA ALA B 76 13.66 43.64 -36.72
C ALA B 76 12.68 44.29 -35.74
N ASP B 77 12.92 45.55 -35.39
CA ASP B 77 12.16 46.25 -34.38
C ASP B 77 12.05 45.46 -33.07
N VAL B 78 13.19 44.96 -32.60
CA VAL B 78 13.26 44.31 -31.28
C VAL B 78 12.70 45.24 -30.19
N GLU B 79 13.07 46.52 -30.22
CA GLU B 79 12.68 47.44 -29.14
C GLU B 79 11.18 47.73 -29.09
N GLY B 80 10.57 47.92 -30.27
CA GLY B 80 9.12 48.16 -30.37
C GLY B 80 8.31 46.93 -29.96
N ARG B 81 8.77 45.74 -30.40
CA ARG B 81 8.10 44.50 -30.04
C ARG B 81 8.16 44.31 -28.52
N ARG B 82 9.33 44.58 -27.94
CA ARG B 82 9.51 44.52 -26.49
C ARG B 82 8.58 45.47 -25.76
N ALA B 83 8.51 46.72 -26.24
CA ALA B 83 7.60 47.70 -25.65
C ALA B 83 6.16 47.19 -25.68
N ALA B 84 5.76 46.58 -26.79
CA ALA B 84 4.39 46.07 -26.93
C ALA B 84 4.07 44.97 -25.89
N MET B 85 5.04 44.10 -25.68
CA MET B 85 4.93 43.09 -24.63
C MET B 85 4.69 43.71 -23.26
N PHE B 86 5.54 44.65 -22.87
CA PHE B 86 5.41 45.28 -21.55
C PHE B 86 4.11 46.06 -21.41
N ALA B 87 3.57 46.56 -22.52
CA ALA B 87 2.36 47.38 -22.53
C ALA B 87 1.10 46.55 -22.47
N GLY B 88 1.23 45.23 -22.53
CA GLY B 88 0.08 44.35 -22.47
C GLY B 88 -0.66 44.22 -23.80
N GLU B 89 0.00 44.55 -24.91
CA GLU B 89 -0.62 44.34 -26.21
C GLU B 89 -0.73 42.83 -26.47
N HIS B 90 -1.62 42.42 -27.35
CA HIS B 90 -1.90 41.00 -27.56
C HIS B 90 -0.87 40.46 -28.57
N ILE B 91 0.40 40.45 -28.19
CA ILE B 91 1.46 40.10 -29.13
C ILE B 91 1.50 38.62 -29.45
N ASN B 92 0.81 37.81 -28.64
CA ASN B 92 0.53 36.42 -29.00
C ASN B 92 -0.67 36.48 -29.93
N ASN B 93 -0.38 36.74 -31.19
CA ASN B 93 -1.42 37.09 -32.16
C ASN B 93 -2.29 35.91 -32.57
N THR B 94 -1.71 34.71 -32.64
CA THR B 94 -2.48 33.56 -33.11
C THR B 94 -3.49 33.07 -32.07
N GLU B 95 -3.24 33.35 -30.79
CA GLU B 95 -4.18 33.04 -29.71
C GLU B 95 -4.92 34.29 -29.20
N ASP B 96 -4.49 35.46 -29.70
CA ASP B 96 -5.02 36.75 -29.32
C ASP B 96 -4.95 36.91 -27.80
N ARG B 97 -3.74 36.86 -27.26
CA ARG B 97 -3.48 37.01 -25.82
C ARG B 97 -2.35 38.02 -25.58
N ALA B 98 -2.38 38.67 -24.42
CA ALA B 98 -1.24 39.41 -23.91
C ALA B 98 -0.19 38.41 -23.45
N VAL B 99 1.01 38.91 -23.26
CA VAL B 99 2.14 38.09 -22.82
C VAL B 99 2.78 38.84 -21.66
N LEU B 100 2.42 38.47 -20.45
CA LEU B 100 2.78 39.27 -19.29
C LEU B 100 3.33 38.47 -18.10
N HIS B 101 4.19 37.49 -18.37
CA HIS B 101 4.97 36.89 -17.29
C HIS B 101 5.76 37.98 -16.52
N VAL B 102 6.14 39.08 -17.17
CA VAL B 102 6.88 40.13 -16.47
C VAL B 102 6.03 40.74 -15.34
N ALA B 103 4.70 40.77 -15.52
CA ALA B 103 3.81 41.33 -14.48
C ALA B 103 3.80 40.47 -13.21
N LEU B 104 4.09 39.19 -13.37
CA LEU B 104 4.07 38.27 -12.23
C LEU B 104 5.11 38.62 -11.18
N ARG B 105 6.19 39.26 -11.61
CA ARG B 105 7.26 39.67 -10.73
C ARG B 105 7.44 41.18 -10.62
N ASP B 106 6.45 41.94 -11.09
CA ASP B 106 6.58 43.39 -11.19
C ASP B 106 6.20 44.06 -9.87
N THR B 107 7.21 44.48 -9.13
CA THR B 107 7.04 45.12 -7.83
C THR B 107 7.26 46.61 -7.93
N SER B 108 7.49 47.14 -9.13
CA SER B 108 7.75 48.58 -9.26
C SER B 108 6.62 49.40 -9.93
N SER B 109 5.94 48.84 -10.93
CA SER B 109 4.89 49.55 -11.64
C SER B 109 3.69 49.87 -10.75
N LYS B 110 3.03 51.01 -10.99
CA LYS B 110 1.78 51.34 -10.30
C LYS B 110 0.62 50.53 -10.86
N GLU B 111 0.65 50.26 -12.16
CA GLU B 111 -0.39 49.46 -12.81
C GLU B 111 0.18 48.77 -14.04
N VAL B 112 -0.41 47.64 -14.39
CA VAL B 112 -0.17 46.95 -15.66
C VAL B 112 -1.53 46.56 -16.18
N LEU B 113 -1.90 47.08 -17.35
CA LEU B 113 -3.25 46.92 -17.85
C LEU B 113 -3.34 45.80 -18.89
N VAL B 114 -4.33 44.94 -18.71
CA VAL B 114 -4.75 44.02 -19.75
C VAL B 114 -6.23 44.23 -19.96
N ASP B 115 -6.57 44.66 -21.18
CA ASP B 115 -7.98 44.86 -21.55
C ASP B 115 -8.73 45.73 -20.53
N GLY B 116 -8.07 46.81 -20.12
CA GLY B 116 -8.68 47.79 -19.25
C GLY B 116 -8.56 47.54 -17.76
N HIS B 117 -7.97 46.40 -17.36
CA HIS B 117 -7.91 45.96 -15.96
C HIS B 117 -6.47 45.93 -15.47
N ASN B 118 -6.22 46.55 -14.32
CA ASN B 118 -4.92 46.53 -13.68
C ASN B 118 -4.75 45.15 -13.04
N VAL B 119 -3.79 44.39 -13.54
CA VAL B 119 -3.61 43.00 -13.09
C VAL B 119 -2.76 42.84 -11.83
N LEU B 120 -2.06 43.90 -11.45
CA LEU B 120 -1.10 43.78 -10.34
C LEU B 120 -1.72 43.38 -8.99
N PRO B 121 -2.88 43.95 -8.62
CA PRO B 121 -3.45 43.51 -7.34
C PRO B 121 -3.81 42.03 -7.29
N ASP B 122 -4.35 41.51 -8.39
CA ASP B 122 -4.67 40.07 -8.50
C ASP B 122 -3.39 39.21 -8.34
N VAL B 123 -2.32 39.61 -9.03
CA VAL B 123 -1.04 38.93 -8.94
C VAL B 123 -0.57 38.86 -7.47
N LYS B 124 -0.56 40.01 -6.81
CA LYS B 124 -0.07 40.10 -5.45
C LYS B 124 -0.96 39.32 -4.49
N HIS B 125 -2.27 39.35 -4.71
CA HIS B 125 -3.20 38.63 -3.83
C HIS B 125 -2.96 37.09 -3.85
N VAL B 126 -2.70 36.55 -5.05
CA VAL B 126 -2.39 35.14 -5.16
C VAL B 126 -1.10 34.85 -4.40
N LEU B 127 -0.10 35.72 -4.55
CA LEU B 127 1.17 35.51 -3.88
C LEU B 127 1.02 35.54 -2.36
N ASP B 128 0.20 36.46 -1.87
CA ASP B 128 -0.15 36.51 -0.44
C ASP B 128 -0.76 35.20 0.06
N ARG B 129 -1.76 34.71 -0.65
CA ARG B 129 -2.43 33.49 -0.23
C ARG B 129 -1.49 32.29 -0.29
N MET B 130 -0.67 32.22 -1.34
CA MET B 130 0.35 31.18 -1.44
C MET B 130 1.30 31.21 -0.24
N ALA B 131 1.75 32.41 0.12
CA ALA B 131 2.67 32.59 1.24
C ALA B 131 2.06 32.03 2.52
N ALA B 132 0.81 32.39 2.81
CA ALA B 132 0.17 31.94 4.04
C ALA B 132 0.13 30.40 4.09
N PHE B 133 -0.25 29.79 2.95
CA PHE B 133 -0.34 28.35 2.84
C PHE B 133 1.03 27.69 2.97
N ALA B 134 2.02 28.19 2.22
CA ALA B 134 3.37 27.66 2.26
C ALA B 134 3.95 27.71 3.67
N ASP B 135 3.81 28.87 4.32
CA ASP B 135 4.29 29.07 5.69
C ASP B 135 3.65 28.03 6.65
N GLY B 136 2.36 27.77 6.46
CA GLY B 136 1.63 26.85 7.34
C GLY B 136 2.05 25.41 7.16
N ILE B 137 2.30 25.02 5.91
CA ILE B 137 2.81 23.68 5.62
C ILE B 137 4.20 23.53 6.21
N ARG B 138 5.02 24.56 6.01
CA ARG B 138 6.42 24.55 6.48
C ARG B 138 6.51 24.50 8.01
N SER B 139 5.66 25.24 8.71
CA SER B 139 5.73 25.35 10.17
C SER B 139 5.05 24.18 10.91
N GLY B 140 4.17 23.46 10.22
CA GLY B 140 3.32 22.48 10.86
C GLY B 140 2.03 23.03 11.44
N ALA B 141 1.75 24.32 11.20
CA ALA B 141 0.44 24.89 11.55
C ALA B 141 -0.68 24.17 10.77
N LEU B 142 -0.38 23.82 9.52
CA LEU B 142 -1.25 23.03 8.69
C LEU B 142 -0.79 21.58 8.68
N LYS B 143 -1.62 20.70 9.23
CA LYS B 143 -1.25 19.29 9.39
C LYS B 143 -2.06 18.40 8.46
N GLY B 144 -1.59 17.15 8.31
CA GLY B 144 -2.36 16.12 7.64
C GLY B 144 -3.61 15.75 8.41
N ALA B 145 -4.42 14.89 7.81
CA ALA B 145 -5.73 14.51 8.34
C ALA B 145 -5.68 13.81 9.71
N THR B 146 -4.54 13.20 10.03
CA THR B 146 -4.32 12.58 11.34
C THR B 146 -3.36 13.38 12.24
N GLY B 147 -3.13 14.64 11.91
CA GLY B 147 -2.40 15.55 12.78
C GLY B 147 -0.89 15.57 12.59
N ARG B 148 -0.39 14.96 11.51
CA ARG B 148 1.04 14.94 11.25
C ARG B 148 1.55 16.16 10.49
N LYS B 149 2.74 16.65 10.86
CA LYS B 149 3.43 17.68 10.09
C LYS B 149 3.75 17.10 8.70
N ILE B 150 3.51 17.89 7.65
CA ILE B 150 3.79 17.47 6.28
C ILE B 150 5.30 17.39 6.04
N THR B 151 5.77 16.22 5.62
CA THR B 151 7.20 15.98 5.42
C THR B 151 7.56 15.92 3.95
N ASP B 152 6.56 15.78 3.09
CA ASP B 152 6.79 15.55 1.66
C ASP B 152 5.69 16.19 0.86
N ILE B 153 6.04 16.92 -0.20
CA ILE B 153 5.05 17.39 -1.16
C ILE B 153 5.32 16.73 -2.52
N VAL B 154 4.26 16.49 -3.28
CA VAL B 154 4.37 15.88 -4.60
C VAL B 154 3.62 16.76 -5.54
N ASN B 155 4.34 17.45 -6.43
CA ASN B 155 3.72 18.23 -7.49
C ASN B 155 3.38 17.31 -8.66
N ILE B 156 2.20 17.48 -9.23
CA ILE B 156 1.76 16.72 -10.41
C ILE B 156 1.39 17.74 -11.48
N GLY B 157 2.10 17.69 -12.59
CA GLY B 157 1.88 18.62 -13.70
C GLY B 157 2.66 18.14 -14.93
N ILE B 158 2.36 18.70 -16.09
CA ILE B 158 3.17 18.43 -17.32
C ILE B 158 3.76 19.71 -17.86
N GLY B 159 4.82 19.57 -18.64
CA GLY B 159 5.41 20.71 -19.32
C GLY B 159 5.76 21.83 -18.35
N GLY B 160 5.19 23.00 -18.61
CA GLY B 160 5.50 24.21 -17.87
C GLY B 160 5.05 24.13 -16.43
N SER B 161 4.14 23.19 -16.13
CA SER B 161 3.65 22.97 -14.77
C SER B 161 4.57 22.05 -13.97
N ASP B 162 5.67 21.60 -14.60
CA ASP B 162 6.65 20.69 -13.99
C ASP B 162 8.09 21.17 -14.11
N LEU B 163 8.54 21.53 -15.32
CA LEU B 163 9.98 21.76 -15.55
C LEU B 163 10.53 22.91 -14.70
N GLY B 164 9.75 23.99 -14.56
CA GLY B 164 10.18 25.13 -13.73
C GLY B 164 10.24 24.76 -12.27
N PRO B 165 9.15 24.20 -11.73
CA PRO B 165 9.17 23.79 -10.33
C PRO B 165 10.36 22.85 -10.05
N VAL B 166 10.61 21.88 -10.91
CA VAL B 166 11.74 20.97 -10.71
C VAL B 166 13.05 21.76 -10.71
N MET B 167 13.27 22.55 -11.76
CA MET B 167 14.55 23.25 -11.93
C MET B 167 14.84 24.17 -10.76
N ALA B 168 13.84 24.98 -10.39
CA ALA B 168 14.03 25.98 -9.36
C ALA B 168 14.20 25.35 -7.99
N THR B 169 13.44 24.30 -7.70
CA THR B 169 13.56 23.63 -6.39
C THR B 169 14.97 23.03 -6.20
N LEU B 170 15.45 22.28 -7.20
CA LEU B 170 16.81 21.74 -7.14
C LEU B 170 17.86 22.85 -7.08
N ALA B 171 17.66 23.91 -7.87
CA ALA B 171 18.59 25.03 -7.93
C ALA B 171 18.81 25.67 -6.56
N LEU B 172 17.76 25.67 -5.76
CA LEU B 172 17.75 26.41 -4.50
C LEU B 172 17.83 25.51 -3.28
N ALA B 173 18.47 24.35 -3.44
CA ALA B 173 18.65 23.40 -2.34
C ALA B 173 19.16 23.99 -1.01
N PRO B 174 20.13 24.93 -1.05
CA PRO B 174 20.60 25.48 0.23
C PRO B 174 19.56 26.28 0.98
N TYR B 175 18.47 26.63 0.28
CA TYR B 175 17.38 27.46 0.79
C TYR B 175 16.13 26.60 1.09
N HIS B 176 16.28 25.29 0.98
CA HIS B 176 15.19 24.33 1.03
C HIS B 176 15.30 23.46 2.27
N ASP B 177 14.43 23.73 3.23
CA ASP B 177 14.33 22.96 4.46
C ASP B 177 13.13 21.99 4.34
N GLU B 178 12.34 21.84 5.39
CA GLU B 178 11.17 20.95 5.31
C GLU B 178 10.01 21.71 4.69
N PRO B 179 9.17 21.03 3.89
CA PRO B 179 9.20 19.62 3.56
C PRO B 179 10.05 19.29 2.30
N ARG B 180 10.34 18.01 2.13
CA ARG B 180 10.94 17.52 0.88
C ARG B 180 9.94 17.72 -0.25
N ALA B 181 10.45 17.88 -1.48
CA ALA B 181 9.59 18.07 -2.64
C ALA B 181 9.90 17.04 -3.72
N HIS B 182 8.84 16.52 -4.33
CA HIS B 182 8.91 15.53 -5.39
C HIS B 182 8.03 16.00 -6.53
N PHE B 183 8.38 15.57 -7.75
CA PHE B 183 7.75 16.04 -8.99
C PHE B 183 7.40 14.89 -9.93
N VAL B 184 6.10 14.75 -10.17
CA VAL B 184 5.56 13.77 -11.12
C VAL B 184 4.99 14.45 -12.36
N SER B 185 5.29 13.87 -13.52
CA SER B 185 4.84 14.44 -14.78
C SER B 185 4.48 13.41 -15.85
N ASN B 186 5.23 12.32 -15.93
CA ASN B 186 5.02 11.33 -16.97
C ASN B 186 3.68 10.64 -16.79
N ILE B 187 2.97 10.33 -17.87
CA ILE B 187 1.75 9.52 -17.74
C ILE B 187 2.12 8.08 -17.39
N ASP B 188 3.33 7.66 -17.75
CA ASP B 188 3.87 6.36 -17.37
C ASP B 188 3.63 6.14 -15.88
N GLY B 189 2.85 5.12 -15.54
CA GLY B 189 2.50 4.83 -14.14
C GLY B 189 3.70 4.65 -13.22
N ALA B 190 4.86 4.29 -13.79
CA ALA B 190 6.12 4.24 -13.06
C ALA B 190 6.37 5.51 -12.25
N HIS B 191 6.00 6.66 -12.82
CA HIS B 191 6.36 7.92 -12.19
C HIS B 191 5.61 8.15 -10.87
N ILE B 192 4.29 8.12 -10.93
CA ILE B 192 3.49 8.26 -9.72
C ILE B 192 3.76 7.13 -8.71
N ALA B 193 3.88 5.91 -9.20
CA ALA B 193 4.05 4.74 -8.34
C ALA B 193 5.37 4.77 -7.59
N ASP B 194 6.46 5.02 -8.31
CA ASP B 194 7.79 5.08 -7.70
C ASP B 194 7.91 6.25 -6.76
N THR B 195 7.29 7.37 -7.11
CA THR B 195 7.32 8.59 -6.26
C THR B 195 6.54 8.39 -4.97
N LEU B 196 5.34 7.78 -5.05
CA LEU B 196 4.53 7.59 -3.84
C LEU B 196 5.00 6.43 -2.96
N SER B 197 5.65 5.43 -3.57
CA SER B 197 6.06 4.20 -2.88
C SER B 197 6.75 4.44 -1.51
N PRO B 198 7.76 5.31 -1.43
CA PRO B 198 8.41 5.46 -0.12
C PRO B 198 7.72 6.47 0.83
N LEU B 199 6.61 7.06 0.41
CA LEU B 199 5.97 8.13 1.19
C LEU B 199 4.79 7.61 1.98
N ASP B 200 4.40 8.38 3.01
CA ASP B 200 3.26 8.06 3.86
C ASP B 200 2.18 9.06 3.57
N PRO B 201 0.98 8.59 3.18
CA PRO B 201 -0.11 9.53 2.96
C PRO B 201 -0.28 10.53 4.09
N ALA B 202 -0.15 10.06 5.34
CA ALA B 202 -0.42 10.90 6.51
C ALA B 202 0.45 12.18 6.57
N SER B 203 1.64 12.12 5.99
CA SER B 203 2.58 13.25 6.00
C SER B 203 2.89 13.82 4.62
N THR B 204 2.02 13.58 3.64
CA THR B 204 2.27 14.01 2.26
C THR B 204 1.16 14.91 1.74
N LEU B 205 1.58 16.00 1.10
CA LEU B 205 0.70 16.92 0.38
C LEU B 205 0.89 16.74 -1.12
N ILE B 206 -0.23 16.57 -1.83
CA ILE B 206 -0.23 16.50 -3.28
C ILE B 206 -0.70 17.84 -3.84
N ILE B 207 0.04 18.37 -4.81
CA ILE B 207 -0.32 19.60 -5.50
C ILE B 207 -0.61 19.25 -6.96
N VAL B 208 -1.82 19.57 -7.42
CA VAL B 208 -2.21 19.30 -8.78
C VAL B 208 -2.19 20.59 -9.55
N ALA B 209 -1.29 20.66 -10.52
CA ALA B 209 -1.08 21.87 -11.32
C ALA B 209 -1.70 21.70 -12.70
N SER B 210 -2.87 22.31 -12.90
CA SER B 210 -3.57 22.29 -14.19
C SER B 210 -4.57 23.44 -14.23
N LYS B 211 -4.33 24.42 -15.09
CA LYS B 211 -5.21 25.57 -15.16
C LYS B 211 -6.67 25.18 -15.36
N THR B 212 -6.94 24.27 -16.30
CA THR B 212 -8.32 23.79 -16.59
C THR B 212 -8.84 22.70 -15.65
N PHE B 213 -7.90 22.03 -15.00
CA PHE B 213 -8.20 20.82 -14.24
C PHE B 213 -8.85 19.73 -15.10
N THR B 214 -8.52 19.74 -16.40
CA THR B 214 -8.90 18.65 -17.31
C THR B 214 -7.72 18.08 -18.10
N THR B 215 -6.53 18.62 -17.91
CA THR B 215 -5.33 18.12 -18.58
C THR B 215 -5.22 16.62 -18.39
N ILE B 216 -5.32 15.86 -19.46
CA ILE B 216 -5.59 14.43 -19.31
C ILE B 216 -4.51 13.67 -18.55
N GLU B 217 -3.23 13.91 -18.86
CA GLU B 217 -2.14 13.20 -18.17
C GLU B 217 -2.09 13.61 -16.71
N THR B 218 -2.09 14.92 -16.46
CA THR B 218 -2.07 15.42 -15.10
C THR B 218 -3.22 14.89 -14.26
N MET B 219 -4.44 14.97 -14.79
CA MET B 219 -5.59 14.58 -13.97
C MET B 219 -5.66 13.04 -13.79
N THR B 220 -5.11 12.27 -14.72
CA THR B 220 -5.05 10.83 -14.53
C THR B 220 -4.10 10.51 -13.38
N ASN B 221 -2.92 11.13 -13.38
CA ASN B 221 -2.01 11.04 -12.24
C ASN B 221 -2.62 11.56 -10.95
N ALA B 222 -3.33 12.68 -11.04
CA ALA B 222 -4.01 13.24 -9.84
C ALA B 222 -5.02 12.26 -9.24
N GLN B 223 -5.82 11.60 -10.07
CA GLN B 223 -6.81 10.65 -9.56
C GLN B 223 -6.12 9.43 -8.91
N THR B 224 -4.98 9.03 -9.47
CA THR B 224 -4.19 7.95 -8.87
C THR B 224 -3.67 8.39 -7.52
N ALA B 225 -3.15 9.60 -7.44
CA ALA B 225 -2.70 10.14 -6.15
C ALA B 225 -3.87 10.27 -5.15
N ARG B 226 -5.03 10.66 -5.64
CA ARG B 226 -6.21 10.82 -4.80
C ARG B 226 -6.61 9.48 -4.18
N LYS B 227 -6.60 8.42 -4.97
CA LYS B 227 -6.90 7.09 -4.45
C LYS B 227 -5.83 6.66 -3.43
N TRP B 228 -4.57 7.02 -3.65
CA TRP B 228 -3.51 6.65 -2.72
C TRP B 228 -3.76 7.32 -1.36
N VAL B 229 -4.30 8.55 -1.38
CA VAL B 229 -4.59 9.26 -0.12
C VAL B 229 -5.83 8.62 0.52
N ALA B 230 -6.92 8.59 -0.24
CA ALA B 230 -8.22 8.13 0.28
C ALA B 230 -8.23 6.66 0.73
N ASP B 231 -7.52 5.79 0.03
CA ASP B 231 -7.49 4.37 0.36
C ASP B 231 -6.83 4.13 1.73
N THR B 232 -5.96 5.06 2.14
CA THR B 232 -5.32 4.96 3.46
C THR B 232 -6.05 5.76 4.52
N LEU B 233 -6.38 7.01 4.19
CA LEU B 233 -6.88 7.98 5.19
C LEU B 233 -8.37 8.22 5.13
N GLY B 234 -9.02 7.72 4.07
CA GLY B 234 -10.46 7.91 3.90
C GLY B 234 -10.78 9.12 3.03
N GLU B 235 -12.00 9.12 2.51
CA GLU B 235 -12.45 10.14 1.60
C GLU B 235 -12.37 11.56 2.20
N ALA B 236 -12.75 11.70 3.47
CA ALA B 236 -12.81 12.99 4.13
C ALA B 236 -11.43 13.61 4.28
N ALA B 237 -10.39 12.79 4.24
CA ALA B 237 -9.02 13.27 4.38
C ALA B 237 -8.46 14.01 3.14
N VAL B 238 -9.09 13.84 1.98
CA VAL B 238 -8.58 14.36 0.73
C VAL B 238 -8.28 15.84 0.81
N GLY B 239 -9.20 16.59 1.38
CA GLY B 239 -9.04 18.05 1.54
C GLY B 239 -7.84 18.54 2.35
N ALA B 240 -7.33 17.69 3.25
CA ALA B 240 -6.17 18.05 4.06
C ALA B 240 -4.86 17.66 3.37
N HIS B 241 -4.97 16.90 2.27
CA HIS B 241 -3.79 16.38 1.59
C HIS B 241 -3.61 16.84 0.16
N PHE B 242 -4.41 17.81 -0.27
CA PHE B 242 -4.32 18.34 -1.63
C PHE B 242 -4.31 19.86 -1.65
N ALA B 243 -3.62 20.40 -2.65
CA ALA B 243 -3.81 21.77 -3.07
C ALA B 243 -3.87 21.76 -4.61
N ALA B 244 -4.42 22.83 -5.19
CA ALA B 244 -4.55 22.92 -6.62
C ALA B 244 -4.00 24.24 -7.14
N VAL B 245 -3.28 24.19 -8.25
CA VAL B 245 -2.95 25.39 -9.01
C VAL B 245 -3.83 25.33 -10.27
N SER B 246 -4.92 26.08 -10.23
CA SER B 246 -5.98 25.95 -11.21
C SER B 246 -6.87 27.19 -11.13
N THR B 247 -7.64 27.42 -12.20
CA THR B 247 -8.73 28.39 -12.17
C THR B 247 -10.11 27.76 -12.37
N ALA B 248 -10.18 26.42 -12.37
CA ALA B 248 -11.42 25.69 -12.61
C ALA B 248 -12.08 25.35 -11.28
N LEU B 249 -12.75 26.34 -10.71
CA LEU B 249 -13.20 26.27 -9.33
C LEU B 249 -14.25 25.17 -9.15
N ASP B 250 -15.03 24.95 -10.19
CA ASP B 250 -16.04 23.88 -10.20
C ASP B 250 -15.38 22.50 -10.10
N LYS B 251 -14.35 22.31 -10.91
CA LYS B 251 -13.66 21.03 -11.01
C LYS B 251 -12.85 20.71 -9.76
N VAL B 252 -12.17 21.72 -9.21
CA VAL B 252 -11.41 21.52 -7.98
C VAL B 252 -12.33 21.17 -6.81
N ALA B 253 -13.49 21.84 -6.70
CA ALA B 253 -14.47 21.50 -5.70
C ALA B 253 -14.95 20.06 -5.84
N ALA B 254 -15.25 19.65 -7.06
CA ALA B 254 -15.70 18.29 -7.30
C ALA B 254 -14.66 17.25 -6.89
N PHE B 255 -13.37 17.59 -7.07
CA PHE B 255 -12.26 16.74 -6.68
C PHE B 255 -12.19 16.63 -5.14
N GLY B 256 -12.71 17.64 -4.45
CA GLY B 256 -12.70 17.70 -2.98
C GLY B 256 -11.60 18.57 -2.39
N ILE B 257 -11.11 19.54 -3.17
CA ILE B 257 -10.07 20.43 -2.69
C ILE B 257 -10.73 21.72 -2.24
N PRO B 258 -10.52 22.13 -0.99
CA PRO B 258 -11.19 23.35 -0.54
C PRO B 258 -10.68 24.57 -1.30
N GLU B 259 -11.57 25.52 -1.50
CA GLU B 259 -11.25 26.70 -2.30
C GLU B 259 -10.05 27.47 -1.77
N ASP B 260 -9.87 27.53 -0.44
CA ASP B 260 -8.74 28.26 0.10
C ASP B 260 -7.39 27.57 -0.16
N ARG B 261 -7.41 26.38 -0.74
CA ARG B 261 -6.18 25.73 -1.18
C ARG B 261 -6.04 25.64 -2.69
N VAL B 262 -6.73 26.56 -3.40
CA VAL B 262 -6.66 26.66 -4.86
C VAL B 262 -6.09 28.03 -5.21
N PHE B 263 -5.06 28.03 -6.05
CA PHE B 263 -4.32 29.22 -6.40
C PHE B 263 -4.30 29.39 -7.92
N GLY B 264 -4.74 30.55 -8.39
CA GLY B 264 -4.99 30.78 -9.81
C GLY B 264 -3.90 31.55 -10.53
N PHE B 265 -4.00 31.57 -11.85
CA PHE B 265 -3.18 32.40 -12.69
C PHE B 265 -3.99 32.72 -13.96
N TRP B 266 -3.37 33.40 -14.93
CA TRP B 266 -4.09 34.07 -16.03
C TRP B 266 -3.63 33.59 -17.41
N ASP B 267 -4.46 33.87 -18.43
CA ASP B 267 -4.21 33.35 -19.80
C ASP B 267 -2.98 33.99 -20.44
N TRP B 268 -2.57 35.15 -19.91
CA TRP B 268 -1.36 35.85 -20.37
C TRP B 268 -0.06 35.32 -19.77
N VAL B 269 -0.16 34.26 -18.97
CA VAL B 269 0.98 33.51 -18.47
C VAL B 269 1.10 32.23 -19.27
N GLY B 270 2.10 32.14 -20.13
CA GLY B 270 2.33 30.90 -20.88
C GLY B 270 2.92 29.86 -19.92
N GLY B 271 2.59 28.60 -20.13
CA GLY B 271 3.12 27.51 -19.28
C GLY B 271 4.62 27.56 -19.11
N ARG B 272 5.34 27.73 -20.22
CA ARG B 272 6.80 27.73 -20.17
C ARG B 272 7.40 29.04 -19.61
N TYR B 273 6.52 29.95 -19.20
CA TYR B 273 6.86 31.19 -18.51
C TYR B 273 6.10 31.32 -17.18
N SER B 274 5.70 30.19 -16.59
CA SER B 274 4.75 30.22 -15.47
C SER B 274 5.33 29.97 -14.06
N VAL B 275 6.61 29.68 -13.96
CA VAL B 275 7.18 29.33 -12.67
C VAL B 275 7.06 30.47 -11.64
N TRP B 276 6.88 31.68 -12.15
CA TRP B 276 6.78 32.91 -11.35
C TRP B 276 5.41 33.09 -10.72
N SER B 277 4.44 32.34 -11.24
CA SER B 277 3.04 32.43 -10.84
C SER B 277 2.76 31.38 -9.74
N ALA B 278 1.48 31.14 -9.46
CA ALA B 278 1.02 30.05 -8.58
C ALA B 278 1.59 28.69 -8.92
N ILE B 279 1.96 28.48 -10.17
CA ILE B 279 2.65 27.25 -10.60
C ILE B 279 3.92 27.04 -9.78
N GLY B 280 4.53 28.14 -9.35
CA GLY B 280 5.65 28.07 -8.41
C GLY B 280 5.39 27.66 -6.98
N LEU B 281 4.13 27.35 -6.65
CA LEU B 281 3.79 26.99 -5.28
C LEU B 281 4.73 25.93 -4.65
N PRO B 282 5.08 24.87 -5.39
CA PRO B 282 5.97 23.90 -4.74
C PRO B 282 7.34 24.49 -4.42
N VAL B 283 7.80 25.42 -5.27
CA VAL B 283 9.07 26.12 -5.02
C VAL B 283 8.95 26.97 -3.75
N MET B 284 7.83 27.65 -3.61
CA MET B 284 7.57 28.49 -2.45
C MET B 284 7.49 27.65 -1.18
N ILE B 285 6.91 26.45 -1.25
CA ILE B 285 6.85 25.60 -0.09
C ILE B 285 8.26 25.12 0.27
N ALA B 286 9.06 24.81 -0.74
CA ALA B 286 10.42 24.35 -0.50
C ALA B 286 11.31 25.40 0.14
N VAL B 287 11.27 26.61 -0.39
CA VAL B 287 12.20 27.69 0.01
C VAL B 287 11.60 28.81 0.83
N GLY B 288 10.28 28.85 0.95
CA GLY B 288 9.60 29.86 1.73
C GLY B 288 9.26 31.08 0.90
N PRO B 289 8.23 31.82 1.32
CA PRO B 289 7.86 33.03 0.55
C PRO B 289 8.92 34.13 0.51
N ASP B 290 9.76 34.27 1.53
CA ASP B 290 10.83 35.29 1.51
C ASP B 290 11.81 35.02 0.35
N ASN B 291 12.22 33.76 0.23
CA ASN B 291 13.09 33.38 -0.86
C ASN B 291 12.39 33.43 -2.21
N PHE B 292 11.10 33.10 -2.26
CA PHE B 292 10.37 33.20 -3.52
C PHE B 292 10.31 34.64 -3.97
N ARG B 293 10.12 35.55 -3.00
CA ARG B 293 10.07 36.99 -3.27
C ARG B 293 11.38 37.46 -3.89
N LYS B 294 12.50 36.96 -3.38
CA LYS B 294 13.82 37.31 -3.92
C LYS B 294 14.02 36.77 -5.33
N PHE B 295 13.50 35.56 -5.58
CA PHE B 295 13.50 34.91 -6.89
C PHE B 295 12.78 35.82 -7.88
N LEU B 296 11.58 36.28 -7.51
CA LEU B 296 10.83 37.27 -8.32
C LEU B 296 11.61 38.57 -8.51
N ALA B 297 12.26 39.04 -7.47
CA ALA B 297 13.00 40.30 -7.50
C ALA B 297 14.13 40.25 -8.52
N GLY B 298 14.80 39.11 -8.61
CA GLY B 298 15.90 38.95 -9.56
C GLY B 298 15.41 39.02 -10.99
N ALA B 299 14.32 38.33 -11.27
CA ALA B 299 13.71 38.39 -12.60
C ALA B 299 13.30 39.84 -12.92
N HIS B 300 12.69 40.52 -11.96
CA HIS B 300 12.25 41.91 -12.14
C HIS B 300 13.44 42.84 -12.44
N ALA B 301 14.59 42.61 -11.80
CA ALA B 301 15.78 43.42 -12.07
C ALA B 301 16.19 43.28 -13.53
N MET B 302 16.16 42.03 -14.03
CA MET B 302 16.47 41.73 -15.43
C MET B 302 15.41 42.34 -16.36
N ASP B 303 14.15 42.30 -15.95
CA ASP B 303 13.08 42.93 -16.73
C ASP B 303 13.30 44.42 -16.95
N VAL B 304 13.61 45.11 -15.86
CA VAL B 304 13.83 46.56 -15.91
C VAL B 304 14.99 46.87 -16.83
N HIS B 305 16.05 46.08 -16.71
CA HIS B 305 17.25 46.23 -17.52
C HIS B 305 16.92 46.00 -18.99
N PHE B 306 16.16 44.93 -19.26
CA PHE B 306 15.79 44.59 -20.62
C PHE B 306 15.01 45.72 -21.27
N ARG B 307 14.07 46.25 -20.51
CA ARG B 307 13.16 47.28 -20.99
C ARG B 307 13.88 48.59 -21.20
N ASP B 308 14.78 48.94 -20.29
CA ASP B 308 15.34 50.27 -20.22
C ASP B 308 16.74 50.49 -20.77
N ALA B 309 17.55 49.44 -20.92
CA ALA B 309 18.92 49.61 -21.36
C ALA B 309 19.00 49.83 -22.88
N PRO B 310 19.88 50.75 -23.32
CA PRO B 310 20.05 50.91 -24.77
C PRO B 310 20.64 49.66 -25.39
N LEU B 311 20.42 49.48 -26.70
CA LEU B 311 20.85 48.27 -27.39
C LEU B 311 22.27 47.81 -27.02
N GLU B 312 23.20 48.75 -27.02
CA GLU B 312 24.63 48.46 -26.79
C GLU B 312 25.00 48.05 -25.35
N LYS B 313 24.06 48.23 -24.41
CA LYS B 313 24.30 47.85 -23.03
C LYS B 313 23.33 46.75 -22.57
N ASN B 314 22.54 46.21 -23.49
CA ASN B 314 21.39 45.38 -23.13
C ASN B 314 21.77 43.91 -23.23
N LEU B 315 21.88 43.26 -22.07
CA LEU B 315 22.40 41.90 -21.99
C LEU B 315 21.50 40.91 -22.74
N PRO B 316 20.18 40.93 -22.50
CA PRO B 316 19.38 39.97 -23.27
C PRO B 316 19.37 40.22 -24.77
N VAL B 317 19.43 41.46 -25.20
CA VAL B 317 19.49 41.75 -26.63
C VAL B 317 20.77 41.20 -27.22
N MET B 318 21.90 41.45 -26.58
CA MET B 318 23.17 40.93 -27.08
C MET B 318 23.21 39.39 -27.08
N LEU B 319 22.66 38.78 -26.03
CA LEU B 319 22.63 37.31 -25.97
C LEU B 319 21.81 36.73 -27.10
N GLY B 320 20.68 37.38 -27.39
CA GLY B 320 19.84 36.99 -28.50
C GLY B 320 20.49 37.21 -29.85
N LEU B 321 21.19 38.32 -30.02
CA LEU B 321 21.88 38.60 -31.29
C LEU B 321 23.00 37.60 -31.56
N ILE B 322 23.79 37.29 -30.53
CA ILE B 322 24.85 36.27 -30.64
C ILE B 322 24.27 34.89 -30.90
N GLY B 323 23.18 34.56 -30.21
CA GLY B 323 22.48 33.31 -30.46
C GLY B 323 21.92 33.19 -31.87
N TYR B 324 21.32 34.28 -32.36
CA TYR B 324 20.86 34.36 -33.74
C TYR B 324 22.04 34.22 -34.71
N TRP B 325 23.12 34.96 -34.47
CA TRP B 325 24.33 34.87 -35.31
C TRP B 325 24.79 33.42 -35.45
N HIS B 326 24.92 32.74 -34.32
CA HIS B 326 25.38 31.35 -34.33
C HIS B 326 24.49 30.45 -35.18
N ARG B 327 23.17 30.59 -34.98
CA ARG B 327 22.18 29.72 -35.62
C ARG B 327 21.96 30.05 -37.08
N ALA B 328 21.53 31.28 -37.34
CA ALA B 328 21.00 31.66 -38.65
C ALA B 328 22.10 32.06 -39.63
N ILE B 329 23.22 32.56 -39.13
CA ILE B 329 24.32 33.06 -39.99
C ILE B 329 25.46 32.04 -40.05
N CYS B 330 25.96 31.63 -38.90
CA CYS B 330 27.04 30.66 -38.87
C CYS B 330 26.61 29.24 -39.20
N GLY B 331 25.32 28.97 -39.09
CA GLY B 331 24.76 27.66 -39.45
C GLY B 331 24.85 26.58 -38.37
N TYR B 332 24.95 26.97 -37.11
CA TYR B 332 25.06 26.01 -36.02
C TYR B 332 23.66 25.60 -35.58
N GLY B 333 23.35 24.33 -35.81
CA GLY B 333 22.00 23.82 -35.58
C GLY B 333 21.62 23.57 -34.12
N SER B 334 22.61 23.59 -33.23
CA SER B 334 22.35 23.40 -31.82
C SER B 334 23.22 24.33 -30.98
N ARG B 335 22.89 24.45 -29.70
CA ARG B 335 23.71 25.18 -28.75
C ARG B 335 23.71 24.45 -27.43
N ALA B 336 24.88 24.34 -26.84
CA ALA B 336 25.07 23.58 -25.61
C ALA B 336 25.18 24.57 -24.46
N ILE B 337 24.31 24.40 -23.46
CA ILE B 337 24.25 25.30 -22.33
C ILE B 337 24.71 24.50 -21.12
N ILE B 338 25.87 24.89 -20.58
CA ILE B 338 26.60 24.05 -19.63
C ILE B 338 26.79 24.83 -18.33
N PRO B 339 25.87 24.67 -17.38
CA PRO B 339 26.02 25.38 -16.14
C PRO B 339 26.96 24.65 -15.20
N TYR B 340 28.01 25.34 -14.76
CA TYR B 340 28.98 24.77 -13.84
C TYR B 340 28.45 24.96 -12.42
N ASP B 341 27.39 24.21 -12.14
CA ASP B 341 26.70 24.22 -10.88
C ASP B 341 25.81 22.98 -10.86
N GLN B 342 26.14 22.04 -10.00
CA GLN B 342 25.35 20.80 -9.93
C GLN B 342 23.89 21.11 -9.63
N ARG B 343 23.63 22.21 -8.92
CA ARG B 343 22.24 22.54 -8.57
C ARG B 343 21.45 22.97 -9.78
N LEU B 344 22.13 23.33 -10.87
CA LEU B 344 21.46 23.66 -12.11
C LEU B 344 21.32 22.43 -13.04
N SER B 345 21.30 21.23 -12.44
CA SER B 345 21.23 19.97 -13.18
C SER B 345 20.07 19.89 -14.16
N ARG B 346 18.96 20.51 -13.79
CA ARG B 346 17.76 20.53 -14.59
C ARG B 346 17.45 21.86 -15.30
N LEU B 347 18.44 22.77 -15.32
CA LEU B 347 18.30 23.98 -16.12
C LEU B 347 18.31 23.73 -17.62
N PRO B 348 19.24 22.88 -18.13
CA PRO B 348 19.18 22.68 -19.57
C PRO B 348 17.84 22.13 -20.07
N ALA B 349 17.27 21.18 -19.33
CA ALA B 349 15.94 20.65 -19.66
C ALA B 349 14.87 21.75 -19.65
N TYR B 350 14.97 22.64 -18.69
CA TYR B 350 14.04 23.77 -18.57
C TYR B 350 14.19 24.70 -19.77
N LEU B 351 15.43 24.99 -20.15
CA LEU B 351 15.71 25.89 -21.28
C LEU B 351 15.28 25.27 -22.58
N GLN B 352 15.28 23.93 -22.66
CA GLN B 352 14.75 23.27 -23.84
C GLN B 352 13.31 23.65 -24.10
N GLN B 353 12.44 23.56 -23.08
CA GLN B 353 11.06 23.95 -23.28
C GLN B 353 10.99 25.43 -23.58
N LEU B 354 11.61 26.25 -22.73
CA LEU B 354 11.57 27.70 -22.92
C LEU B 354 11.97 28.10 -24.35
N ASP B 355 13.10 27.58 -24.82
CA ASP B 355 13.65 28.02 -26.11
C ASP B 355 12.96 27.28 -27.26
N MET B 356 12.95 25.96 -27.21
CA MET B 356 12.55 25.17 -28.35
C MET B 356 11.04 25.22 -28.59
N GLU B 357 10.26 25.21 -27.52
CA GLU B 357 8.82 25.36 -27.69
C GLU B 357 8.42 26.78 -28.10
N SER B 358 9.18 27.80 -27.69
CA SER B 358 8.87 29.15 -28.18
C SER B 358 9.27 29.34 -29.65
N ASN B 359 10.47 28.89 -30.02
CA ASN B 359 11.08 29.27 -31.30
C ASN B 359 11.23 28.19 -32.36
N GLY B 360 10.81 26.96 -32.04
CA GLY B 360 10.70 25.87 -33.02
C GLY B 360 9.48 26.07 -33.91
N LYS B 361 9.56 27.07 -34.79
CA LYS B 361 8.43 27.53 -35.60
C LYS B 361 8.86 27.70 -37.05
N SER B 362 7.93 27.48 -37.99
CA SER B 362 8.24 27.54 -39.41
C SER B 362 7.45 28.62 -40.15
N VAL B 363 6.60 29.35 -39.44
CA VAL B 363 5.83 30.45 -40.02
C VAL B 363 5.95 31.70 -39.18
N THR B 364 5.85 32.84 -39.87
CA THR B 364 5.95 34.15 -39.26
C THR B 364 4.66 34.50 -38.54
N LEU B 365 4.66 35.62 -37.82
CA LEU B 365 3.41 36.14 -37.20
C LEU B 365 2.27 36.14 -38.20
N ASP B 366 2.55 36.56 -39.43
CA ASP B 366 1.52 36.71 -40.48
C ASP B 366 1.21 35.40 -41.22
N GLY B 367 1.81 34.32 -40.76
CA GLY B 367 1.55 33.00 -41.27
C GLY B 367 2.26 32.70 -42.56
N LYS B 368 3.37 33.39 -42.85
CA LYS B 368 4.14 33.14 -44.06
C LYS B 368 5.33 32.26 -43.72
N PRO B 369 5.90 31.54 -44.72
CA PRO B 369 7.06 30.74 -44.35
C PRO B 369 8.21 31.63 -43.86
N VAL B 370 8.92 31.19 -42.81
CA VAL B 370 10.09 31.91 -42.31
C VAL B 370 11.24 31.94 -43.38
N SER B 371 12.14 32.91 -43.24
CA SER B 371 13.18 33.17 -44.23
C SER B 371 14.53 32.54 -43.94
N GLY B 372 14.65 31.89 -42.80
CA GLY B 372 15.88 31.16 -42.47
C GLY B 372 15.61 30.19 -41.33
N PRO B 373 16.66 29.60 -40.77
CA PRO B 373 16.54 28.73 -39.59
C PRO B 373 15.93 29.48 -38.42
N THR B 374 15.11 28.81 -37.62
CA THR B 374 14.58 29.42 -36.41
C THR B 374 15.24 28.77 -35.20
N GLY B 375 14.48 28.44 -34.17
CA GLY B 375 15.09 27.96 -32.93
C GLY B 375 16.05 26.80 -33.13
N PRO B 376 17.21 26.85 -32.44
CA PRO B 376 18.11 25.69 -32.46
C PRO B 376 17.71 24.60 -31.45
N VAL B 377 18.28 23.40 -31.62
CA VAL B 377 18.26 22.41 -30.55
C VAL B 377 19.11 22.94 -29.41
N VAL B 378 18.49 22.97 -28.23
CA VAL B 378 19.15 23.32 -26.99
C VAL B 378 19.35 22.02 -26.20
N TRP B 379 20.56 21.85 -25.69
CA TRP B 379 20.91 20.67 -24.88
C TRP B 379 22.06 20.97 -23.92
N GLY B 380 22.27 20.07 -22.97
CA GLY B 380 23.34 20.25 -22.01
C GLY B 380 23.19 19.44 -20.73
N GLU B 381 24.27 19.44 -19.95
CA GLU B 381 24.32 18.88 -18.60
C GLU B 381 25.20 19.83 -17.82
N PRO B 382 25.09 19.84 -16.49
CA PRO B 382 26.03 20.65 -15.75
C PRO B 382 27.49 20.30 -15.97
N GLY B 383 28.37 21.27 -15.80
CA GLY B 383 29.78 20.99 -15.64
C GLY B 383 30.05 20.76 -14.15
N THR B 384 31.08 20.00 -13.79
CA THR B 384 32.00 19.34 -14.71
C THR B 384 31.46 18.10 -15.42
N ASN B 385 30.33 17.56 -14.99
CA ASN B 385 29.80 16.28 -15.52
C ASN B 385 29.84 16.18 -17.03
N GLY B 386 29.29 17.18 -17.69
CA GLY B 386 29.23 17.18 -19.14
C GLY B 386 30.59 16.99 -19.77
N GLN B 387 31.66 17.53 -19.17
CA GLN B 387 33.01 17.37 -19.74
C GLN B 387 33.39 15.94 -19.94
N HIS B 388 32.95 15.09 -19.01
CA HIS B 388 33.33 13.70 -18.99
C HIS B 388 32.35 12.81 -19.77
N ALA B 389 31.35 13.42 -20.38
CA ALA B 389 30.38 12.71 -21.21
C ALA B 389 30.59 13.04 -22.65
N PHE B 390 30.51 14.32 -23.01
CA PHE B 390 30.42 14.69 -24.41
C PHE B 390 31.34 15.80 -24.84
N PHE B 391 32.20 16.35 -23.98
CA PHE B 391 33.08 17.41 -24.46
C PHE B 391 34.10 16.88 -25.51
N GLN B 392 34.33 15.59 -25.54
CA GLN B 392 35.11 15.01 -26.65
C GLN B 392 34.61 15.51 -28.00
N LEU B 393 33.29 15.46 -28.18
CA LEU B 393 32.68 15.83 -29.43
C LEU B 393 32.75 17.33 -29.65
N LEU B 394 32.49 18.09 -28.59
CA LEU B 394 32.55 19.54 -28.65
C LEU B 394 33.93 20.06 -29.06
N HIS B 395 34.98 19.33 -28.70
CA HIS B 395 36.34 19.74 -29.05
C HIS B 395 36.83 19.17 -30.38
N GLN B 396 36.49 17.91 -30.66
CA GLN B 396 37.09 17.20 -31.83
C GLN B 396 36.10 16.65 -32.85
N GLY B 397 34.82 16.96 -32.66
CA GLY B 397 33.80 16.54 -33.61
C GLY B 397 33.85 17.36 -34.88
N THR B 398 33.13 16.91 -35.90
CA THR B 398 33.20 17.58 -37.19
C THR B 398 32.36 18.86 -37.20
N ASP B 399 31.29 18.96 -36.41
CA ASP B 399 30.50 20.20 -36.38
C ASP B 399 31.00 21.11 -35.25
N THR B 400 30.94 22.42 -35.45
CA THR B 400 31.12 23.35 -34.36
C THR B 400 29.75 23.55 -33.68
N ILE B 401 29.77 23.46 -32.36
CA ILE B 401 28.61 23.70 -31.53
C ILE B 401 28.96 24.80 -30.53
N PRO B 402 28.25 25.95 -30.57
CA PRO B 402 28.57 27.01 -29.63
C PRO B 402 28.22 26.66 -28.20
N LEU B 403 29.01 27.15 -27.24
CA LEU B 403 28.82 26.89 -25.83
C LEU B 403 28.38 28.13 -25.10
N GLU B 404 27.43 27.94 -24.18
CA GLU B 404 27.04 29.00 -23.24
C GLU B 404 27.32 28.48 -21.84
N PHE B 405 28.35 29.05 -21.21
CA PHE B 405 28.82 28.65 -19.90
C PHE B 405 28.25 29.57 -18.82
N ILE B 406 27.88 28.99 -17.68
CA ILE B 406 27.35 29.70 -16.53
C ILE B 406 28.09 29.22 -15.30
N VAL B 407 28.56 30.13 -14.44
CA VAL B 407 29.23 29.74 -13.20
C VAL B 407 29.15 30.82 -12.15
N ALA B 408 29.25 30.41 -10.89
CA ALA B 408 29.26 31.33 -9.75
C ALA B 408 30.68 31.60 -9.28
N ALA B 409 30.91 32.79 -8.76
CA ALA B 409 32.20 33.12 -8.13
C ALA B 409 32.40 32.43 -6.78
N LYS B 410 31.29 32.10 -6.12
CA LYS B 410 31.30 31.48 -4.79
C LYS B 410 30.25 30.38 -4.71
N GLY B 411 30.62 29.29 -4.04
CA GLY B 411 29.71 28.19 -3.79
C GLY B 411 29.11 28.34 -2.43
N HIS B 412 28.34 27.35 -1.98
CA HIS B 412 27.62 27.46 -0.71
C HIS B 412 28.25 26.68 0.44
N GLU B 413 29.40 26.04 0.20
CA GLU B 413 30.04 25.20 1.21
C GLU B 413 31.40 25.84 1.51
N PRO B 414 31.48 26.69 2.54
CA PRO B 414 32.77 27.36 2.78
C PRO B 414 33.99 26.43 3.00
N THR B 415 33.78 25.27 3.62
CA THR B 415 34.86 24.26 3.77
C THR B 415 35.24 23.55 2.45
N LEU B 416 34.40 23.68 1.42
CA LEU B 416 34.69 23.03 0.13
C LEU B 416 35.03 24.06 -0.95
N ASP B 417 35.52 25.24 -0.55
CA ASP B 417 35.82 26.25 -1.56
C ASP B 417 36.96 25.77 -2.49
N HIS B 418 37.84 24.87 -2.04
CA HIS B 418 38.84 24.34 -2.99
C HIS B 418 38.16 23.55 -4.12
N GLN B 419 37.07 22.85 -3.81
CA GLN B 419 36.31 22.18 -4.86
C GLN B 419 35.66 23.21 -5.78
N HIS B 420 35.20 24.32 -5.21
CA HIS B 420 34.67 25.38 -6.03
C HIS B 420 35.74 25.98 -6.94
N GLU B 421 36.97 26.09 -6.45
CA GLU B 421 38.04 26.60 -7.29
C GLU B 421 38.30 25.68 -8.48
N MET B 422 38.27 24.38 -8.22
CA MET B 422 38.44 23.41 -9.29
C MET B 422 37.29 23.53 -10.30
N LEU B 423 36.07 23.69 -9.80
CA LEU B 423 34.92 23.90 -10.67
C LEU B 423 35.10 25.10 -11.60
N MET B 424 35.49 26.25 -11.03
CA MET B 424 35.69 27.48 -11.79
C MET B 424 36.85 27.33 -12.80
N ALA B 425 37.93 26.69 -12.39
CA ALA B 425 39.07 26.47 -13.29
C ALA B 425 38.69 25.62 -14.49
N ASN B 426 37.85 24.61 -14.25
CA ASN B 426 37.41 23.76 -15.36
C ASN B 426 36.55 24.56 -16.32
N CYS B 427 35.70 25.41 -15.77
CA CYS B 427 34.80 26.22 -16.61
C CYS B 427 35.62 27.10 -17.55
N LEU B 428 36.54 27.86 -16.97
CA LEU B 428 37.41 28.74 -17.75
C LEU B 428 38.31 27.97 -18.73
N ALA B 429 38.76 26.78 -18.32
CA ALA B 429 39.69 25.99 -19.13
C ALA B 429 39.00 25.47 -20.38
N GLN B 430 37.71 25.12 -20.26
CA GLN B 430 36.99 24.56 -21.40
C GLN B 430 36.79 25.62 -22.48
N SER B 431 36.39 26.83 -22.09
CA SER B 431 36.17 27.90 -23.06
C SER B 431 37.50 28.34 -23.68
N GLU B 432 38.55 28.40 -22.85
CA GLU B 432 39.90 28.69 -23.34
C GLU B 432 40.34 27.64 -24.38
N ALA B 433 40.12 26.37 -24.04
CA ALA B 433 40.51 25.24 -24.90
C ALA B 433 39.77 25.26 -26.21
N LEU B 434 38.48 25.56 -26.16
CA LEU B 434 37.65 25.66 -27.39
C LEU B 434 38.14 26.75 -28.35
N MET B 435 38.60 27.86 -27.79
CA MET B 435 39.13 28.98 -28.55
C MET B 435 40.52 28.68 -29.12
N LYS B 436 41.42 28.26 -28.25
CA LYS B 436 42.85 28.16 -28.49
C LYS B 436 43.23 26.94 -29.34
N GLY B 437 42.61 25.81 -28.99
CA GLY B 437 42.93 24.52 -29.62
C GLY B 437 44.37 24.11 -29.37
N ARG B 438 44.87 23.22 -30.23
CA ARG B 438 46.24 22.74 -30.16
C ARG B 438 46.69 22.33 -31.55
N THR B 439 47.82 22.89 -31.99
CA THR B 439 48.31 22.62 -33.33
C THR B 439 49.05 21.30 -33.37
N LEU B 440 49.28 20.79 -34.57
CA LEU B 440 50.05 19.58 -34.74
C LEU B 440 51.43 19.74 -34.09
N ASP B 441 52.08 20.88 -34.34
CA ASP B 441 53.39 21.12 -33.78
C ASP B 441 53.37 21.09 -32.25
N GLU B 442 52.33 21.67 -31.68
CA GLU B 442 52.18 21.63 -30.23
C GLU B 442 51.96 20.21 -29.69
N ALA B 443 51.13 19.44 -30.40
CA ALA B 443 50.89 18.02 -30.08
C ALA B 443 52.20 17.23 -30.12
N ARG B 444 52.97 17.46 -31.18
CA ARG B 444 54.28 16.81 -31.37
C ARG B 444 55.20 17.10 -30.20
N ALA B 445 55.31 18.37 -29.84
CA ALA B 445 56.19 18.80 -28.75
C ALA B 445 55.85 18.12 -27.43
N GLN B 446 54.56 17.99 -27.13
CA GLN B 446 54.14 17.23 -25.95
C GLN B 446 54.58 15.78 -25.99
N LEU B 447 54.47 15.13 -27.14
CA LEU B 447 54.85 13.72 -27.24
C LEU B 447 56.37 13.56 -27.21
N GLN B 448 57.07 14.50 -27.82
CA GLN B 448 58.54 14.52 -27.82
C GLN B 448 59.07 14.65 -26.40
N ALA B 449 58.34 15.40 -25.56
CA ALA B 449 58.71 15.55 -24.14
C ALA B 449 58.56 14.22 -23.37
N LYS B 450 57.78 13.28 -23.90
CA LYS B 450 57.68 11.96 -23.28
C LYS B 450 58.75 11.00 -23.82
N ASN B 451 59.71 11.53 -24.57
CA ASN B 451 60.79 10.75 -25.16
C ASN B 451 60.29 9.47 -25.86
N LEU B 452 59.21 9.60 -26.62
CA LEU B 452 58.76 8.53 -27.53
C LEU B 452 59.60 8.54 -28.81
N PRO B 453 59.70 7.40 -29.50
CA PRO B 453 60.38 7.47 -30.80
C PRO B 453 59.72 8.48 -31.72
N ALA B 454 60.51 9.21 -32.51
CA ALA B 454 59.97 10.19 -33.46
C ALA B 454 58.84 9.62 -34.34
N SER B 455 59.00 8.40 -34.82
CA SER B 455 57.96 7.78 -35.64
C SER B 455 56.66 7.65 -34.86
N GLN B 456 56.74 7.34 -33.57
CA GLN B 456 55.55 7.19 -32.73
C GLN B 456 54.91 8.56 -32.48
N VAL B 457 55.73 9.58 -32.25
CA VAL B 457 55.27 10.98 -32.14
C VAL B 457 54.47 11.36 -33.40
N GLU B 458 54.99 11.03 -34.58
CA GLU B 458 54.31 11.40 -35.84
C GLU B 458 53.01 10.63 -36.02
N ARG B 459 52.96 9.38 -35.58
CA ARG B 459 51.75 8.55 -35.69
C ARG B 459 50.62 9.00 -34.76
N ILE B 460 50.97 9.38 -33.53
CA ILE B 460 49.97 9.72 -32.51
C ILE B 460 49.50 11.18 -32.61
N ALA B 461 50.43 12.08 -32.93
CA ALA B 461 50.18 13.53 -32.85
C ALA B 461 48.89 14.02 -33.53
N PRO B 462 48.56 13.52 -34.73
CA PRO B 462 47.37 14.01 -35.43
C PRO B 462 46.08 13.78 -34.66
N HIS B 463 46.07 12.76 -33.82
CA HIS B 463 44.91 12.45 -33.00
C HIS B 463 44.73 13.42 -31.86
N ARG B 464 45.80 14.16 -31.53
CA ARG B 464 45.80 15.07 -30.38
C ARG B 464 45.69 16.54 -30.83
N VAL B 465 45.30 16.75 -32.09
CA VAL B 465 45.12 18.11 -32.66
C VAL B 465 43.71 18.60 -32.35
N PHE B 466 43.61 19.88 -32.01
CA PHE B 466 42.33 20.54 -31.71
C PHE B 466 42.25 21.79 -32.58
N SER B 467 41.19 21.92 -33.38
CA SER B 467 41.07 23.01 -34.35
C SER B 467 41.05 24.37 -33.67
N GLY B 468 40.49 24.43 -32.46
CA GLY B 468 40.19 25.72 -31.84
C GLY B 468 39.19 26.51 -32.66
N ASN B 469 39.12 27.80 -32.40
CA ASN B 469 38.20 28.72 -33.05
C ASN B 469 36.72 28.32 -32.88
N ARG B 470 36.41 27.59 -31.81
CA ARG B 470 35.06 27.16 -31.49
C ARG B 470 34.49 28.15 -30.47
N PRO B 471 33.40 28.84 -30.82
CA PRO B 471 32.96 29.99 -30.05
C PRO B 471 32.25 29.61 -28.75
N SER B 472 32.37 30.49 -27.77
CA SER B 472 31.67 30.34 -26.49
C SER B 472 31.45 31.70 -25.89
N LEU B 473 30.46 31.75 -25.01
CA LEU B 473 30.21 32.90 -24.17
C LEU B 473 30.12 32.38 -22.76
N THR B 474 30.47 33.25 -21.79
CA THR B 474 30.44 32.90 -20.38
C THR B 474 29.66 33.94 -19.56
N LEU B 475 28.85 33.44 -18.64
CA LEU B 475 28.05 34.24 -17.71
C LEU B 475 28.55 33.90 -16.31
N ILE B 476 28.95 34.93 -15.56
CA ILE B 476 29.38 34.76 -14.19
C ILE B 476 28.54 35.64 -13.28
N HIS B 477 28.07 35.02 -12.21
CA HIS B 477 27.31 35.71 -11.17
C HIS B 477 28.01 35.44 -9.83
N ASP B 478 27.76 36.25 -8.81
CA ASP B 478 28.46 36.04 -7.52
C ASP B 478 28.15 34.70 -6.82
N MET B 479 26.87 34.36 -6.77
CA MET B 479 26.42 33.20 -6.05
C MET B 479 25.01 32.87 -6.50
N LEU B 480 24.71 31.57 -6.65
CA LEU B 480 23.38 31.15 -7.03
C LEU B 480 22.52 31.15 -5.79
N ASP B 481 21.95 32.31 -5.53
CA ASP B 481 20.90 32.48 -4.55
C ASP B 481 19.56 32.71 -5.31
N PRO B 482 18.44 32.84 -4.58
CA PRO B 482 17.16 32.96 -5.28
C PRO B 482 17.11 34.15 -6.26
N TYR B 483 17.62 35.30 -5.84
CA TYR B 483 17.66 36.50 -6.71
C TYR B 483 18.42 36.18 -8.02
N THR B 484 19.59 35.57 -7.88
CA THR B 484 20.49 35.36 -9.00
C THR B 484 19.85 34.35 -9.96
N LEU B 485 19.18 33.36 -9.39
CA LEU B 485 18.47 32.38 -10.24
C LEU B 485 17.36 33.06 -11.04
N GLY B 486 16.59 33.91 -10.38
CA GLY B 486 15.49 34.62 -11.06
C GLY B 486 16.01 35.50 -12.20
N ARG B 487 17.12 36.18 -11.93
CA ARG B 487 17.77 37.02 -12.91
C ARG B 487 18.23 36.23 -14.12
N LEU B 488 18.81 35.06 -13.86
CA LEU B 488 19.31 34.15 -14.92
C LEU B 488 18.20 33.61 -15.81
N ILE B 489 17.12 33.14 -15.20
CA ILE B 489 16.00 32.63 -15.98
C ILE B 489 15.40 33.74 -16.84
N ALA B 490 15.21 34.92 -16.27
CA ALA B 490 14.67 36.07 -17.02
C ALA B 490 15.56 36.48 -18.18
N LEU B 491 16.87 36.47 -17.95
CA LEU B 491 17.84 36.69 -19.04
C LEU B 491 17.53 35.77 -20.23
N TYR B 492 17.36 34.49 -19.95
CA TYR B 492 17.06 33.52 -21.03
C TYR B 492 15.66 33.72 -21.63
N GLU B 493 14.67 34.04 -20.79
CA GLU B 493 13.36 34.39 -21.32
C GLU B 493 13.49 35.50 -22.35
N HIS B 494 14.26 36.51 -22.03
CA HIS B 494 14.34 37.65 -22.93
C HIS B 494 15.26 37.41 -24.14
N ARG B 495 16.33 36.61 -24.01
CA ARG B 495 17.12 36.28 -25.20
C ARG B 495 16.25 35.52 -26.22
N VAL B 496 15.37 34.66 -25.72
CA VAL B 496 14.45 33.92 -26.56
C VAL B 496 13.44 34.87 -27.24
N PHE B 497 12.92 35.85 -26.50
CA PHE B 497 12.07 36.90 -27.06
C PHE B 497 12.78 37.63 -28.19
N VAL B 498 14.04 37.99 -27.94
CA VAL B 498 14.82 38.74 -28.93
C VAL B 498 14.98 37.90 -30.21
N GLU B 499 15.40 36.65 -30.04
CA GLU B 499 15.61 35.80 -31.21
C GLU B 499 14.34 35.62 -32.02
N ALA B 500 13.23 35.42 -31.32
CA ALA B 500 11.95 35.25 -31.96
C ALA B 500 11.58 36.47 -32.81
N GLN B 501 11.87 37.68 -32.32
CA GLN B 501 11.56 38.89 -33.09
C GLN B 501 12.39 38.99 -34.36
N ILE B 502 13.65 38.59 -34.29
CA ILE B 502 14.49 38.56 -35.47
C ILE B 502 14.00 37.50 -36.43
N PHE B 503 13.67 36.32 -35.93
CA PHE B 503 13.07 35.26 -36.74
C PHE B 503 11.73 35.68 -37.38
N GLY B 504 11.01 36.58 -36.71
CA GLY B 504 9.71 37.07 -37.14
C GLY B 504 8.56 36.17 -36.75
N ILE B 505 8.75 35.39 -35.68
CA ILE B 505 7.81 34.34 -35.28
C ILE B 505 7.08 34.72 -33.98
N ASN B 506 6.06 33.94 -33.64
CA ASN B 506 5.37 34.05 -32.38
C ASN B 506 6.04 33.11 -31.37
N ALA B 507 6.82 33.67 -30.46
CA ALA B 507 7.43 32.91 -29.36
C ALA B 507 6.44 32.29 -28.35
N PHE B 508 5.16 32.70 -28.41
CA PHE B 508 4.23 32.45 -27.32
C PHE B 508 3.07 31.48 -27.59
N ASP B 509 3.00 30.94 -28.80
CA ASP B 509 2.01 29.89 -29.13
C ASP B 509 2.72 28.51 -29.22
N GLN B 510 1.95 27.44 -29.42
CA GLN B 510 2.50 26.11 -29.50
C GLN B 510 1.54 25.19 -30.26
N TRP B 511 1.24 25.55 -31.50
CA TRP B 511 0.31 24.77 -32.32
C TRP B 511 0.90 23.41 -32.67
N GLY B 512 2.22 23.31 -32.57
CA GLY B 512 2.94 22.08 -32.89
C GLY B 512 2.72 20.88 -32.01
N VAL B 513 2.03 21.06 -30.89
CA VAL B 513 1.68 19.91 -30.06
C VAL B 513 0.33 19.27 -30.38
N GLU B 514 -0.45 19.87 -31.27
CA GLU B 514 -1.83 19.45 -31.45
C GLU B 514 -1.96 18.13 -32.22
N LEU B 515 -1.11 17.91 -33.20
CA LEU B 515 -1.29 16.76 -34.08
C LEU B 515 -1.07 15.47 -33.30
N GLY B 516 0.00 15.44 -32.50
CA GLY B 516 0.29 14.31 -31.63
C GLY B 516 -0.81 14.00 -30.63
N LYS B 517 -1.38 15.05 -30.03
CA LYS B 517 -2.48 14.88 -29.09
C LYS B 517 -3.69 14.31 -29.79
N GLU B 518 -3.96 14.82 -30.98
CA GLU B 518 -5.08 14.36 -31.79
C GLU B 518 -4.99 12.87 -32.12
N LEU B 519 -3.82 12.46 -32.58
CA LEU B 519 -3.63 11.09 -32.95
C LEU B 519 -3.56 10.17 -31.73
N ALA B 520 -3.02 10.67 -30.61
CA ALA B 520 -2.98 9.88 -29.36
C ALA B 520 -4.40 9.59 -28.86
N THR B 521 -5.26 10.59 -28.92
CA THR B 521 -6.68 10.42 -28.57
C THR B 521 -7.33 9.32 -29.40
N GLU B 522 -7.07 9.28 -30.72
CA GLU B 522 -7.61 8.22 -31.58
C GLU B 522 -7.01 6.86 -31.24
N LEU B 523 -5.71 6.83 -30.98
CA LEU B 523 -5.01 5.57 -30.79
C LEU B 523 -5.24 4.90 -29.43
N LEU B 524 -5.67 5.65 -28.42
CA LEU B 524 -5.88 5.05 -27.09
C LEU B 524 -6.87 3.85 -27.12
N PRO B 525 -8.05 4.04 -27.72
CA PRO B 525 -8.95 2.87 -27.76
C PRO B 525 -8.43 1.73 -28.65
N VAL B 526 -7.62 2.08 -29.65
CA VAL B 526 -7.03 1.08 -30.55
C VAL B 526 -6.01 0.24 -29.79
N VAL B 527 -5.08 0.92 -29.13
CA VAL B 527 -4.05 0.23 -28.35
C VAL B 527 -4.69 -0.55 -27.18
N SER B 528 -5.79 -0.04 -26.64
CA SER B 528 -6.48 -0.67 -25.53
C SER B 528 -7.34 -1.90 -25.92
N GLY B 529 -7.54 -2.14 -27.21
CA GLY B 529 -8.18 -3.38 -27.69
C GLY B 529 -9.63 -3.17 -28.07
N LYS B 530 -10.07 -1.91 -28.02
CA LYS B 530 -11.47 -1.51 -28.20
C LYS B 530 -11.80 -1.06 -29.64
N GLU B 531 -10.77 -0.74 -30.42
CA GLU B 531 -10.92 -0.41 -31.83
C GLU B 531 -9.78 -0.93 -32.67
N GLY B 532 -10.03 -1.03 -33.98
CA GLY B 532 -9.02 -1.49 -34.93
C GLY B 532 -8.30 -0.32 -35.56
N ALA B 533 -7.11 -0.58 -36.10
CA ALA B 533 -6.31 0.46 -36.77
C ALA B 533 -6.32 0.30 -38.31
N SER B 534 -7.38 -0.29 -38.87
CA SER B 534 -7.27 -0.90 -40.22
C SER B 534 -7.06 0.07 -41.40
N GLY B 535 -7.31 1.36 -41.20
CA GLY B 535 -7.05 2.37 -42.23
C GLY B 535 -5.73 3.13 -42.10
N ARG B 536 -4.99 2.88 -41.03
CA ARG B 536 -3.81 3.69 -40.76
C ARG B 536 -2.58 3.14 -41.49
N ASP B 537 -1.49 3.89 -41.48
CA ASP B 537 -0.29 3.46 -42.18
C ASP B 537 0.19 2.12 -41.63
N ALA B 538 0.88 1.34 -42.47
CA ALA B 538 1.26 -0.01 -42.12
C ALA B 538 2.20 -0.10 -40.91
N SER B 539 3.00 0.93 -40.66
CA SER B 539 3.86 0.93 -39.48
C SER B 539 3.02 1.04 -38.22
N THR B 540 2.16 2.05 -38.15
CA THR B 540 1.28 2.20 -37.00
C THR B 540 0.48 0.89 -36.81
N GLN B 541 -0.03 0.32 -37.90
CA GLN B 541 -0.77 -0.92 -37.79
C GLN B 541 0.10 -2.06 -37.20
N GLY B 542 1.30 -2.14 -37.72
CA GLY B 542 2.22 -3.21 -37.34
C GLY B 542 2.68 -3.10 -35.90
N LEU B 543 2.90 -1.86 -35.43
CA LEU B 543 3.22 -1.60 -34.03
C LEU B 543 2.05 -1.94 -33.12
N VAL B 544 0.84 -1.52 -33.49
CA VAL B 544 -0.36 -1.91 -32.75
C VAL B 544 -0.51 -3.43 -32.69
N ALA B 545 -0.37 -4.11 -33.84
CA ALA B 545 -0.48 -5.58 -33.87
C ALA B 545 0.52 -6.26 -32.92
N HIS B 546 1.73 -5.73 -32.93
CA HIS B 546 2.80 -6.27 -32.09
C HIS B 546 2.46 -6.09 -30.63
N LEU B 547 2.02 -4.90 -30.25
CA LEU B 547 1.64 -4.67 -28.84
C LEU B 547 0.52 -5.62 -28.44
N HIS B 548 -0.48 -5.76 -29.30
CA HIS B 548 -1.60 -6.67 -29.04
C HIS B 548 -1.11 -8.10 -28.83
N ALA B 549 -0.23 -8.55 -29.72
CA ALA B 549 0.26 -9.92 -29.68
C ALA B 549 1.06 -10.17 -28.41
N ARG B 550 1.86 -9.17 -27.99
CA ARG B 550 2.72 -9.35 -26.83
C ARG B 550 1.94 -9.20 -25.53
N ARG B 551 0.80 -8.51 -25.58
CA ARG B 551 -0.03 -8.32 -24.37
C ARG B 551 -1.15 -9.37 -24.23
N LYS B 552 -1.43 -10.13 -25.29
CA LYS B 552 -2.47 -11.16 -25.30
C LYS B 552 -2.30 -12.13 -24.13
N ARG C 7 -11.51 -51.89 27.89
CA ARG C 7 -12.76 -51.39 27.26
C ARG C 7 -13.59 -52.54 26.73
N ASP C 8 -14.90 -52.45 26.93
CA ASP C 8 -15.84 -53.51 26.52
C ASP C 8 -16.90 -52.94 25.57
N ALA C 9 -16.70 -53.10 24.26
CA ALA C 9 -17.59 -52.53 23.24
C ALA C 9 -19.03 -53.00 23.37
N THR C 10 -19.22 -54.30 23.65
CA THR C 10 -20.58 -54.87 23.80
C THR C 10 -21.27 -54.28 25.02
N LYS C 11 -20.56 -54.25 26.13
CA LYS C 11 -21.12 -53.69 27.36
C LYS C 11 -21.40 -52.21 27.18
N LEU C 12 -20.45 -51.50 26.57
CA LEU C 12 -20.64 -50.08 26.32
C LEU C 12 -21.91 -49.83 25.52
N GLU C 13 -22.08 -50.54 24.41
CA GLU C 13 -23.28 -50.39 23.57
C GLU C 13 -24.57 -50.71 24.34
N ALA C 14 -24.53 -51.80 25.11
CA ALA C 14 -25.68 -52.17 25.93
C ALA C 14 -26.02 -51.06 26.93
N THR C 15 -24.99 -50.43 27.49
CA THR C 15 -25.23 -49.38 28.51
C THR C 15 -25.80 -48.13 27.88
N VAL C 16 -25.29 -47.75 26.71
CA VAL C 16 -25.86 -46.63 25.95
C VAL C 16 -27.36 -46.87 25.67
N ALA C 17 -27.70 -48.06 25.22
CA ALA C 17 -29.11 -48.42 24.99
C ALA C 17 -29.94 -48.30 26.28
N LYS C 18 -29.38 -48.76 27.41
CA LYS C 18 -30.08 -48.65 28.69
C LYS C 18 -30.33 -47.19 29.04
N LEU C 19 -29.35 -46.32 28.77
CA LEU C 19 -29.49 -44.88 29.07
C LEU C 19 -30.60 -44.25 28.19
N LYS C 20 -30.71 -44.66 26.95
CA LYS C 20 -31.76 -44.15 26.06
C LYS C 20 -33.13 -44.62 26.53
N LYS C 21 -33.24 -45.88 26.89
CA LYS C 21 -34.48 -46.40 27.47
C LYS C 21 -34.83 -45.64 28.75
N HIS C 22 -33.84 -45.46 29.62
CA HIS C 22 -34.02 -44.72 30.87
C HIS C 22 -34.53 -43.29 30.64
N TRP C 23 -33.91 -42.57 29.70
CA TRP C 23 -34.33 -41.21 29.39
C TRP C 23 -35.78 -41.17 28.95
N ALA C 24 -36.17 -42.14 28.12
CA ALA C 24 -37.51 -42.24 27.60
C ALA C 24 -38.54 -42.57 28.66
N GLU C 25 -38.19 -43.46 29.60
CA GLU C 25 -39.20 -44.11 30.45
C GLU C 25 -39.15 -43.77 31.93
N SER C 26 -37.98 -43.35 32.41
CA SER C 26 -37.71 -43.32 33.85
C SER C 26 -37.05 -42.07 34.42
N ALA C 27 -36.31 -41.32 33.61
CA ALA C 27 -35.68 -40.11 34.07
C ALA C 27 -36.78 -39.13 34.56
N PRO C 28 -36.49 -38.33 35.58
CA PRO C 28 -37.53 -37.41 36.07
C PRO C 28 -38.00 -36.46 34.97
N ARG C 29 -39.32 -36.21 34.96
CA ARG C 29 -39.94 -35.30 34.00
C ARG C 29 -40.37 -33.98 34.63
N ASP C 30 -40.78 -34.02 35.89
CA ASP C 30 -41.30 -32.85 36.62
C ASP C 30 -40.31 -32.52 37.74
N MET C 31 -39.47 -31.50 37.51
CA MET C 31 -38.41 -31.18 38.45
C MET C 31 -38.90 -30.52 39.72
N ARG C 32 -39.98 -29.74 39.64
CA ARG C 32 -40.60 -29.22 40.85
C ARG C 32 -40.95 -30.35 41.80
N ALA C 33 -41.64 -31.35 41.24
CA ALA C 33 -42.11 -32.50 42.00
C ALA C 33 -40.94 -33.32 42.56
N ALA C 34 -39.87 -33.46 41.78
CA ALA C 34 -38.70 -34.20 42.22
C ALA C 34 -38.05 -33.51 43.40
N PHE C 35 -37.88 -32.19 43.29
CA PHE C 35 -37.29 -31.45 44.40
C PHE C 35 -38.19 -31.44 45.61
N SER C 36 -39.50 -31.33 45.39
CA SER C 36 -40.44 -31.32 46.50
C SER C 36 -40.40 -32.62 47.30
N ALA C 37 -40.44 -33.75 46.59
CA ALA C 37 -40.47 -35.06 47.21
C ALA C 37 -39.13 -35.53 47.72
N ASP C 38 -38.04 -34.95 47.21
CA ASP C 38 -36.70 -35.50 47.37
C ASP C 38 -35.65 -34.37 47.48
N PRO C 39 -35.68 -33.62 48.58
CA PRO C 39 -34.71 -32.55 48.79
C PRO C 39 -33.30 -33.10 48.98
N GLY C 40 -33.19 -34.38 49.32
CA GLY C 40 -31.89 -35.06 49.34
C GLY C 40 -31.13 -35.04 48.03
N ARG C 41 -31.82 -34.75 46.92
CA ARG C 41 -31.15 -34.78 45.62
C ARG C 41 -30.00 -33.77 45.49
N PHE C 42 -30.06 -32.64 46.18
CA PHE C 42 -28.93 -31.71 46.17
C PHE C 42 -27.69 -32.40 46.67
N GLY C 43 -27.77 -33.03 47.84
CA GLY C 43 -26.61 -33.72 48.39
C GLY C 43 -26.12 -34.85 47.50
N ARG C 44 -27.05 -35.62 46.93
CA ARG C 44 -26.64 -36.80 46.15
C ARG C 44 -26.01 -36.41 44.80
N TYR C 45 -26.42 -35.28 44.23
CA TYR C 45 -25.93 -34.88 42.91
C TYR C 45 -25.06 -33.61 43.00
N SER C 46 -24.23 -33.55 44.03
CA SER C 46 -23.21 -32.52 44.13
C SER C 46 -21.94 -33.14 44.71
N LEU C 47 -20.81 -32.52 44.38
CA LEU C 47 -19.50 -32.92 44.89
C LEU C 47 -18.65 -31.67 45.15
N CYS C 48 -17.68 -31.78 46.03
CA CYS C 48 -16.70 -30.72 46.21
C CYS C 48 -15.27 -31.20 46.02
N LEU C 49 -14.43 -30.27 45.56
CA LEU C 49 -12.98 -30.39 45.68
C LEU C 49 -12.54 -29.11 46.37
N ASP C 50 -12.17 -29.23 47.64
CA ASP C 50 -11.78 -28.06 48.44
C ASP C 50 -12.96 -27.05 48.41
N ASP C 51 -12.71 -25.79 48.05
CA ASP C 51 -13.81 -24.80 47.97
C ASP C 51 -14.69 -24.93 46.73
N LEU C 52 -14.29 -25.74 45.75
CA LEU C 52 -15.07 -25.86 44.52
C LEU C 52 -16.28 -26.77 44.72
N LEU C 53 -17.48 -26.22 44.52
CA LEU C 53 -18.74 -26.97 44.57
C LEU C 53 -19.26 -27.16 43.16
N PHE C 54 -19.63 -28.40 42.84
CA PHE C 54 -20.22 -28.78 41.57
C PHE C 54 -21.57 -29.44 41.86
N ASP C 55 -22.65 -28.72 41.53
CA ASP C 55 -24.04 -29.14 41.76
C ASP C 55 -24.72 -29.40 40.44
N TRP C 56 -25.03 -30.67 40.16
CA TRP C 56 -25.81 -31.01 38.96
C TRP C 56 -27.22 -31.48 39.35
N SER C 57 -27.69 -31.14 40.53
CA SER C 57 -28.99 -31.68 40.99
C SER C 57 -30.19 -31.12 40.21
N LYS C 58 -30.01 -30.03 39.46
CA LYS C 58 -31.09 -29.49 38.63
C LYS C 58 -31.09 -30.19 37.27
N CYS C 59 -30.16 -31.12 37.05
CA CYS C 59 -30.25 -31.94 35.84
C CYS C 59 -31.33 -32.99 36.03
N ARG C 60 -31.81 -33.51 34.91
CA ARG C 60 -32.96 -34.44 34.86
C ARG C 60 -32.49 -35.87 35.15
N VAL C 61 -31.97 -36.08 36.35
CA VAL C 61 -31.35 -37.35 36.71
C VAL C 61 -31.89 -37.87 38.03
N ASN C 62 -31.81 -39.20 38.19
CA ASN C 62 -32.12 -39.82 39.47
C ASN C 62 -31.06 -40.84 39.78
N ASP C 63 -31.25 -41.66 40.82
CA ASP C 63 -30.19 -42.58 41.23
C ASP C 63 -29.90 -43.61 40.15
N GLU C 64 -30.94 -44.00 39.41
CA GLU C 64 -30.78 -44.97 38.33
C GLU C 64 -30.00 -44.34 37.18
N THR C 65 -30.25 -43.08 36.86
CA THR C 65 -29.40 -42.38 35.89
C THR C 65 -27.91 -42.43 36.28
N MET C 66 -27.61 -42.15 37.55
CA MET C 66 -26.20 -42.02 37.96
C MET C 66 -25.54 -43.38 37.97
N ALA C 67 -26.29 -44.42 38.35
CA ALA C 67 -25.81 -45.79 38.30
C ALA C 67 -25.46 -46.23 36.87
N LEU C 68 -26.33 -45.94 35.92
CA LEU C 68 -26.07 -46.22 34.50
C LEU C 68 -24.85 -45.46 33.95
N LEU C 69 -24.72 -44.20 34.36
CA LEU C 69 -23.58 -43.37 33.94
C LEU C 69 -22.28 -43.91 34.51
N LYS C 70 -22.31 -44.40 35.75
CA LYS C 70 -21.12 -45.06 36.30
C LYS C 70 -20.79 -46.29 35.47
N GLU C 71 -21.79 -47.12 35.19
CA GLU C 71 -21.58 -48.29 34.30
C GLU C 71 -20.95 -47.89 32.97
N LEU C 72 -21.40 -46.78 32.44
CA LEU C 72 -20.90 -46.28 31.16
C LEU C 72 -19.42 -45.94 31.23
N ALA C 73 -19.05 -45.23 32.29
CA ALA C 73 -17.67 -44.82 32.51
C ALA C 73 -16.77 -46.05 32.63
N VAL C 74 -17.26 -47.07 33.34
CA VAL C 74 -16.52 -48.32 33.47
C VAL C 74 -16.40 -49.03 32.12
N ALA C 75 -17.50 -49.13 31.35
CA ALA C 75 -17.46 -49.86 30.07
C ALA C 75 -16.59 -49.16 29.03
N ALA C 76 -16.58 -47.83 29.07
CA ALA C 76 -15.70 -47.02 28.21
C ALA C 76 -14.23 -47.03 28.64
N ASP C 77 -13.93 -47.62 29.80
CA ASP C 77 -12.56 -47.62 30.40
C ASP C 77 -11.98 -46.21 30.56
N VAL C 78 -12.82 -45.30 31.06
CA VAL C 78 -12.38 -43.95 31.34
C VAL C 78 -11.12 -43.98 32.22
N GLU C 79 -11.12 -44.82 33.27
CA GLU C 79 -9.99 -44.87 34.20
C GLU C 79 -8.69 -45.38 33.55
N GLY C 80 -8.77 -46.43 32.76
CA GLY C 80 -7.59 -46.98 32.06
C GLY C 80 -7.03 -46.05 31.00
N ARG C 81 -7.93 -45.39 30.25
CA ARG C 81 -7.55 -44.37 29.27
C ARG C 81 -6.86 -43.17 29.94
N ARG C 82 -7.41 -42.75 31.08
CA ARG C 82 -6.78 -41.72 31.90
C ARG C 82 -5.37 -42.15 32.35
N ALA C 83 -5.23 -43.36 32.88
CA ALA C 83 -3.91 -43.84 33.33
C ALA C 83 -2.92 -43.79 32.17
N ALA C 84 -3.35 -44.22 30.98
CA ALA C 84 -2.49 -44.19 29.79
C ALA C 84 -2.00 -42.78 29.49
N MET C 85 -2.88 -41.77 29.60
CA MET C 85 -2.50 -40.39 29.39
C MET C 85 -1.40 -39.98 30.36
N PHE C 86 -1.63 -40.21 31.67
CA PHE C 86 -0.66 -39.82 32.71
C PHE C 86 0.65 -40.57 32.58
N ALA C 87 0.60 -41.77 31.98
CA ALA C 87 1.78 -42.62 31.81
C ALA C 87 2.66 -42.20 30.64
N GLY C 88 2.21 -41.25 29.83
CA GLY C 88 2.96 -40.83 28.66
C GLY C 88 2.82 -41.78 27.48
N GLU C 89 1.80 -42.64 27.49
CA GLU C 89 1.55 -43.51 26.35
C GLU C 89 1.09 -42.64 25.18
N HIS C 90 1.30 -43.13 23.97
CA HIS C 90 1.02 -42.34 22.75
C HIS C 90 -0.47 -42.44 22.43
N ILE C 91 -1.30 -41.86 23.30
CA ILE C 91 -2.74 -42.00 23.17
C ILE C 91 -3.34 -41.18 22.01
N ASN C 92 -2.58 -40.20 21.52
CA ASN C 92 -2.88 -39.53 20.26
C ASN C 92 -2.33 -40.45 19.19
N ASN C 93 -3.16 -41.44 18.85
CA ASN C 93 -2.73 -42.55 18.03
C ASN C 93 -2.57 -42.19 16.56
N THR C 94 -3.40 -41.29 16.04
CA THR C 94 -3.35 -40.94 14.62
C THR C 94 -2.10 -40.14 14.28
N GLU C 95 -1.62 -39.34 15.23
CA GLU C 95 -0.35 -38.60 15.09
C GLU C 95 0.84 -39.27 15.79
N ASP C 96 0.57 -40.37 16.50
CA ASP C 96 1.54 -41.12 17.28
C ASP C 96 2.33 -40.22 18.25
N ARG C 97 1.59 -39.63 19.20
CA ARG C 97 2.14 -38.72 20.19
C ARG C 97 1.55 -39.01 21.57
N ALA C 98 2.36 -38.72 22.58
CA ALA C 98 1.90 -38.62 23.94
C ALA C 98 1.04 -37.37 24.09
N VAL C 99 0.35 -37.31 25.22
CA VAL C 99 -0.57 -36.23 25.55
C VAL C 99 -0.31 -35.84 27.00
N LEU C 100 0.52 -34.82 27.20
CA LEU C 100 1.05 -34.53 28.55
C LEU C 100 1.03 -33.07 28.92
N HIS C 101 -0.07 -32.40 28.61
CA HIS C 101 -0.31 -31.10 29.22
C HIS C 101 -0.28 -31.18 30.74
N VAL C 102 -0.66 -32.32 31.33
CA VAL C 102 -0.61 -32.44 32.79
C VAL C 102 0.84 -32.30 33.32
N ALA C 103 1.83 -32.73 32.53
CA ALA C 103 3.22 -32.63 32.93
C ALA C 103 3.71 -31.19 33.03
N LEU C 104 3.08 -30.29 32.28
CA LEU C 104 3.43 -28.87 32.25
C LEU C 104 3.27 -28.18 33.60
N ARG C 105 2.34 -28.68 34.41
CA ARG C 105 2.04 -28.12 35.74
C ARG C 105 2.31 -29.11 36.89
N ASP C 106 3.00 -30.19 36.59
CA ASP C 106 3.25 -31.25 37.56
C ASP C 106 4.46 -30.94 38.44
N THR C 107 4.17 -30.47 39.64
CA THR C 107 5.18 -30.17 40.63
C THR C 107 5.33 -31.24 41.72
N SER C 108 4.60 -32.36 41.62
CA SER C 108 4.66 -33.38 42.67
CA SER C 108 4.57 -33.41 42.64
C SER C 108 5.34 -34.68 42.23
N SER C 109 5.22 -35.06 40.96
CA SER C 109 5.81 -36.34 40.49
C SER C 109 7.32 -36.31 40.52
N LYS C 110 7.94 -37.45 40.83
CA LYS C 110 9.39 -37.57 40.73
C LYS C 110 9.85 -37.59 39.28
N GLU C 111 9.09 -38.28 38.43
CA GLU C 111 9.36 -38.34 37.00
C GLU C 111 8.05 -38.53 36.21
N VAL C 112 8.08 -38.11 34.95
CA VAL C 112 7.05 -38.47 33.98
C VAL C 112 7.80 -38.79 32.68
N LEU C 113 7.60 -40.01 32.17
CA LEU C 113 8.41 -40.53 31.08
C LEU C 113 7.67 -40.44 29.75
N VAL C 114 8.37 -39.91 28.75
CA VAL C 114 7.96 -40.01 27.37
C VAL C 114 9.10 -40.67 26.62
N ASP C 115 8.85 -41.84 26.04
CA ASP C 115 9.87 -42.57 25.26
C ASP C 115 11.20 -42.72 26.01
N GLY C 116 11.08 -43.05 27.29
CA GLY C 116 12.24 -43.33 28.11
C GLY C 116 12.91 -42.13 28.75
N HIS C 117 12.41 -40.93 28.44
CA HIS C 117 12.97 -39.65 28.91
C HIS C 117 12.04 -38.99 29.95
N ASN C 118 12.62 -38.63 31.11
CA ASN C 118 11.91 -37.86 32.10
C ASN C 118 11.79 -36.42 31.61
N VAL C 119 10.56 -35.99 31.38
CA VAL C 119 10.30 -34.67 30.79
C VAL C 119 10.25 -33.53 31.83
N LEU C 120 10.17 -33.86 33.12
CA LEU C 120 9.88 -32.84 34.13
C LEU C 120 11.00 -31.77 34.26
N PRO C 121 12.27 -32.20 34.24
CA PRO C 121 13.33 -31.18 34.32
C PRO C 121 13.30 -30.14 33.16
N ASP C 122 13.04 -30.61 31.94
CA ASP C 122 12.92 -29.75 30.76
C ASP C 122 11.76 -28.76 30.94
N VAL C 123 10.60 -29.26 31.38
CA VAL C 123 9.44 -28.43 31.66
C VAL C 123 9.80 -27.32 32.66
N LYS C 124 10.44 -27.70 33.75
CA LYS C 124 10.75 -26.76 34.82
C LYS C 124 11.84 -25.77 34.42
N HIS C 125 12.75 -26.20 33.56
CA HIS C 125 13.84 -25.34 33.10
C HIS C 125 13.28 -24.21 32.21
N VAL C 126 12.40 -24.58 31.28
CA VAL C 126 11.74 -23.60 30.48
C VAL C 126 10.97 -22.59 31.34
N LEU C 127 10.21 -23.04 32.33
CA LEU C 127 9.47 -22.11 33.19
C LEU C 127 10.43 -21.18 33.94
N ASP C 128 11.55 -21.72 34.40
CA ASP C 128 12.55 -20.90 35.09
C ASP C 128 13.08 -19.78 34.18
N ARG C 129 13.41 -20.13 32.93
CA ARG C 129 13.91 -19.16 31.96
C ARG C 129 12.84 -18.12 31.59
N MET C 130 11.60 -18.58 31.47
CA MET C 130 10.46 -17.67 31.23
C MET C 130 10.33 -16.68 32.35
N ALA C 131 10.43 -17.17 33.59
CA ALA C 131 10.33 -16.34 34.79
C ALA C 131 11.42 -15.26 34.87
N ALA C 132 12.66 -15.65 34.62
CA ALA C 132 13.77 -14.69 34.62
C ALA C 132 13.54 -13.62 33.57
N PHE C 133 13.11 -14.03 32.38
CA PHE C 133 12.79 -13.08 31.30
C PHE C 133 11.62 -12.14 31.67
N ALA C 134 10.53 -12.72 32.15
CA ALA C 134 9.35 -11.97 32.57
C ALA C 134 9.71 -10.98 33.66
N ASP C 135 10.52 -11.42 34.62
CA ASP C 135 10.95 -10.54 35.72
C ASP C 135 11.72 -9.32 35.20
N GLY C 136 12.57 -9.59 34.21
CA GLY C 136 13.42 -8.59 33.61
C GLY C 136 12.64 -7.57 32.80
N ILE C 137 11.63 -8.05 32.09
CA ILE C 137 10.75 -7.18 31.31
C ILE C 137 9.91 -6.33 32.25
N ARG C 138 9.34 -6.98 33.28
CA ARG C 138 8.50 -6.28 34.27
C ARG C 138 9.25 -5.22 35.09
N SER C 139 10.50 -5.50 35.45
CA SER C 139 11.27 -4.61 36.30
C SER C 139 11.88 -3.43 35.55
N GLY C 140 12.00 -3.57 34.23
CA GLY C 140 12.74 -2.58 33.44
C GLY C 140 14.23 -2.88 33.38
N ALA C 141 14.64 -4.03 33.92
CA ALA C 141 16.03 -4.50 33.78
C ALA C 141 16.35 -4.80 32.31
N LEU C 142 15.38 -5.38 31.60
CA LEU C 142 15.52 -5.67 30.19
C LEU C 142 14.80 -4.56 29.42
N LYS C 143 15.58 -3.73 28.74
CA LYS C 143 15.04 -2.53 28.08
C LYS C 143 14.93 -2.69 26.56
N GLY C 144 14.20 -1.79 25.92
CA GLY C 144 14.18 -1.73 24.46
C GLY C 144 15.53 -1.24 23.94
N ALA C 145 15.66 -1.20 22.62
CA ALA C 145 16.94 -0.90 21.96
C ALA C 145 17.41 0.53 22.23
N THR C 146 16.51 1.42 22.62
CA THR C 146 16.92 2.79 22.96
C THR C 146 16.94 3.06 24.47
N GLY C 147 16.92 1.98 25.25
CA GLY C 147 16.97 2.04 26.73
C GLY C 147 15.66 2.28 27.48
N ARG C 148 14.51 2.06 26.83
CA ARG C 148 13.21 2.32 27.48
C ARG C 148 12.65 1.08 28.17
N LYS C 149 11.96 1.30 29.27
CA LYS C 149 11.21 0.22 29.94
C LYS C 149 10.12 -0.19 28.97
N ILE C 150 9.90 -1.50 28.84
CA ILE C 150 8.83 -2.02 27.99
C ILE C 150 7.46 -1.70 28.64
N THR C 151 6.58 -1.06 27.89
CA THR C 151 5.26 -0.66 28.37
C THR C 151 4.14 -1.51 27.78
N ASP C 152 4.41 -2.19 26.66
CA ASP C 152 3.41 -2.94 25.93
C ASP C 152 4.04 -4.20 25.36
N ILE C 153 3.32 -5.32 25.49
CA ILE C 153 3.68 -6.57 24.84
C ILE C 153 2.57 -6.95 23.88
N VAL C 154 2.97 -7.45 22.73
CA VAL C 154 2.06 -7.86 21.69
C VAL C 154 2.34 -9.34 21.38
N ASN C 155 1.42 -10.22 21.76
CA ASN C 155 1.50 -11.62 21.36
C ASN C 155 0.92 -11.78 19.95
N ILE C 156 1.61 -12.56 19.13
CA ILE C 156 1.15 -12.90 17.80
C ILE C 156 1.10 -14.42 17.72
N GLY C 157 -0.12 -14.96 17.55
CA GLY C 157 -0.31 -16.39 17.44
C GLY C 157 -1.70 -16.69 16.90
N ILE C 158 -1.97 -17.93 16.53
CA ILE C 158 -3.33 -18.35 16.14
CA ILE C 158 -3.34 -18.34 16.18
C ILE C 158 -3.82 -19.51 17.01
N GLY C 159 -5.14 -19.75 16.98
CA GLY C 159 -5.78 -20.80 17.76
C GLY C 159 -5.23 -20.92 19.17
N GLY C 160 -4.57 -22.04 19.45
CA GLY C 160 -4.09 -22.32 20.79
C GLY C 160 -2.97 -21.38 21.24
N SER C 161 -2.32 -20.73 20.28
CA SER C 161 -1.29 -19.76 20.63
C SER C 161 -1.89 -18.38 20.99
N ASP C 162 -3.23 -18.27 21.01
CA ASP C 162 -3.94 -17.01 21.25
C ASP C 162 -5.06 -17.05 22.31
N LEU C 163 -5.99 -17.99 22.17
CA LEU C 163 -7.20 -17.94 22.96
C LEU C 163 -6.92 -18.12 24.45
N GLY C 164 -6.00 -19.01 24.77
CA GLY C 164 -5.59 -19.20 26.17
C GLY C 164 -4.94 -17.94 26.75
N PRO C 165 -3.91 -17.44 26.10
CA PRO C 165 -3.32 -16.18 26.54
C PRO C 165 -4.34 -15.04 26.72
N VAL C 166 -5.24 -14.85 25.77
CA VAL C 166 -6.25 -13.81 25.89
C VAL C 166 -7.13 -14.07 27.11
N MET C 167 -7.72 -15.26 27.16
CA MET C 167 -8.63 -15.65 28.22
C MET C 167 -8.02 -15.44 29.62
N ALA C 168 -6.81 -15.94 29.81
CA ALA C 168 -6.21 -15.94 31.15
C ALA C 168 -5.80 -14.53 31.57
N THR C 169 -5.28 -13.77 30.61
CA THR C 169 -4.85 -12.41 30.88
C THR C 169 -6.03 -11.56 31.29
N LEU C 170 -7.16 -11.65 30.58
CA LEU C 170 -8.38 -10.94 30.96
C LEU C 170 -8.97 -11.41 32.29
N ALA C 171 -9.00 -12.72 32.49
CA ALA C 171 -9.48 -13.30 33.73
C ALA C 171 -8.71 -12.83 34.97
N LEU C 172 -7.41 -12.56 34.80
CA LEU C 172 -6.55 -12.22 35.93
C LEU C 172 -6.20 -10.74 35.96
N ALA C 173 -7.11 -9.90 35.48
CA ALA C 173 -6.90 -8.45 35.50
C ALA C 173 -6.45 -7.87 36.85
N PRO C 174 -7.03 -8.34 37.97
CA PRO C 174 -6.59 -7.80 39.28
C PRO C 174 -5.13 -8.10 39.63
N TYR C 175 -4.51 -9.02 38.88
CA TYR C 175 -3.16 -9.47 39.12
C TYR C 175 -2.18 -8.96 38.06
N HIS C 176 -2.64 -8.04 37.23
CA HIS C 176 -1.90 -7.56 36.11
C HIS C 176 -1.81 -6.05 36.12
N ASP C 177 -0.58 -5.53 36.14
CA ASP C 177 -0.34 -4.10 36.16
C ASP C 177 0.31 -3.62 34.83
N GLU C 178 1.63 -3.47 34.85
CA GLU C 178 2.43 -3.15 33.70
C GLU C 178 3.32 -4.35 33.41
N PRO C 179 3.66 -4.57 32.13
CA PRO C 179 3.25 -3.84 30.95
C PRO C 179 1.86 -4.29 30.48
N ARG C 180 1.26 -3.49 29.61
CA ARG C 180 -0.04 -3.82 29.04
C ARG C 180 0.15 -4.95 28.05
N ALA C 181 -0.89 -5.75 27.86
CA ALA C 181 -0.79 -6.93 27.01
C ALA C 181 -1.79 -6.81 25.88
N HIS C 182 -1.33 -7.12 24.67
CA HIS C 182 -2.18 -7.08 23.47
C HIS C 182 -2.00 -8.41 22.74
N PHE C 183 -3.02 -8.80 21.98
CA PHE C 183 -3.04 -10.11 21.33
C PHE C 183 -3.53 -9.98 19.90
N VAL C 184 -2.65 -10.34 18.97
CA VAL C 184 -2.95 -10.35 17.55
C VAL C 184 -3.03 -11.79 17.06
N SER C 185 -4.04 -12.07 16.27
CA SER C 185 -4.25 -13.43 15.78
C SER C 185 -4.81 -13.49 14.34
N ASN C 186 -5.75 -12.62 14.01
CA ASN C 186 -6.34 -12.65 12.66
C ASN C 186 -5.30 -12.34 11.57
N ILE C 187 -5.40 -12.99 10.41
CA ILE C 187 -4.56 -12.61 9.29
C ILE C 187 -5.06 -11.27 8.70
N ASP C 188 -6.32 -10.95 8.94
CA ASP C 188 -6.89 -9.67 8.53
C ASP C 188 -5.93 -8.57 9.02
N GLY C 189 -5.45 -7.73 8.12
CA GLY C 189 -4.46 -6.69 8.47
C GLY C 189 -4.96 -5.68 9.49
N ALA C 190 -6.29 -5.58 9.63
CA ALA C 190 -6.87 -4.74 10.66
C ALA C 190 -6.32 -5.07 12.04
N HIS C 191 -6.06 -6.35 12.31
CA HIS C 191 -5.68 -6.76 13.66
C HIS C 191 -4.31 -6.21 14.07
N ILE C 192 -3.29 -6.52 13.29
CA ILE C 192 -1.94 -5.99 13.55
C ILE C 192 -1.90 -4.46 13.39
N ALA C 193 -2.63 -3.91 12.43
CA ALA C 193 -2.61 -2.47 12.20
C ALA C 193 -3.24 -1.69 13.37
N ASP C 194 -4.45 -2.09 13.77
CA ASP C 194 -5.12 -1.43 14.89
C ASP C 194 -4.36 -1.61 16.23
N THR C 195 -3.67 -2.73 16.39
CA THR C 195 -2.93 -3.01 17.63
C THR C 195 -1.64 -2.20 17.71
N LEU C 196 -0.88 -2.14 16.61
CA LEU C 196 0.42 -1.48 16.62
C LEU C 196 0.35 0.03 16.47
N SER C 197 -0.66 0.52 15.75
CA SER C 197 -0.75 1.94 15.46
CA SER C 197 -0.76 1.94 15.45
C SER C 197 -0.62 2.86 16.69
N PRO C 198 -1.31 2.57 17.81
CA PRO C 198 -1.13 3.48 18.97
C PRO C 198 0.17 3.30 19.76
N LEU C 199 1.01 2.33 19.40
CA LEU C 199 2.12 1.95 20.24
C LEU C 199 3.41 2.58 19.77
N ASP C 200 4.39 2.64 20.68
CA ASP C 200 5.74 3.09 20.37
C ASP C 200 6.65 1.87 20.26
N PRO C 201 7.30 1.67 19.10
CA PRO C 201 8.20 0.51 19.03
C PRO C 201 9.26 0.49 20.12
N ALA C 202 9.77 1.65 20.50
CA ALA C 202 10.82 1.76 21.50
C ALA C 202 10.47 1.10 22.86
N SER C 203 9.17 1.00 23.18
CA SER C 203 8.73 0.42 24.45
C SER C 203 7.81 -0.77 24.25
N THR C 204 7.89 -1.41 23.09
CA THR C 204 7.04 -2.57 22.79
C THR C 204 7.84 -3.83 22.56
N LEU C 205 7.41 -4.93 23.19
CA LEU C 205 7.95 -6.27 22.94
C LEU C 205 6.92 -7.06 22.15
N ILE C 206 7.37 -7.67 21.08
CA ILE C 206 6.57 -8.56 20.27
C ILE C 206 6.94 -9.99 20.63
N ILE C 207 5.94 -10.82 20.92
CA ILE C 207 6.16 -12.27 21.16
C ILE C 207 5.51 -13.03 20.02
N VAL C 208 6.31 -13.85 19.34
CA VAL C 208 5.85 -14.65 18.20
C VAL C 208 5.77 -16.11 18.65
N ALA C 209 4.54 -16.60 18.71
CA ALA C 209 4.22 -17.95 19.12
C ALA C 209 3.93 -18.86 17.92
N SER C 210 4.91 -19.68 17.58
CA SER C 210 4.81 -20.68 16.53
C SER C 210 5.87 -21.76 16.72
N LYS C 211 5.45 -23.00 16.94
CA LYS C 211 6.43 -24.08 17.19
C LYS C 211 7.44 -24.20 16.05
N THR C 212 6.91 -24.19 14.82
CA THR C 212 7.71 -24.39 13.64
C THR C 212 8.38 -23.09 13.13
N PHE C 213 7.85 -21.96 13.57
CA PHE C 213 8.17 -20.64 13.04
C PHE C 213 7.95 -20.55 11.52
N THR C 214 7.03 -21.38 11.01
CA THR C 214 6.56 -21.28 9.62
C THR C 214 5.03 -21.16 9.51
N THR C 215 4.31 -21.11 10.64
CA THR C 215 2.84 -20.95 10.63
C THR C 215 2.49 -19.74 9.75
N ILE C 216 1.77 -19.95 8.65
CA ILE C 216 1.69 -18.91 7.62
C ILE C 216 1.09 -17.60 8.14
N GLU C 217 -0.04 -17.67 8.82
CA GLU C 217 -0.71 -16.44 9.26
C GLU C 217 0.12 -15.74 10.30
N THR C 218 0.55 -16.49 11.31
CA THR C 218 1.35 -15.91 12.40
C THR C 218 2.63 -15.28 11.88
N MET C 219 3.34 -15.96 10.98
CA MET C 219 4.63 -15.47 10.50
C MET C 219 4.45 -14.27 9.54
N THR C 220 3.34 -14.21 8.81
CA THR C 220 3.00 -13.02 8.02
C THR C 220 2.81 -11.81 8.95
N ASN C 221 1.99 -11.99 10.00
CA ASN C 221 1.84 -10.96 11.06
C ASN C 221 3.18 -10.62 11.69
N ALA C 222 3.99 -11.64 11.99
CA ALA C 222 5.28 -11.42 12.60
C ALA C 222 6.20 -10.57 11.74
N GLN C 223 6.22 -10.83 10.43
CA GLN C 223 7.06 -10.02 9.54
C GLN C 223 6.54 -8.56 9.44
N THR C 224 5.22 -8.38 9.50
CA THR C 224 4.65 -7.02 9.56
C THR C 224 5.13 -6.27 10.81
N ALA C 225 5.11 -6.96 11.96
CA ALA C 225 5.60 -6.38 13.22
C ALA C 225 7.10 -6.14 13.17
N ARG C 226 7.83 -7.06 12.55
CA ARG C 226 9.30 -6.92 12.44
C ARG C 226 9.66 -5.64 11.68
N LYS C 227 8.93 -5.39 10.59
CA LYS C 227 9.14 -4.18 9.79
C LYS C 227 8.79 -2.93 10.59
N TRP C 228 7.73 -3.02 11.38
CA TRP C 228 7.29 -1.91 12.24
C TRP C 228 8.37 -1.54 13.25
N VAL C 229 9.01 -2.56 13.82
CA VAL C 229 10.16 -2.29 14.69
C VAL C 229 11.36 -1.73 13.91
N ALA C 230 11.76 -2.43 12.86
CA ALA C 230 12.98 -2.06 12.12
C ALA C 230 12.87 -0.70 11.42
N ASP C 231 11.71 -0.41 10.83
CA ASP C 231 11.46 0.91 10.21
C ASP C 231 11.80 2.08 11.13
N THR C 232 11.46 1.96 12.41
CA THR C 232 11.68 3.05 13.36
C THR C 232 12.99 2.94 14.11
N LEU C 233 13.36 1.73 14.50
CA LEU C 233 14.51 1.55 15.39
C LEU C 233 15.75 0.97 14.72
N GLY C 234 15.60 0.51 13.48
CA GLY C 234 16.68 -0.13 12.72
C GLY C 234 16.71 -1.63 12.84
N GLU C 235 17.23 -2.31 11.83
CA GLU C 235 17.40 -3.77 11.83
C GLU C 235 18.00 -4.32 13.14
N ALA C 236 19.06 -3.69 13.62
CA ALA C 236 19.79 -4.18 14.81
C ALA C 236 18.94 -4.26 16.08
N ALA C 237 17.88 -3.45 16.14
CA ALA C 237 17.00 -3.36 17.29
C ALA C 237 16.04 -4.55 17.44
N VAL C 238 15.89 -5.35 16.39
CA VAL C 238 14.93 -6.44 16.38
C VAL C 238 15.14 -7.39 17.59
N GLY C 239 16.38 -7.73 17.91
CA GLY C 239 16.65 -8.67 18.99
C GLY C 239 16.23 -8.17 20.38
N ALA C 240 16.15 -6.85 20.57
CA ALA C 240 15.71 -6.29 21.85
C ALA C 240 14.19 -6.11 21.93
N HIS C 241 13.50 -6.35 20.83
CA HIS C 241 12.05 -6.11 20.77
C HIS C 241 11.24 -7.34 20.42
N PHE C 242 11.88 -8.51 20.38
CA PHE C 242 11.17 -9.76 20.10
C PHE C 242 11.52 -10.84 21.09
N ALA C 243 10.57 -11.75 21.29
CA ALA C 243 10.82 -13.05 21.90
C ALA C 243 10.04 -14.06 21.04
N ALA C 244 10.45 -15.32 21.09
CA ALA C 244 9.83 -16.40 20.33
C ALA C 244 9.38 -17.54 21.24
N VAL C 245 8.19 -18.05 21.01
CA VAL C 245 7.76 -19.30 21.62
C VAL C 245 7.77 -20.29 20.46
N SER C 246 8.84 -21.05 20.39
CA SER C 246 9.18 -21.84 19.23
C SER C 246 10.28 -22.87 19.56
N THR C 247 10.36 -23.94 18.75
CA THR C 247 11.50 -24.84 18.82
C THR C 247 12.36 -24.84 17.55
N ALA C 248 12.07 -23.94 16.61
CA ALA C 248 12.79 -23.89 15.34
C ALA C 248 13.96 -22.93 15.49
N LEU C 249 15.04 -23.41 16.08
CA LEU C 249 16.12 -22.54 16.52
C LEU C 249 16.85 -21.89 15.33
N ASP C 250 16.84 -22.60 14.21
CA ASP C 250 17.44 -22.10 12.99
C ASP C 250 16.63 -20.88 12.48
N LYS C 251 15.31 -21.03 12.48
CA LYS C 251 14.43 -20.01 11.91
C LYS C 251 14.31 -18.80 12.81
N VAL C 252 14.37 -19.02 14.12
CA VAL C 252 14.30 -17.91 15.05
C VAL C 252 15.59 -17.09 14.95
N ALA C 253 16.72 -17.77 14.73
CA ALA C 253 18.01 -17.04 14.59
C ALA C 253 17.98 -16.18 13.31
N ALA C 254 17.50 -16.77 12.23
CA ALA C 254 17.38 -16.08 10.94
C ALA C 254 16.50 -14.83 11.04
N PHE C 255 15.48 -14.89 11.88
CA PHE C 255 14.59 -13.76 12.15
C PHE C 255 15.28 -12.67 12.98
N GLY C 256 16.34 -13.04 13.69
CA GLY C 256 17.11 -12.08 14.46
C GLY C 256 16.79 -12.08 15.94
N ILE C 257 16.18 -13.16 16.42
CA ILE C 257 15.83 -13.28 17.84
C ILE C 257 16.92 -14.10 18.55
N PRO C 258 17.59 -13.50 19.57
CA PRO C 258 18.60 -14.25 20.30
C PRO C 258 18.05 -15.48 21.01
N GLU C 259 18.91 -16.50 21.12
CA GLU C 259 18.48 -17.77 21.70
C GLU C 259 17.96 -17.63 23.12
N ASP C 260 18.51 -16.67 23.88
CA ASP C 260 18.05 -16.45 25.25
C ASP C 260 16.67 -15.80 25.36
N ARG C 261 16.07 -15.50 24.22
CA ARG C 261 14.68 -15.03 24.17
C ARG C 261 13.78 -15.99 23.42
N VAL C 262 14.17 -17.25 23.32
CA VAL C 262 13.35 -18.28 22.67
C VAL C 262 13.02 -19.35 23.70
N PHE C 263 11.72 -19.67 23.79
CA PHE C 263 11.18 -20.58 24.80
C PHE C 263 10.40 -21.71 24.13
N GLY C 264 10.85 -22.94 24.35
CA GLY C 264 10.32 -24.10 23.65
C GLY C 264 9.22 -24.84 24.38
N PHE C 265 8.62 -25.76 23.63
CA PHE C 265 7.69 -26.73 24.18
C PHE C 265 7.77 -28.01 23.34
N TRP C 266 6.85 -28.96 23.57
CA TRP C 266 7.04 -30.33 23.08
C TRP C 266 5.86 -30.82 22.27
N ASP C 267 6.08 -31.86 21.47
CA ASP C 267 5.08 -32.43 20.55
CA ASP C 267 5.03 -32.31 20.57
C ASP C 267 3.86 -32.94 21.31
N TRP C 268 4.04 -33.26 22.58
CA TRP C 268 2.97 -33.81 23.41
C TRP C 268 2.15 -32.70 24.13
N VAL C 269 2.41 -31.45 23.74
CA VAL C 269 1.58 -30.32 24.14
C VAL C 269 0.71 -29.90 22.95
N GLY C 270 -0.58 -30.18 23.02
CA GLY C 270 -1.52 -29.78 21.98
C GLY C 270 -1.77 -28.28 22.07
N GLY C 271 -1.91 -27.63 20.93
CA GLY C 271 -2.17 -26.18 20.90
C GLY C 271 -3.28 -25.75 21.84
N ARG C 272 -4.40 -26.47 21.80
CA ARG C 272 -5.55 -26.11 22.65
C ARG C 272 -5.39 -26.53 24.11
N TYR C 273 -4.22 -27.09 24.44
CA TYR C 273 -3.84 -27.45 25.80
C TYR C 273 -2.45 -26.82 26.15
N SER C 274 -2.09 -25.71 25.50
CA SER C 274 -0.72 -25.17 25.59
C SER C 274 -0.52 -23.95 26.47
N VAL C 275 -1.60 -23.38 27.02
CA VAL C 275 -1.47 -22.12 27.79
C VAL C 275 -0.54 -22.30 29.01
N TRP C 276 -0.38 -23.54 29.44
CA TRP C 276 0.44 -23.93 30.60
C TRP C 276 1.92 -23.93 30.30
N SER C 277 2.25 -23.95 29.01
CA SER C 277 3.63 -24.08 28.51
C SER C 277 4.20 -22.70 28.30
N ALA C 278 5.34 -22.66 27.62
CA ALA C 278 5.90 -21.42 27.06
C ALA C 278 4.90 -20.54 26.33
N ILE C 279 3.88 -21.14 25.72
CA ILE C 279 2.81 -20.35 25.07
C ILE C 279 2.18 -19.33 26.04
N GLY C 280 2.18 -19.66 27.33
CA GLY C 280 1.69 -18.74 28.34
C GLY C 280 2.61 -17.61 28.73
N LEU C 281 3.74 -17.46 28.05
CA LEU C 281 4.65 -16.37 28.33
C LEU C 281 4.00 -14.99 28.46
N PRO C 282 3.14 -14.57 27.50
CA PRO C 282 2.50 -13.27 27.70
C PRO C 282 1.66 -13.20 28.99
N VAL C 283 1.08 -14.32 29.40
CA VAL C 283 0.33 -14.34 30.65
C VAL C 283 1.29 -14.13 31.81
N MET C 284 2.44 -14.81 31.78
CA MET C 284 3.42 -14.71 32.85
C MET C 284 4.00 -13.29 32.91
N ILE C 285 4.19 -12.65 31.77
CA ILE C 285 4.66 -11.25 31.77
C ILE C 285 3.59 -10.32 32.38
N ALA C 286 2.33 -10.61 32.09
CA ALA C 286 1.20 -9.81 32.59
C ALA C 286 1.02 -9.91 34.11
N VAL C 287 1.00 -11.13 34.64
CA VAL C 287 0.68 -11.35 36.06
C VAL C 287 1.88 -11.67 36.94
N GLY C 288 3.02 -11.96 36.31
CA GLY C 288 4.26 -12.26 37.03
C GLY C 288 4.42 -13.76 37.19
N PRO C 289 5.66 -14.23 37.39
CA PRO C 289 5.84 -15.68 37.51
C PRO C 289 5.16 -16.33 38.70
N ASP C 290 5.10 -15.64 39.84
CA ASP C 290 4.49 -16.25 41.02
C ASP C 290 3.02 -16.53 40.74
N ASN C 291 2.32 -15.57 40.15
CA ASN C 291 0.91 -15.78 39.79
C ASN C 291 0.76 -16.86 38.71
N PHE C 292 1.71 -16.91 37.77
CA PHE C 292 1.63 -17.92 36.73
C PHE C 292 1.80 -19.31 37.35
N ARG C 293 2.72 -19.42 38.30
CA ARG C 293 2.91 -20.70 38.99
C ARG C 293 1.71 -21.09 39.84
N LYS C 294 0.98 -20.11 40.39
CA LYS C 294 -0.25 -20.43 41.12
C LYS C 294 -1.33 -20.97 40.18
N PHE C 295 -1.38 -20.39 38.99
CA PHE C 295 -2.24 -20.85 37.88
C PHE C 295 -1.90 -22.30 37.57
N LEU C 296 -0.62 -22.62 37.42
CA LEU C 296 -0.20 -24.03 37.22
C LEU C 296 -0.63 -24.91 38.40
N ALA C 297 -0.46 -24.38 39.61
CA ALA C 297 -0.75 -25.17 40.81
C ALA C 297 -2.22 -25.55 40.87
N GLY C 298 -3.11 -24.67 40.41
CA GLY C 298 -4.54 -24.95 40.46
C GLY C 298 -4.95 -26.06 39.51
N ALA C 299 -4.40 -26.01 38.32
CA ALA C 299 -4.53 -27.09 37.36
C ALA C 299 -4.00 -28.39 37.92
N HIS C 300 -2.81 -28.34 38.52
CA HIS C 300 -2.19 -29.51 39.11
C HIS C 300 -3.08 -30.15 40.20
N ALA C 301 -3.71 -29.34 41.05
CA ALA C 301 -4.63 -29.86 42.06
C ALA C 301 -5.79 -30.62 41.41
N MET C 302 -6.34 -30.08 40.33
CA MET C 302 -7.38 -30.77 39.57
C MET C 302 -6.88 -32.03 38.90
N ASP C 303 -5.65 -32.01 38.40
CA ASP C 303 -5.05 -33.23 37.84
C ASP C 303 -4.93 -34.39 38.85
N VAL C 304 -4.37 -34.11 40.02
CA VAL C 304 -4.23 -35.08 41.12
C VAL C 304 -5.62 -35.62 41.51
N HIS C 305 -6.58 -34.74 41.69
CA HIS C 305 -7.96 -35.15 41.95
C HIS C 305 -8.51 -36.08 40.82
N PHE C 306 -8.37 -35.64 39.58
CA PHE C 306 -8.85 -36.42 38.43
C PHE C 306 -8.25 -37.82 38.43
N ARG C 307 -6.95 -37.89 38.68
CA ARG C 307 -6.22 -39.17 38.63
C ARG C 307 -6.61 -40.04 39.78
N ASP C 308 -6.86 -39.45 40.94
CA ASP C 308 -6.90 -40.24 42.19
C ASP C 308 -8.29 -40.48 42.80
N ALA C 309 -9.27 -39.61 42.51
CA ALA C 309 -10.57 -39.74 43.12
C ALA C 309 -11.35 -40.89 42.47
N PRO C 310 -12.03 -41.71 43.29
CA PRO C 310 -12.89 -42.73 42.70
C PRO C 310 -14.02 -42.10 41.89
N LEU C 311 -14.53 -42.85 40.92
CA LEU C 311 -15.50 -42.33 39.97
C LEU C 311 -16.59 -41.49 40.65
N GLU C 312 -17.19 -42.01 41.72
CA GLU C 312 -18.33 -41.33 42.38
C GLU C 312 -18.00 -39.98 43.05
N LYS C 313 -16.72 -39.72 43.30
CA LYS C 313 -16.27 -38.46 43.90
C LYS C 313 -15.51 -37.56 42.91
N ASN C 314 -15.43 -37.97 41.64
CA ASN C 314 -14.50 -37.39 40.67
C ASN C 314 -15.22 -36.32 39.83
N LEU C 315 -14.92 -35.05 40.11
CA LEU C 315 -15.63 -33.91 39.51
C LEU C 315 -15.58 -33.92 37.97
N PRO C 316 -14.38 -34.06 37.36
CA PRO C 316 -14.34 -34.06 35.89
C PRO C 316 -15.03 -35.27 35.28
N VAL C 317 -14.93 -36.44 35.91
CA VAL C 317 -15.66 -37.61 35.41
C VAL C 317 -17.16 -37.31 35.44
N MET C 318 -17.68 -36.78 36.55
CA MET C 318 -19.11 -36.51 36.65
C MET C 318 -19.54 -35.44 35.65
N LEU C 319 -18.70 -34.42 35.47
CA LEU C 319 -18.99 -33.38 34.51
C LEU C 319 -19.02 -33.91 33.07
N GLY C 320 -18.09 -34.81 32.73
CA GLY C 320 -18.10 -35.44 31.41
C GLY C 320 -19.30 -36.37 31.23
N LEU C 321 -19.66 -37.11 32.28
CA LEU C 321 -20.83 -38.03 32.21
C LEU C 321 -22.11 -37.24 32.01
N ILE C 322 -22.26 -36.15 32.75
CA ILE C 322 -23.45 -35.32 32.59
C ILE C 322 -23.48 -34.67 31.20
N GLY C 323 -22.35 -34.19 30.70
CA GLY C 323 -22.30 -33.59 29.34
C GLY C 323 -22.62 -34.59 28.24
N TYR C 324 -22.16 -35.82 28.44
CA TYR C 324 -22.42 -36.90 27.50
C TYR C 324 -23.90 -37.25 27.53
N TRP C 325 -24.45 -37.37 28.72
CA TRP C 325 -25.89 -37.59 28.92
C TRP C 325 -26.71 -36.58 28.14
N HIS C 326 -26.39 -35.32 28.34
CA HIS C 326 -27.14 -34.23 27.69
C HIS C 326 -27.07 -34.30 26.18
N ARG C 327 -25.88 -34.55 25.64
CA ARG C 327 -25.63 -34.55 24.20
C ARG C 327 -26.10 -35.84 23.54
N ALA C 328 -25.54 -36.97 23.97
CA ALA C 328 -25.74 -38.21 23.26
C ALA C 328 -27.04 -38.91 23.60
N ILE C 329 -27.57 -38.68 24.81
CA ILE C 329 -28.78 -39.40 25.25
C ILE C 329 -30.02 -38.52 25.19
N CYS C 330 -29.95 -37.35 25.84
CA CYS C 330 -31.07 -36.42 25.81
C CYS C 330 -31.22 -35.72 24.46
N GLY C 331 -30.15 -35.73 23.65
CA GLY C 331 -30.19 -35.19 22.28
C GLY C 331 -29.98 -33.69 22.18
N TYR C 332 -29.34 -33.08 23.18
CA TYR C 332 -29.10 -31.63 23.15
C TYR C 332 -27.85 -31.35 22.31
N GLY C 333 -28.02 -30.65 21.17
CA GLY C 333 -26.96 -30.36 20.23
C GLY C 333 -25.94 -29.29 20.61
N SER C 334 -26.26 -28.51 21.64
CA SER C 334 -25.38 -27.46 22.13
C SER C 334 -25.40 -27.40 23.64
N ARG C 335 -24.42 -26.72 24.20
CA ARG C 335 -24.41 -26.40 25.61
C ARG C 335 -23.90 -24.98 25.81
N ALA C 336 -24.60 -24.26 26.68
CA ALA C 336 -24.29 -22.88 26.98
C ALA C 336 -23.51 -22.81 28.27
N ILE C 337 -22.32 -22.25 28.19
CA ILE C 337 -21.45 -22.05 29.35
C ILE C 337 -21.43 -20.55 29.70
N ILE C 338 -22.01 -20.23 30.85
CA ILE C 338 -22.28 -18.85 31.25
C ILE C 338 -21.59 -18.55 32.57
N PRO C 339 -20.38 -18.00 32.49
CA PRO C 339 -19.65 -17.59 33.67
C PRO C 339 -20.11 -16.23 34.20
N TYR C 340 -20.53 -16.22 35.45
CA TYR C 340 -21.01 -14.98 36.09
C TYR C 340 -19.82 -14.22 36.66
N ASP C 341 -19.03 -13.69 35.73
CA ASP C 341 -17.79 -12.99 36.01
C ASP C 341 -17.38 -12.33 34.71
N GLN C 342 -17.41 -11.01 34.68
CA GLN C 342 -17.06 -10.26 33.50
C GLN C 342 -15.62 -10.57 33.06
N ARG C 343 -14.73 -10.88 34.01
CA ARG C 343 -13.34 -11.17 33.68
C ARG C 343 -13.21 -12.50 32.93
N LEU C 344 -14.23 -13.34 32.98
CA LEU C 344 -14.24 -14.58 32.18
C LEU C 344 -14.93 -14.38 30.84
N SER C 345 -14.90 -13.13 30.35
CA SER C 345 -15.58 -12.77 29.09
C SER C 345 -15.13 -13.60 27.91
N ARG C 346 -13.86 -14.04 27.92
CA ARG C 346 -13.33 -14.84 26.83
C ARG C 346 -13.10 -16.32 27.19
N LEU C 347 -13.71 -16.79 28.28
CA LEU C 347 -13.71 -18.19 28.65
C LEU C 347 -14.55 -19.03 27.66
N PRO C 348 -15.79 -18.60 27.35
CA PRO C 348 -16.54 -19.42 26.39
C PRO C 348 -15.83 -19.65 25.07
N ALA C 349 -15.18 -18.62 24.52
CA ALA C 349 -14.48 -18.73 23.25
C ALA C 349 -13.30 -19.72 23.42
N TYR C 350 -12.63 -19.65 24.56
CA TYR C 350 -11.56 -20.60 24.87
C TYR C 350 -12.06 -22.05 24.92
N LEU C 351 -13.16 -22.23 25.62
CA LEU C 351 -13.78 -23.51 25.78
C LEU C 351 -14.33 -24.06 24.46
N GLN C 352 -14.72 -23.18 23.54
CA GLN C 352 -15.10 -23.64 22.20
C GLN C 352 -13.98 -24.37 21.51
N GLN C 353 -12.76 -23.83 21.57
CA GLN C 353 -11.66 -24.51 20.94
C GLN C 353 -11.35 -25.82 21.68
N LEU C 354 -11.28 -25.77 23.01
CA LEU C 354 -10.92 -26.93 23.79
C LEU C 354 -11.86 -28.10 23.49
N ASP C 355 -13.13 -27.81 23.51
CA ASP C 355 -14.16 -28.83 23.37
C ASP C 355 -14.41 -29.21 21.92
N MET C 356 -14.75 -28.22 21.11
CA MET C 356 -15.18 -28.46 19.74
C MET C 356 -14.04 -28.99 18.82
N GLU C 357 -12.84 -28.44 18.95
CA GLU C 357 -11.73 -28.96 18.17
C GLU C 357 -11.26 -30.32 18.67
N SER C 358 -11.39 -30.60 19.97
CA SER C 358 -11.05 -31.95 20.50
C SER C 358 -12.08 -32.99 20.05
N ASN C 359 -13.36 -32.69 20.22
CA ASN C 359 -14.41 -33.71 20.12
C ASN C 359 -15.33 -33.62 18.91
N GLY C 360 -15.09 -32.63 18.05
CA GLY C 360 -15.82 -32.51 16.79
C GLY C 360 -15.29 -33.47 15.74
N LYS C 361 -15.60 -34.76 15.95
CA LYS C 361 -14.97 -35.88 15.22
C LYS C 361 -16.04 -36.91 14.83
N SER C 362 -15.86 -37.53 13.68
CA SER C 362 -16.84 -38.53 13.18
C SER C 362 -16.26 -39.93 13.05
N VAL C 363 -14.98 -40.08 13.40
CA VAL C 363 -14.36 -41.40 13.40
CA VAL C 363 -14.29 -41.36 13.35
C VAL C 363 -13.71 -41.74 14.74
N THR C 364 -13.73 -43.03 15.04
CA THR C 364 -13.18 -43.53 16.28
C THR C 364 -11.66 -43.62 16.20
N LEU C 365 -11.04 -43.92 17.33
CA LEU C 365 -9.59 -44.18 17.38
C LEU C 365 -9.15 -45.12 16.27
N ASP C 366 -9.90 -46.21 16.07
CA ASP C 366 -9.55 -47.24 15.08
C ASP C 366 -10.03 -46.92 13.65
N GLY C 367 -10.48 -45.70 13.42
CA GLY C 367 -10.87 -45.28 12.08
C GLY C 367 -12.26 -45.71 11.58
N LYS C 368 -13.16 -46.09 12.49
CA LYS C 368 -14.51 -46.51 12.15
C LYS C 368 -15.53 -45.38 12.41
N PRO C 369 -16.69 -45.44 11.74
CA PRO C 369 -17.69 -44.40 11.99
C PRO C 369 -18.15 -44.41 13.43
N VAL C 370 -18.24 -43.23 14.06
CA VAL C 370 -18.70 -43.15 15.44
C VAL C 370 -20.13 -43.65 15.59
N SER C 371 -20.47 -44.11 16.79
CA SER C 371 -21.78 -44.74 17.09
C SER C 371 -22.91 -43.76 17.44
N GLY C 372 -22.57 -42.53 17.77
CA GLY C 372 -23.61 -41.54 18.12
C GLY C 372 -23.08 -40.13 17.96
N PRO C 373 -23.83 -39.14 18.46
CA PRO C 373 -23.34 -37.77 18.42
C PRO C 373 -22.04 -37.63 19.23
N THR C 374 -21.16 -36.76 18.76
CA THR C 374 -19.93 -36.51 19.46
C THR C 374 -19.98 -35.08 20.01
N GLY C 375 -18.92 -34.31 19.91
CA GLY C 375 -18.88 -33.01 20.56
C GLY C 375 -20.06 -32.10 20.16
N PRO C 376 -20.68 -31.40 21.16
CA PRO C 376 -21.74 -30.45 20.90
C PRO C 376 -21.16 -29.09 20.55
N VAL C 377 -22.00 -28.20 20.03
CA VAL C 377 -21.60 -26.81 19.89
C VAL C 377 -21.54 -26.25 21.29
N VAL C 378 -20.43 -25.58 21.61
CA VAL C 378 -20.25 -24.89 22.88
C VAL C 378 -20.33 -23.40 22.60
N TRP C 379 -21.07 -22.66 23.40
CA TRP C 379 -21.23 -21.24 23.18
C TRP C 379 -21.59 -20.57 24.49
N GLY C 380 -21.47 -19.27 24.53
CA GLY C 380 -21.82 -18.52 25.74
C GLY C 380 -21.24 -17.12 25.81
N GLU C 381 -21.71 -16.39 26.82
CA GLU C 381 -21.21 -15.06 27.19
C GLU C 381 -21.28 -15.00 28.69
N PRO C 382 -20.54 -14.07 29.28
CA PRO C 382 -20.67 -13.95 30.71
C PRO C 382 -22.08 -13.58 31.17
N GLY C 383 -22.41 -13.95 32.39
CA GLY C 383 -23.59 -13.42 33.08
C GLY C 383 -23.12 -12.21 33.88
N THR C 384 -23.97 -11.22 34.15
CA THR C 384 -25.36 -11.17 33.74
C THR C 384 -25.61 -10.86 32.25
N ASN C 385 -24.57 -10.46 31.50
CA ASN C 385 -24.72 -9.97 30.10
C ASN C 385 -25.64 -10.87 29.26
N GLY C 386 -25.33 -12.16 29.27
CA GLY C 386 -26.05 -13.15 28.48
C GLY C 386 -27.54 -13.16 28.72
N GLN C 387 -27.97 -12.87 29.96
CA GLN C 387 -29.41 -12.84 30.32
C GLN C 387 -30.20 -11.88 29.48
N HIS C 388 -29.55 -10.78 29.14
CA HIS C 388 -30.16 -9.68 28.43
C HIS C 388 -29.97 -9.78 26.91
N ALA C 389 -29.37 -10.87 26.46
CA ALA C 389 -29.11 -11.08 25.05
C ALA C 389 -29.87 -12.30 24.55
N PHE C 390 -29.69 -13.45 25.19
CA PHE C 390 -30.24 -14.68 24.61
C PHE C 390 -30.94 -15.62 25.59
N PHE C 391 -31.05 -15.26 26.87
CA PHE C 391 -31.76 -16.13 27.79
C PHE C 391 -33.24 -16.29 27.46
N GLN C 392 -33.82 -15.30 26.77
CA GLN C 392 -35.17 -15.44 26.20
C GLN C 392 -35.35 -16.80 25.54
N LEU C 393 -34.40 -17.14 24.68
CA LEU C 393 -34.45 -18.40 23.94
C LEU C 393 -34.18 -19.61 24.86
N LEU C 394 -33.24 -19.47 25.78
CA LEU C 394 -32.96 -20.56 26.73
C LEU C 394 -34.18 -20.93 27.57
N HIS C 395 -35.03 -19.94 27.87
CA HIS C 395 -36.25 -20.17 28.67
C HIS C 395 -37.49 -20.57 27.84
N GLN C 396 -37.67 -19.94 26.67
CA GLN C 396 -38.91 -20.05 25.93
C GLN C 396 -38.75 -20.55 24.49
N GLY C 397 -37.53 -20.89 24.10
CA GLY C 397 -37.30 -21.48 22.79
C GLY C 397 -37.80 -22.91 22.69
N THR C 398 -37.84 -23.43 21.48
CA THR C 398 -38.40 -24.76 21.27
C THR C 398 -37.41 -25.88 21.67
N ASP C 399 -36.11 -25.63 21.65
CA ASP C 399 -35.15 -26.64 22.03
C ASP C 399 -34.75 -26.42 23.48
N THR C 400 -34.41 -27.50 24.18
CA THR C 400 -33.77 -27.38 25.49
C THR C 400 -32.28 -27.32 25.25
N ILE C 401 -31.63 -26.38 25.93
CA ILE C 401 -30.17 -26.22 25.87
C ILE C 401 -29.65 -26.27 27.29
N PRO C 402 -28.81 -27.26 27.61
CA PRO C 402 -28.30 -27.33 28.98
C PRO C 402 -27.39 -26.17 29.30
N LEU C 403 -27.47 -25.71 30.56
CA LEU C 403 -26.64 -24.63 31.06
C LEU C 403 -25.57 -25.10 32.02
N GLU C 404 -24.37 -24.52 31.85
CA GLU C 404 -23.27 -24.73 32.79
C GLU C 404 -22.92 -23.36 33.36
N PHE C 405 -23.31 -23.14 34.61
CA PHE C 405 -23.09 -21.87 35.30
C PHE C 405 -21.85 -21.91 36.16
N ILE C 406 -21.15 -20.76 36.23
CA ILE C 406 -19.93 -20.63 37.02
C ILE C 406 -19.96 -19.29 37.73
N VAL C 407 -19.70 -19.28 39.03
CA VAL C 407 -19.73 -18.02 39.80
C VAL C 407 -18.80 -18.14 41.01
N ALA C 408 -18.28 -16.99 41.44
CA ALA C 408 -17.48 -16.87 42.67
C ALA C 408 -18.30 -16.40 43.87
N ALA C 409 -17.91 -16.84 45.07
CA ALA C 409 -18.56 -16.41 46.30
C ALA C 409 -18.18 -14.96 46.63
N LYS C 410 -17.00 -14.53 46.19
CA LYS C 410 -16.50 -13.19 46.50
C LYS C 410 -15.91 -12.56 45.28
N GLY C 411 -16.11 -11.24 45.13
CA GLY C 411 -15.50 -10.48 44.02
C GLY C 411 -14.24 -9.82 44.52
N HIS C 412 -13.61 -9.03 43.67
CA HIS C 412 -12.36 -8.35 44.00
C HIS C 412 -12.56 -6.89 44.39
N GLU C 413 -13.81 -6.44 44.50
CA GLU C 413 -14.10 -5.01 44.74
C GLU C 413 -14.70 -4.86 46.14
N PRO C 414 -13.86 -4.49 47.15
CA PRO C 414 -14.35 -4.43 48.51
C PRO C 414 -15.55 -3.50 48.71
N THR C 415 -15.66 -2.43 47.93
CA THR C 415 -16.78 -1.50 48.12
C THR C 415 -18.05 -1.85 47.31
N LEU C 416 -17.96 -2.86 46.44
CA LEU C 416 -19.09 -3.23 45.57
C LEU C 416 -19.59 -4.67 45.82
N ASP C 417 -19.48 -5.14 47.06
CA ASP C 417 -19.99 -6.47 47.36
C ASP C 417 -21.51 -6.55 47.16
N HIS C 418 -22.22 -5.42 47.28
CA HIS C 418 -23.66 -5.43 46.96
C HIS C 418 -23.89 -5.81 45.49
N GLN C 419 -23.04 -5.30 44.60
CA GLN C 419 -23.12 -5.71 43.20
C GLN C 419 -22.80 -7.17 43.01
N HIS C 420 -21.83 -7.67 43.77
CA HIS C 420 -21.54 -9.07 43.72
C HIS C 420 -22.73 -9.91 44.22
N GLU C 421 -23.46 -9.42 45.20
CA GLU C 421 -24.63 -10.12 45.71
C GLU C 421 -25.70 -10.21 44.63
N MET C 422 -25.89 -9.12 43.89
CA MET C 422 -26.82 -9.14 42.75
C MET C 422 -26.35 -10.12 41.68
N LEU C 423 -25.06 -10.14 41.42
CA LEU C 423 -24.52 -11.10 40.47
C LEU C 423 -24.82 -12.56 40.85
N MET C 424 -24.54 -12.92 42.09
CA MET C 424 -24.81 -14.25 42.59
C MET C 424 -26.31 -14.57 42.56
N ALA C 425 -27.13 -13.59 42.97
CA ALA C 425 -28.56 -13.80 43.01
C ALA C 425 -29.11 -14.09 41.62
N ASN C 426 -28.59 -13.39 40.63
CA ASN C 426 -29.00 -13.59 39.24
C ASN C 426 -28.59 -14.97 38.74
N CYS C 427 -27.37 -15.39 39.06
CA CYS C 427 -26.90 -16.72 38.68
C CYS C 427 -27.81 -17.82 39.22
N LEU C 428 -28.08 -17.76 40.52
CA LEU C 428 -28.93 -18.75 41.17
C LEU C 428 -30.39 -18.67 40.70
N ALA C 429 -30.87 -17.46 40.44
CA ALA C 429 -32.24 -17.26 39.94
C ALA C 429 -32.45 -17.84 38.55
N GLN C 430 -31.44 -17.73 37.70
CA GLN C 430 -31.58 -18.26 36.34
C GLN C 430 -31.69 -19.80 36.35
N SER C 431 -30.87 -20.49 37.15
CA SER C 431 -30.96 -21.94 37.21
C SER C 431 -32.30 -22.36 37.87
N GLU C 432 -32.74 -21.58 38.86
CA GLU C 432 -33.98 -21.86 39.54
C GLU C 432 -35.14 -21.73 38.54
N ALA C 433 -35.12 -20.67 37.74
CA ALA C 433 -36.12 -20.40 36.71
C ALA C 433 -36.19 -21.47 35.64
N LEU C 434 -35.03 -21.93 35.19
CA LEU C 434 -34.96 -22.98 34.17
C LEU C 434 -35.58 -24.28 34.69
N MET C 435 -35.42 -24.54 35.98
CA MET C 435 -35.97 -25.74 36.57
C MET C 435 -37.47 -25.57 36.85
N LYS C 436 -37.84 -24.48 37.50
CA LYS C 436 -39.23 -24.41 38.00
C LYS C 436 -40.24 -23.94 36.97
N GLY C 437 -39.82 -23.13 36.01
CA GLY C 437 -40.75 -22.56 35.03
C GLY C 437 -41.90 -21.78 35.67
N ARG C 438 -42.99 -21.63 34.92
CA ARG C 438 -44.17 -20.90 35.37
C ARG C 438 -45.34 -21.42 34.57
N THR C 439 -46.39 -21.85 35.28
CA THR C 439 -47.54 -22.45 34.64
C THR C 439 -48.52 -21.37 34.14
N LEU C 440 -49.47 -21.78 33.32
CA LEU C 440 -50.49 -20.87 32.81
C LEU C 440 -51.27 -20.25 33.97
N ASP C 441 -51.64 -21.07 34.96
CA ASP C 441 -52.36 -20.54 36.12
C ASP C 441 -51.52 -19.51 36.85
N GLU C 442 -50.23 -19.76 37.00
CA GLU C 442 -49.38 -18.80 37.70
C GLU C 442 -49.24 -17.49 36.89
N ALA C 443 -49.08 -17.64 35.58
CA ALA C 443 -48.98 -16.47 34.67
C ALA C 443 -50.26 -15.67 34.72
N ARG C 444 -51.38 -16.36 34.69
CA ARG C 444 -52.67 -15.73 34.76
C ARG C 444 -52.81 -14.91 36.05
N ALA C 445 -52.43 -15.51 37.17
CA ALA C 445 -52.58 -14.92 38.50
C ALA C 445 -51.80 -13.59 38.61
N GLN C 446 -50.60 -13.58 38.05
CA GLN C 446 -49.78 -12.36 38.03
C GLN C 446 -50.45 -11.22 37.27
N LEU C 447 -51.01 -11.53 36.11
CA LEU C 447 -51.75 -10.55 35.30
C LEU C 447 -53.03 -10.06 35.99
N GLN C 448 -53.77 -10.98 36.62
CA GLN C 448 -54.95 -10.63 37.39
C GLN C 448 -54.63 -9.69 38.55
N ALA C 449 -53.44 -9.87 39.14
CA ALA C 449 -53.01 -9.03 40.25
C ALA C 449 -52.73 -7.60 39.79
N LYS C 450 -52.43 -7.41 38.50
CA LYS C 450 -52.37 -6.06 37.89
C LYS C 450 -53.73 -5.49 37.49
N ASN C 451 -54.80 -6.24 37.72
CA ASN C 451 -56.16 -5.83 37.38
C ASN C 451 -56.35 -5.47 35.91
N LEU C 452 -55.79 -6.27 35.03
CA LEU C 452 -56.04 -6.09 33.61
C LEU C 452 -57.42 -6.67 33.30
N PRO C 453 -58.11 -6.15 32.26
CA PRO C 453 -59.38 -6.74 31.83
C PRO C 453 -59.23 -8.23 31.60
N ALA C 454 -60.26 -8.99 31.94
CA ALA C 454 -60.22 -10.44 31.81
C ALA C 454 -59.78 -10.91 30.42
N SER C 455 -60.21 -10.23 29.35
CA SER C 455 -59.84 -10.71 28.01
C SER C 455 -58.34 -10.54 27.75
N GLN C 456 -57.77 -9.48 28.31
CA GLN C 456 -56.35 -9.21 28.17
C GLN C 456 -55.52 -10.22 28.98
N VAL C 457 -55.92 -10.48 30.22
CA VAL C 457 -55.30 -11.57 31.01
C VAL C 457 -55.26 -12.86 30.19
N GLU C 458 -56.39 -13.23 29.60
CA GLU C 458 -56.50 -14.52 28.92
C GLU C 458 -55.64 -14.52 27.66
N ARG C 459 -55.59 -13.37 26.99
CA ARG C 459 -54.78 -13.21 25.79
C ARG C 459 -53.29 -13.27 26.05
N ILE C 460 -52.81 -12.57 27.08
CA ILE C 460 -51.37 -12.45 27.33
C ILE C 460 -50.80 -13.63 28.10
N ALA C 461 -51.58 -14.24 28.98
CA ALA C 461 -51.06 -15.28 29.86
C ALA C 461 -50.22 -16.39 29.17
N PRO C 462 -50.70 -16.96 28.06
CA PRO C 462 -49.95 -18.05 27.41
C PRO C 462 -48.54 -17.65 26.97
N HIS C 463 -48.35 -16.36 26.71
CA HIS C 463 -47.03 -15.84 26.28
C HIS C 463 -46.04 -15.76 27.41
N ARG C 464 -46.54 -15.83 28.65
CA ARG C 464 -45.73 -15.74 29.86
C ARG C 464 -45.53 -17.11 30.55
N VAL C 465 -45.80 -18.19 29.82
CA VAL C 465 -45.62 -19.55 30.33
C VAL C 465 -44.19 -20.01 30.03
N PHE C 466 -43.62 -20.71 30.99
CA PHE C 466 -42.26 -21.23 30.93
C PHE C 466 -42.38 -22.72 31.27
N SER C 467 -41.93 -23.59 30.36
CA SER C 467 -42.06 -25.04 30.58
C SER C 467 -41.34 -25.48 31.84
N GLY C 468 -40.19 -24.86 32.13
CA GLY C 468 -39.30 -25.38 33.14
C GLY C 468 -38.75 -26.76 32.80
N ASN C 469 -38.24 -27.45 33.80
CA ASN C 469 -37.58 -28.75 33.58
C ASN C 469 -36.39 -28.68 32.62
N ARG C 470 -35.80 -27.50 32.48
CA ARG C 470 -34.62 -27.31 31.61
C ARG C 470 -33.41 -27.44 32.54
N PRO C 471 -32.49 -28.37 32.21
CA PRO C 471 -31.44 -28.76 33.13
C PRO C 471 -30.28 -27.78 33.23
N SER C 472 -29.65 -27.73 34.40
CA SER C 472 -28.44 -26.91 34.57
C SER C 472 -27.57 -27.52 35.65
N LEU C 473 -26.30 -27.14 35.63
CA LEU C 473 -25.37 -27.44 36.66
C LEU C 473 -24.68 -26.12 37.01
N THR C 474 -24.24 -26.01 38.26
CA THR C 474 -23.60 -24.82 38.75
C THR C 474 -22.30 -25.19 39.45
N LEU C 475 -21.26 -24.43 39.12
CA LEU C 475 -19.93 -24.53 39.70
C LEU C 475 -19.65 -23.26 40.49
N ILE C 476 -19.31 -23.40 41.76
CA ILE C 476 -18.98 -22.23 42.59
C ILE C 476 -17.60 -22.40 43.18
N HIS C 477 -16.77 -21.37 43.01
CA HIS C 477 -15.47 -21.30 43.68
C HIS C 477 -15.44 -20.05 44.58
N ASP C 478 -14.48 -19.97 45.50
CA ASP C 478 -14.44 -18.83 46.45
C ASP C 478 -14.20 -17.50 45.77
N MET C 479 -13.18 -17.46 44.90
CA MET C 479 -12.76 -16.21 44.27
C MET C 479 -11.95 -16.56 43.05
N LEU C 480 -12.10 -15.78 41.97
CA LEU C 480 -11.32 -16.04 40.77
C LEU C 480 -9.93 -15.44 40.92
N ASP C 481 -9.03 -16.28 41.41
CA ASP C 481 -7.61 -15.94 41.51
C ASP C 481 -6.83 -16.87 40.56
N PRO C 482 -5.52 -16.66 40.44
CA PRO C 482 -4.83 -17.52 39.47
C PRO C 482 -5.04 -19.05 39.69
N TYR C 483 -4.94 -19.51 40.93
CA TYR C 483 -5.08 -20.92 41.25
C TYR C 483 -6.47 -21.40 40.85
N THR C 484 -7.49 -20.64 41.20
CA THR C 484 -8.87 -21.05 40.94
C THR C 484 -9.14 -21.12 39.44
N LEU C 485 -8.56 -20.18 38.70
CA LEU C 485 -8.70 -20.21 37.24
C LEU C 485 -8.03 -21.46 36.64
N GLY C 486 -6.82 -21.75 37.07
CA GLY C 486 -6.13 -22.95 36.62
C GLY C 486 -6.91 -24.23 36.89
N ARG C 487 -7.49 -24.29 38.08
CA ARG C 487 -8.29 -25.45 38.49
C ARG C 487 -9.53 -25.57 37.63
N LEU C 488 -10.17 -24.44 37.33
CA LEU C 488 -11.33 -24.41 36.42
C LEU C 488 -11.03 -24.87 35.00
N ILE C 489 -9.95 -24.34 34.41
CA ILE C 489 -9.60 -24.76 33.05
C ILE C 489 -9.28 -26.26 33.00
N ALA C 490 -8.51 -26.75 33.98
CA ALA C 490 -8.19 -28.17 34.04
C ALA C 490 -9.44 -29.04 34.16
N LEU C 491 -10.42 -28.59 34.94
CA LEU C 491 -11.67 -29.32 35.09
C LEU C 491 -12.28 -29.53 33.69
N TYR C 492 -12.29 -28.48 32.89
CA TYR C 492 -12.84 -28.56 31.56
C TYR C 492 -11.97 -29.38 30.61
N GLU C 493 -10.65 -29.28 30.71
CA GLU C 493 -9.79 -30.20 29.96
C GLU C 493 -10.17 -31.66 30.22
N HIS C 494 -10.37 -32.01 31.50
CA HIS C 494 -10.62 -33.39 31.85
C HIS C 494 -12.05 -33.82 31.55
N ARG C 495 -13.02 -32.92 31.60
CA ARG C 495 -14.38 -33.33 31.21
C ARG C 495 -14.39 -33.67 29.71
N VAL C 496 -13.65 -32.89 28.92
CA VAL C 496 -13.54 -33.12 27.48
C VAL C 496 -12.85 -34.46 27.19
N PHE C 497 -11.79 -34.77 27.95
CA PHE C 497 -11.14 -36.09 27.88
C PHE C 497 -12.15 -37.19 28.14
N VAL C 498 -12.93 -37.03 29.21
CA VAL C 498 -13.90 -38.05 29.60
C VAL C 498 -14.94 -38.33 28.50
N GLU C 499 -15.55 -37.25 27.99
CA GLU C 499 -16.51 -37.36 26.90
C GLU C 499 -15.88 -38.05 25.67
N ALA C 500 -14.65 -37.67 25.32
CA ALA C 500 -13.98 -38.23 24.15
C ALA C 500 -13.82 -39.73 24.32
N GLN C 501 -13.53 -40.19 25.54
CA GLN C 501 -13.35 -41.64 25.76
C GLN C 501 -14.66 -42.40 25.58
N ILE C 502 -15.76 -41.81 26.05
CA ILE C 502 -17.07 -42.41 25.90
C ILE C 502 -17.47 -42.42 24.40
N PHE C 503 -17.22 -41.30 23.71
CA PHE C 503 -17.44 -41.20 22.27
C PHE C 503 -16.60 -42.19 21.46
N GLY C 504 -15.44 -42.56 21.99
CA GLY C 504 -14.53 -43.45 21.30
C GLY C 504 -13.60 -42.80 20.30
N ILE C 505 -13.37 -41.50 20.47
CA ILE C 505 -12.62 -40.68 19.52
C ILE C 505 -11.27 -40.24 20.10
N ASN C 506 -10.45 -39.67 19.24
CA ASN C 506 -9.18 -39.06 19.60
C ASN C 506 -9.39 -37.57 19.88
N ALA C 507 -9.34 -37.19 21.15
CA ALA C 507 -9.52 -35.78 21.56
C ALA C 507 -8.35 -34.90 21.16
N PHE C 508 -7.27 -35.48 20.64
CA PHE C 508 -5.97 -34.77 20.61
C PHE C 508 -5.40 -34.50 19.23
N ASP C 509 -6.08 -34.98 18.19
CA ASP C 509 -5.77 -34.65 16.79
C ASP C 509 -6.74 -33.60 16.23
N GLN C 510 -6.47 -33.12 15.02
CA GLN C 510 -7.35 -32.14 14.37
C GLN C 510 -7.16 -32.18 12.85
N TRP C 511 -7.51 -33.33 12.26
CA TRP C 511 -7.36 -33.54 10.82
C TRP C 511 -8.38 -32.72 10.04
N GLY C 512 -9.41 -32.24 10.73
CA GLY C 512 -10.50 -31.53 10.09
C GLY C 512 -10.16 -30.10 9.69
N VAL C 513 -8.99 -29.60 10.05
CA VAL C 513 -8.60 -28.28 9.58
C VAL C 513 -7.81 -28.32 8.25
N GLU C 514 -7.39 -29.51 7.81
CA GLU C 514 -6.49 -29.61 6.67
C GLU C 514 -7.10 -29.23 5.30
N LEU C 515 -8.37 -29.55 5.06
CA LEU C 515 -8.95 -29.31 3.73
C LEU C 515 -9.08 -27.82 3.44
N GLY C 516 -9.52 -27.05 4.42
CA GLY C 516 -9.59 -25.61 4.31
C GLY C 516 -8.23 -24.97 4.04
N LYS C 517 -7.21 -25.43 4.74
CA LYS C 517 -5.86 -24.91 4.55
C LYS C 517 -5.36 -25.20 3.15
N GLU C 518 -5.62 -26.42 2.70
CA GLU C 518 -5.23 -26.87 1.38
C GLU C 518 -5.84 -25.98 0.31
N LEU C 519 -7.14 -25.75 0.44
CA LEU C 519 -7.87 -25.02 -0.58
C LEU C 519 -7.52 -23.53 -0.49
N ALA C 520 -7.29 -23.01 0.71
CA ALA C 520 -6.85 -21.61 0.88
C ALA C 520 -5.48 -21.37 0.21
N THR C 521 -4.56 -22.33 0.36
CA THR C 521 -3.27 -22.25 -0.31
C THR C 521 -3.42 -22.18 -1.83
N GLU C 522 -4.30 -23.01 -2.39
CA GLU C 522 -4.59 -22.96 -3.83
C GLU C 522 -5.24 -21.65 -4.23
N LEU C 523 -6.14 -21.14 -3.39
CA LEU C 523 -6.94 -19.96 -3.77
C LEU C 523 -6.21 -18.64 -3.65
N LEU C 524 -5.13 -18.59 -2.86
CA LEU C 524 -4.42 -17.35 -2.68
C LEU C 524 -3.96 -16.71 -4.00
N PRO C 525 -3.25 -17.47 -4.85
CA PRO C 525 -2.81 -16.87 -6.10
C PRO C 525 -3.99 -16.57 -7.04
N VAL C 526 -5.11 -17.26 -6.86
CA VAL C 526 -6.30 -17.04 -7.69
C VAL C 526 -6.93 -15.70 -7.29
N VAL C 527 -7.19 -15.55 -6.01
CA VAL C 527 -7.68 -14.30 -5.43
C VAL C 527 -6.77 -13.12 -5.73
N SER C 528 -5.46 -13.33 -5.74
CA SER C 528 -4.52 -12.26 -5.96
C SER C 528 -4.37 -11.88 -7.45
N GLY C 529 -5.01 -12.64 -8.35
CA GLY C 529 -5.05 -12.30 -9.78
C GLY C 529 -3.91 -12.95 -10.55
N LYS C 530 -3.25 -13.91 -9.90
CA LYS C 530 -2.05 -14.55 -10.43
C LYS C 530 -2.39 -15.84 -11.19
N GLU C 531 -3.60 -16.36 -11.00
CA GLU C 531 -4.10 -17.47 -11.80
C GLU C 531 -5.63 -17.59 -11.80
N GLY C 532 -6.14 -18.38 -12.74
CA GLY C 532 -7.58 -18.52 -12.92
C GLY C 532 -8.16 -19.56 -11.99
N ALA C 533 -9.49 -19.49 -11.80
CA ALA C 533 -10.26 -20.44 -11.00
C ALA C 533 -10.81 -21.54 -11.92
N SER C 534 -10.08 -21.81 -12.99
CA SER C 534 -10.45 -22.87 -13.90
C SER C 534 -10.59 -24.16 -13.08
N GLY C 535 -11.66 -24.89 -13.39
CA GLY C 535 -11.91 -26.20 -12.78
C GLY C 535 -12.65 -26.19 -11.45
N ARG C 536 -12.84 -25.04 -10.82
CA ARG C 536 -13.49 -25.02 -9.51
C ARG C 536 -15.01 -24.90 -9.67
N ASP C 537 -15.75 -25.12 -8.60
CA ASP C 537 -17.21 -25.01 -8.68
C ASP C 537 -17.61 -23.57 -9.01
N ALA C 538 -18.78 -23.43 -9.62
CA ALA C 538 -19.25 -22.14 -10.11
C ALA C 538 -19.46 -21.08 -9.01
N SER C 539 -19.68 -21.49 -7.77
CA SER C 539 -19.83 -20.51 -6.69
C SER C 539 -18.46 -19.94 -6.37
N THR C 540 -17.49 -20.81 -6.13
CA THR C 540 -16.13 -20.34 -5.88
C THR C 540 -15.67 -19.45 -7.06
N GLN C 541 -15.91 -19.88 -8.28
CA GLN C 541 -15.61 -19.05 -9.44
C GLN C 541 -16.31 -17.68 -9.42
N GLY C 542 -17.59 -17.70 -9.12
CA GLY C 542 -18.40 -16.49 -9.11
C GLY C 542 -17.99 -15.49 -8.05
N LEU C 543 -17.62 -16.00 -6.87
CA LEU C 543 -17.13 -15.17 -5.79
C LEU C 543 -15.75 -14.56 -6.13
N VAL C 544 -14.86 -15.36 -6.73
CA VAL C 544 -13.57 -14.88 -7.19
C VAL C 544 -13.79 -13.78 -8.24
N ALA C 545 -14.73 -14.00 -9.15
CA ALA C 545 -15.01 -13.04 -10.19
C ALA C 545 -15.53 -11.72 -9.63
N HIS C 546 -16.42 -11.83 -8.65
CA HIS C 546 -16.95 -10.63 -8.00
C HIS C 546 -15.83 -9.85 -7.29
N LEU C 547 -15.00 -10.54 -6.51
CA LEU C 547 -13.93 -9.87 -5.81
C LEU C 547 -13.01 -9.14 -6.79
N HIS C 548 -12.69 -9.81 -7.89
CA HIS C 548 -11.81 -9.22 -8.91
C HIS C 548 -12.47 -7.97 -9.50
N ALA C 549 -13.76 -8.06 -9.79
CA ALA C 549 -14.48 -6.95 -10.40
C ALA C 549 -14.55 -5.77 -9.44
N ARG C 550 -14.83 -6.04 -8.18
CA ARG C 550 -14.97 -4.97 -7.19
C ARG C 550 -13.63 -4.35 -6.84
N ARG C 551 -12.55 -5.13 -6.96
CA ARG C 551 -11.22 -4.64 -6.64
C ARG C 551 -10.55 -3.83 -7.78
N LYS C 552 -11.04 -4.02 -9.03
CA LYS C 552 -10.43 -3.42 -10.24
C LYS C 552 -10.71 -1.93 -10.39
N ALA D 9 38.30 6.90 -57.29
CA ALA D 9 37.38 6.77 -56.12
C ALA D 9 37.41 5.35 -55.57
N THR D 10 37.55 5.22 -54.26
CA THR D 10 37.40 3.92 -53.59
C THR D 10 35.93 3.45 -53.66
N LYS D 11 35.70 2.15 -53.43
CA LYS D 11 34.34 1.57 -53.38
C LYS D 11 33.50 2.24 -52.28
N LEU D 12 34.12 2.54 -51.15
CA LEU D 12 33.43 3.26 -50.08
C LEU D 12 32.98 4.64 -50.52
N GLU D 13 33.90 5.40 -51.10
CA GLU D 13 33.61 6.73 -51.62
C GLU D 13 32.52 6.71 -52.69
N ALA D 14 32.59 5.73 -53.60
CA ALA D 14 31.58 5.61 -54.66
C ALA D 14 30.20 5.33 -54.07
N THR D 15 30.17 4.49 -53.04
CA THR D 15 28.90 4.09 -52.42
C THR D 15 28.27 5.26 -51.68
N VAL D 16 29.06 6.03 -50.92
CA VAL D 16 28.57 7.29 -50.33
C VAL D 16 27.99 8.29 -51.38
N ALA D 17 28.73 8.47 -52.49
CA ALA D 17 28.29 9.35 -53.58
C ALA D 17 26.95 8.85 -54.13
N LYS D 18 26.82 7.53 -54.29
CA LYS D 18 25.55 6.95 -54.74
C LYS D 18 24.37 7.19 -53.78
N LEU D 19 24.65 7.05 -52.48
CA LEU D 19 23.67 7.34 -51.45
C LEU D 19 23.19 8.78 -51.50
N LYS D 20 24.11 9.71 -51.71
CA LYS D 20 23.75 11.13 -51.80
C LYS D 20 22.87 11.39 -53.01
N LYS D 21 23.22 10.81 -54.14
CA LYS D 21 22.39 10.98 -55.33
C LYS D 21 21.03 10.36 -55.10
N HIS D 22 21.03 9.20 -54.45
CA HIS D 22 19.80 8.49 -54.16
C HIS D 22 18.87 9.31 -53.27
N TRP D 23 19.41 9.83 -52.17
CA TRP D 23 18.64 10.72 -51.30
C TRP D 23 18.02 11.89 -52.08
N ALA D 24 18.82 12.54 -52.93
CA ALA D 24 18.34 13.68 -53.73
C ALA D 24 17.26 13.32 -54.73
N GLU D 25 17.38 12.16 -55.38
CA GLU D 25 16.57 11.86 -56.57
C GLU D 25 15.52 10.77 -56.40
N SER D 26 15.78 9.80 -55.52
CA SER D 26 15.00 8.56 -55.52
CA SER D 26 15.02 8.54 -55.53
C SER D 26 14.39 8.15 -54.18
N ALA D 27 14.96 8.58 -53.06
CA ALA D 27 14.40 8.22 -51.76
C ALA D 27 12.97 8.78 -51.62
N PRO D 28 12.10 8.08 -50.91
CA PRO D 28 10.70 8.54 -50.81
C PRO D 28 10.59 9.93 -50.22
N ARG D 29 9.80 10.76 -50.88
CA ARG D 29 9.53 12.11 -50.43
C ARG D 29 8.19 12.25 -49.72
N ASP D 30 7.18 11.50 -50.19
CA ASP D 30 5.84 11.55 -49.62
C ASP D 30 5.57 10.26 -48.85
N MET D 31 5.71 10.32 -47.54
CA MET D 31 5.64 9.11 -46.72
C MET D 31 4.23 8.58 -46.60
N ARG D 32 3.21 9.43 -46.61
CA ARG D 32 1.87 8.90 -46.67
C ARG D 32 1.72 7.97 -47.88
N ALA D 33 2.15 8.45 -49.04
CA ALA D 33 2.04 7.69 -50.29
C ALA D 33 2.91 6.42 -50.30
N ALA D 34 4.12 6.50 -49.75
CA ALA D 34 4.98 5.32 -49.55
C ALA D 34 4.25 4.22 -48.79
N PHE D 35 3.56 4.57 -47.70
CA PHE D 35 2.83 3.58 -46.91
C PHE D 35 1.56 3.07 -47.59
N SER D 36 0.77 3.98 -48.17
CA SER D 36 -0.52 3.59 -48.76
C SER D 36 -0.31 2.74 -50.02
N ALA D 37 0.72 3.09 -50.80
CA ALA D 37 1.09 2.34 -52.00
C ALA D 37 1.76 1.00 -51.73
N ASP D 38 2.46 0.90 -50.61
CA ASP D 38 3.37 -0.20 -50.34
C ASP D 38 3.31 -0.55 -48.86
N PRO D 39 2.16 -1.09 -48.40
CA PRO D 39 2.02 -1.41 -46.97
C PRO D 39 3.02 -2.49 -46.52
N GLY D 40 3.53 -3.26 -47.48
CA GLY D 40 4.61 -4.20 -47.23
C GLY D 40 5.88 -3.61 -46.67
N ARG D 41 6.05 -2.28 -46.73
CA ARG D 41 7.28 -1.67 -46.23
C ARG D 41 7.50 -1.85 -44.72
N PHE D 42 6.45 -1.98 -43.93
CA PHE D 42 6.61 -2.30 -42.51
C PHE D 42 7.38 -3.62 -42.30
N GLY D 43 6.91 -4.69 -42.93
CA GLY D 43 7.62 -5.98 -42.91
C GLY D 43 9.02 -5.90 -43.48
N ARG D 44 9.21 -5.16 -44.56
CA ARG D 44 10.53 -5.13 -45.22
C ARG D 44 11.55 -4.32 -44.39
N TYR D 45 11.07 -3.30 -43.67
CA TYR D 45 11.94 -2.45 -42.88
C TYR D 45 11.73 -2.63 -41.36
N SER D 46 11.59 -3.87 -40.93
CA SER D 46 11.59 -4.23 -39.51
C SER D 46 12.25 -5.59 -39.32
N LEU D 47 12.75 -5.80 -38.11
CA LEU D 47 13.42 -7.01 -37.68
C LEU D 47 13.14 -7.25 -36.23
N CYS D 48 13.21 -8.51 -35.83
CA CYS D 48 13.10 -8.88 -34.43
C CYS D 48 14.31 -9.67 -33.93
N LEU D 49 14.57 -9.53 -32.64
CA LEU D 49 15.40 -10.49 -31.91
C LEU D 49 14.54 -10.90 -30.72
N ASP D 50 14.01 -12.11 -30.76
CA ASP D 50 13.06 -12.57 -29.75
C ASP D 50 11.90 -11.56 -29.63
N ASP D 51 11.66 -11.00 -28.47
CA ASP D 51 10.53 -10.07 -28.29
C ASP D 51 10.86 -8.64 -28.74
N LEU D 52 12.13 -8.35 -29.00
CA LEU D 52 12.54 -7.02 -29.47
C LEU D 52 12.17 -6.78 -30.92
N LEU D 53 11.27 -5.82 -31.17
CA LEU D 53 10.95 -5.37 -32.53
C LEU D 53 11.64 -4.04 -32.82
N PHE D 54 12.27 -3.97 -33.99
CA PHE D 54 12.93 -2.76 -34.47
C PHE D 54 12.29 -2.38 -35.79
N ASP D 55 11.50 -1.31 -35.79
CA ASP D 55 10.77 -0.86 -36.99
C ASP D 55 11.34 0.46 -37.48
N TRP D 56 12.04 0.44 -38.62
CA TRP D 56 12.53 1.68 -39.25
C TRP D 56 11.74 2.08 -40.49
N SER D 57 10.51 1.53 -40.64
CA SER D 57 9.73 1.72 -41.85
C SER D 57 9.24 3.17 -42.03
N LYS D 58 9.17 3.95 -40.95
CA LYS D 58 8.84 5.40 -41.07
C LYS D 58 10.06 6.26 -41.49
N CYS D 59 11.22 5.64 -41.64
CA CYS D 59 12.37 6.31 -42.27
C CYS D 59 12.17 6.45 -43.78
N ARG D 60 12.86 7.42 -44.36
CA ARG D 60 12.65 7.81 -45.75
C ARG D 60 13.49 6.93 -46.65
N VAL D 61 13.18 5.64 -46.63
CA VAL D 61 13.96 4.62 -47.29
C VAL D 61 13.09 3.73 -48.16
N ASN D 62 13.70 3.16 -49.19
CA ASN D 62 13.07 2.14 -50.01
C ASN D 62 14.07 1.02 -50.26
N ASP D 63 13.74 0.09 -51.15
CA ASP D 63 14.60 -1.07 -51.35
C ASP D 63 15.95 -0.65 -51.90
N GLU D 64 15.97 0.41 -52.71
CA GLU D 64 17.22 0.87 -53.32
C GLU D 64 18.10 1.48 -52.24
N THR D 65 17.50 2.17 -51.27
CA THR D 65 18.26 2.70 -50.13
C THR D 65 18.92 1.57 -49.32
N MET D 66 18.13 0.55 -48.95
CA MET D 66 18.66 -0.57 -48.17
C MET D 66 19.74 -1.33 -48.95
N ALA D 67 19.55 -1.50 -50.25
CA ALA D 67 20.60 -2.17 -51.07
C ALA D 67 21.90 -1.37 -51.05
N LEU D 68 21.80 -0.04 -51.14
CA LEU D 68 22.99 0.83 -51.08
C LEU D 68 23.66 0.81 -49.70
N LEU D 69 22.86 0.81 -48.66
CA LEU D 69 23.38 0.73 -47.28
C LEU D 69 24.07 -0.61 -46.99
N LYS D 70 23.56 -1.69 -47.58
CA LYS D 70 24.28 -2.97 -47.53
C LYS D 70 25.62 -2.83 -48.22
N GLU D 71 25.65 -2.24 -49.41
CA GLU D 71 26.93 -2.05 -50.11
C GLU D 71 27.89 -1.23 -49.26
N LEU D 72 27.35 -0.26 -48.53
CA LEU D 72 28.15 0.60 -47.65
C LEU D 72 28.75 -0.20 -46.49
N ALA D 73 27.95 -1.05 -45.85
CA ALA D 73 28.44 -1.91 -44.74
C ALA D 73 29.55 -2.82 -45.23
N VAL D 74 29.39 -3.35 -46.43
CA VAL D 74 30.41 -4.21 -47.03
C VAL D 74 31.68 -3.40 -47.35
N ALA D 75 31.52 -2.27 -48.02
CA ALA D 75 32.67 -1.43 -48.40
C ALA D 75 33.45 -0.92 -47.18
N ALA D 76 32.73 -0.64 -46.09
CA ALA D 76 33.34 -0.18 -44.84
C ALA D 76 33.90 -1.33 -43.99
N ASP D 77 33.70 -2.56 -44.45
CA ASP D 77 34.16 -3.75 -43.72
C ASP D 77 33.63 -3.84 -42.29
N VAL D 78 32.37 -3.46 -42.10
CA VAL D 78 31.72 -3.54 -40.78
C VAL D 78 31.92 -4.96 -40.19
N GLU D 79 31.69 -5.98 -41.01
CA GLU D 79 31.76 -7.35 -40.51
C GLU D 79 33.16 -7.78 -40.10
N GLY D 80 34.16 -7.45 -40.91
CA GLY D 80 35.56 -7.77 -40.58
C GLY D 80 36.07 -7.05 -39.35
N ARG D 81 35.72 -5.77 -39.24
CA ARG D 81 36.09 -4.98 -38.07
C ARG D 81 35.40 -5.54 -36.82
N ARG D 82 34.14 -5.90 -36.93
CA ARG D 82 33.41 -6.53 -35.82
C ARG D 82 34.08 -7.83 -35.38
N ALA D 83 34.41 -8.71 -36.34
CA ALA D 83 35.11 -9.95 -36.01
C ALA D 83 36.40 -9.65 -35.23
N ALA D 84 37.13 -8.63 -35.66
CA ALA D 84 38.42 -8.27 -35.06
C ALA D 84 38.22 -7.85 -33.58
N MET D 85 37.13 -7.14 -33.32
CA MET D 85 36.80 -6.77 -31.93
C MET D 85 36.59 -8.02 -31.07
N PHE D 86 35.71 -8.91 -31.52
CA PHE D 86 35.36 -10.13 -30.74
C PHE D 86 36.55 -11.06 -30.59
N ALA D 87 37.48 -11.02 -31.57
CA ALA D 87 38.71 -11.85 -31.53
C ALA D 87 39.84 -11.28 -30.66
N GLY D 88 39.62 -10.14 -30.03
CA GLY D 88 40.63 -9.56 -29.15
C GLY D 88 41.75 -8.82 -29.85
N GLU D 89 41.57 -8.44 -31.11
CA GLU D 89 42.63 -7.74 -31.83
C GLU D 89 42.65 -6.32 -31.29
N HIS D 90 43.79 -5.67 -31.40
CA HIS D 90 43.97 -4.36 -30.76
C HIS D 90 43.42 -3.25 -31.64
N ILE D 91 42.10 -3.23 -31.77
CA ILE D 91 41.44 -2.34 -32.71
C ILE D 91 41.40 -0.91 -32.21
N ASN D 92 41.59 -0.72 -30.91
CA ASN D 92 41.86 0.62 -30.37
C ASN D 92 43.34 0.90 -30.67
N ASN D 93 43.58 1.33 -31.91
CA ASN D 93 44.92 1.35 -32.47
C ASN D 93 45.78 2.50 -31.95
N THR D 94 45.16 3.63 -31.59
CA THR D 94 45.92 4.82 -31.15
C THR D 94 46.43 4.63 -29.71
N GLU D 95 45.80 3.72 -28.98
CA GLU D 95 46.26 3.36 -27.62
C GLU D 95 46.81 1.94 -27.50
N ASP D 96 46.80 1.22 -28.61
CA ASP D 96 47.22 -0.17 -28.67
C ASP D 96 46.54 -1.06 -27.62
N ARG D 97 45.22 -1.17 -27.72
CA ARG D 97 44.43 -1.96 -26.77
C ARG D 97 43.39 -2.79 -27.48
N ALA D 98 43.06 -3.91 -26.88
CA ALA D 98 41.89 -4.67 -27.30
C ALA D 98 40.66 -3.93 -26.82
N VAL D 99 39.51 -4.33 -27.35
CA VAL D 99 38.21 -3.72 -27.04
C VAL D 99 37.26 -4.87 -26.74
N LEU D 100 37.07 -5.15 -25.46
CA LEU D 100 36.43 -6.38 -25.06
C LEU D 100 35.42 -6.21 -23.94
N HIS D 101 34.67 -5.12 -23.95
CA HIS D 101 33.49 -5.06 -23.10
C HIS D 101 32.57 -6.28 -23.34
N VAL D 102 32.59 -6.86 -24.53
CA VAL D 102 31.75 -8.06 -24.78
C VAL D 102 32.15 -9.22 -23.89
N ALA D 103 33.44 -9.30 -23.56
CA ALA D 103 33.93 -10.37 -22.69
C ALA D 103 33.39 -10.28 -21.27
N LEU D 104 33.01 -9.08 -20.83
CA LEU D 104 32.49 -8.86 -19.51
C LEU D 104 31.19 -9.63 -19.26
N ARG D 105 30.44 -9.91 -20.32
CA ARG D 105 29.15 -10.59 -20.21
C ARG D 105 29.10 -11.92 -20.99
N ASP D 106 30.28 -12.39 -21.40
CA ASP D 106 30.37 -13.60 -22.22
C ASP D 106 30.32 -14.89 -21.36
N THR D 107 29.16 -15.53 -21.38
CA THR D 107 28.92 -16.77 -20.64
C THR D 107 28.91 -18.00 -21.57
N SER D 108 29.19 -17.81 -22.85
CA SER D 108 29.15 -18.91 -23.82
C SER D 108 30.52 -19.34 -24.37
N SER D 109 31.45 -18.40 -24.53
CA SER D 109 32.77 -18.74 -25.11
C SER D 109 33.60 -19.62 -24.16
N LYS D 110 34.35 -20.56 -24.72
CA LYS D 110 35.30 -21.34 -23.93
C LYS D 110 36.47 -20.47 -23.43
N GLU D 111 36.97 -19.57 -24.29
CA GLU D 111 38.07 -18.66 -23.96
C GLU D 111 37.94 -17.37 -24.78
N VAL D 112 38.46 -16.28 -24.22
CA VAL D 112 38.69 -15.06 -24.96
C VAL D 112 40.11 -14.64 -24.63
N LEU D 113 40.98 -14.61 -25.65
CA LEU D 113 42.39 -14.37 -25.47
C LEU D 113 42.74 -12.88 -25.62
N VAL D 114 43.48 -12.38 -24.64
CA VAL D 114 44.15 -11.09 -24.71
C VAL D 114 45.62 -11.40 -24.53
N ASP D 115 46.41 -11.15 -25.58
CA ASP D 115 47.85 -11.40 -25.54
C ASP D 115 48.15 -12.81 -24.99
N GLY D 116 47.47 -13.81 -25.53
CA GLY D 116 47.69 -15.21 -25.12
C GLY D 116 47.06 -15.71 -23.82
N HIS D 117 46.42 -14.82 -23.05
CA HIS D 117 45.84 -15.18 -21.77
C HIS D 117 44.30 -15.19 -21.85
N ASN D 118 43.67 -16.25 -21.35
CA ASN D 118 42.21 -16.31 -21.31
C ASN D 118 41.66 -15.40 -20.20
N VAL D 119 40.91 -14.36 -20.58
CA VAL D 119 40.41 -13.40 -19.62
C VAL D 119 39.11 -13.82 -18.95
N LEU D 120 38.45 -14.86 -19.45
CA LEU D 120 37.12 -15.20 -18.96
C LEU D 120 37.08 -15.59 -17.46
N PRO D 121 38.02 -16.44 -16.98
CA PRO D 121 38.05 -16.76 -15.54
C PRO D 121 38.24 -15.54 -14.64
N ASP D 122 39.06 -14.59 -15.08
CA ASP D 122 39.26 -13.33 -14.37
C ASP D 122 37.97 -12.51 -14.30
N VAL D 123 37.29 -12.41 -15.43
CA VAL D 123 36.02 -11.68 -15.47
C VAL D 123 35.05 -12.29 -14.46
N LYS D 124 34.91 -13.61 -14.54
CA LYS D 124 33.95 -14.33 -13.72
C LYS D 124 34.33 -14.28 -12.25
N HIS D 125 35.62 -14.30 -11.94
CA HIS D 125 36.06 -14.28 -10.56
C HIS D 125 35.74 -12.93 -9.91
N VAL D 126 35.92 -11.83 -10.63
CA VAL D 126 35.54 -10.53 -10.09
C VAL D 126 34.02 -10.45 -9.83
N LEU D 127 33.21 -10.97 -10.77
CA LEU D 127 31.76 -10.96 -10.60
C LEU D 127 31.36 -11.73 -9.34
N ASP D 128 32.01 -12.88 -9.15
CA ASP D 128 31.74 -13.72 -7.98
C ASP D 128 32.07 -12.99 -6.67
N ARG D 129 33.20 -12.29 -6.64
CA ARG D 129 33.57 -11.54 -5.45
C ARG D 129 32.63 -10.35 -5.23
N MET D 130 32.23 -9.68 -6.31
CA MET D 130 31.24 -8.59 -6.22
C MET D 130 29.95 -9.13 -5.63
N ALA D 131 29.53 -10.29 -6.12
CA ALA D 131 28.26 -10.89 -5.72
C ALA D 131 28.24 -11.25 -4.23
N ALA D 132 29.34 -11.83 -3.75
CA ALA D 132 29.47 -12.16 -2.34
C ALA D 132 29.36 -10.88 -1.49
N PHE D 133 30.05 -9.83 -1.92
CA PHE D 133 30.01 -8.56 -1.20
C PHE D 133 28.61 -7.94 -1.24
N ALA D 134 28.00 -7.91 -2.42
CA ALA D 134 26.67 -7.35 -2.57
C ALA D 134 25.65 -8.10 -1.71
N ASP D 135 25.71 -9.44 -1.76
CA ASP D 135 24.83 -10.28 -0.92
C ASP D 135 24.97 -9.94 0.56
N GLY D 136 26.20 -9.74 1.02
CA GLY D 136 26.45 -9.44 2.43
C GLY D 136 25.96 -8.07 2.85
N ILE D 137 26.12 -7.09 1.97
CA ILE D 137 25.62 -5.75 2.22
C ILE D 137 24.11 -5.77 2.21
N ARG D 138 23.54 -6.43 1.21
CA ARG D 138 22.09 -6.51 1.09
C ARG D 138 21.41 -7.23 2.24
N SER D 139 21.99 -8.34 2.69
CA SER D 139 21.38 -9.15 3.77
C SER D 139 21.55 -8.52 5.14
N GLY D 140 22.54 -7.65 5.31
CA GLY D 140 22.90 -7.13 6.65
C GLY D 140 23.97 -7.93 7.37
N ALA D 141 24.47 -9.01 6.74
CA ALA D 141 25.62 -9.76 7.26
C ALA D 141 26.83 -8.84 7.39
N LEU D 142 27.05 -7.97 6.40
CA LEU D 142 28.12 -6.99 6.45
C LEU D 142 27.55 -5.67 6.94
N LYS D 143 27.97 -5.25 8.12
CA LYS D 143 27.37 -4.11 8.79
C LYS D 143 28.35 -2.97 8.82
N GLY D 144 27.86 -1.79 9.18
CA GLY D 144 28.74 -0.65 9.43
C GLY D 144 29.56 -0.85 10.68
N ALA D 145 30.36 0.15 11.02
CA ALA D 145 31.35 0.04 12.09
C ALA D 145 30.70 -0.05 13.47
N THR D 146 29.46 0.43 13.59
CA THR D 146 28.71 0.34 14.83
C THR D 146 27.62 -0.75 14.80
N GLY D 147 27.67 -1.61 13.80
CA GLY D 147 26.79 -2.76 13.71
C GLY D 147 25.45 -2.55 13.03
N ARG D 148 25.27 -1.43 12.34
CA ARG D 148 24.03 -1.15 11.63
C ARG D 148 23.99 -1.77 10.22
N LYS D 149 22.82 -2.22 9.83
CA LYS D 149 22.58 -2.58 8.44
C LYS D 149 22.79 -1.35 7.54
N ILE D 150 23.43 -1.56 6.39
CA ILE D 150 23.66 -0.48 5.42
C ILE D 150 22.33 -0.17 4.72
N THR D 151 21.88 1.06 4.84
CA THR D 151 20.64 1.52 4.24
C THR D 151 20.86 2.39 2.98
N ASP D 152 22.06 2.92 2.79
CA ASP D 152 22.36 3.82 1.69
C ASP D 152 23.75 3.54 1.18
N ILE D 153 23.92 3.55 -0.15
CA ILE D 153 25.23 3.49 -0.74
C ILE D 153 25.43 4.73 -1.57
N VAL D 154 26.67 5.22 -1.62
CA VAL D 154 26.97 6.42 -2.38
C VAL D 154 28.13 6.13 -3.31
N ASN D 155 27.86 6.11 -4.61
CA ASN D 155 28.91 5.87 -5.62
C ASN D 155 29.52 7.23 -5.93
N ILE D 156 30.85 7.28 -6.02
CA ILE D 156 31.58 8.48 -6.41
C ILE D 156 32.44 8.14 -7.62
N GLY D 157 32.19 8.82 -8.73
CA GLY D 157 32.93 8.60 -9.99
C GLY D 157 32.59 9.66 -11.00
N ILE D 158 33.39 9.75 -12.06
CA ILE D 158 33.08 10.64 -13.19
C ILE D 158 32.91 9.83 -14.47
N GLY D 159 32.19 10.43 -15.40
CA GLY D 159 32.03 9.86 -16.74
C GLY D 159 31.48 8.46 -16.70
N GLY D 160 32.23 7.53 -17.29
CA GLY D 160 31.78 6.16 -17.37
C GLY D 160 31.68 5.46 -16.03
N SER D 161 32.30 6.04 -15.00
CA SER D 161 32.17 5.50 -13.65
C SER D 161 30.93 6.02 -12.93
N ASP D 162 30.12 6.84 -13.61
CA ASP D 162 28.91 7.46 -13.05
C ASP D 162 27.66 7.21 -13.89
N LEU D 163 27.70 7.54 -15.18
CA LEU D 163 26.48 7.55 -16.01
C LEU D 163 25.79 6.18 -16.14
N GLY D 164 26.58 5.12 -16.33
CA GLY D 164 26.02 3.75 -16.37
C GLY D 164 25.40 3.32 -15.04
N PRO D 165 26.17 3.42 -13.94
CA PRO D 165 25.56 3.17 -12.63
C PRO D 165 24.24 3.90 -12.37
N VAL D 166 24.20 5.20 -12.66
CA VAL D 166 22.99 6.01 -12.49
C VAL D 166 21.85 5.50 -13.37
N MET D 167 22.16 5.37 -14.67
CA MET D 167 21.15 4.97 -15.69
C MET D 167 20.52 3.61 -15.36
N ALA D 168 21.36 2.62 -15.10
CA ALA D 168 20.89 1.26 -14.84
C ALA D 168 20.14 1.11 -13.52
N THR D 169 20.61 1.80 -12.48
CA THR D 169 19.96 1.71 -11.17
C THR D 169 18.54 2.28 -11.23
N LEU D 170 18.41 3.45 -11.85
CA LEU D 170 17.09 4.06 -12.07
C LEU D 170 16.20 3.24 -12.98
N ALA D 171 16.79 2.67 -14.04
CA ALA D 171 16.02 1.85 -14.97
C ALA D 171 15.41 0.63 -14.30
N LEU D 172 16.08 0.15 -13.26
CA LEU D 172 15.69 -1.12 -12.59
C LEU D 172 15.13 -0.94 -11.19
N ALA D 173 14.45 0.20 -10.98
CA ALA D 173 13.72 0.50 -9.75
C ALA D 173 12.83 -0.63 -9.25
N PRO D 174 12.10 -1.31 -10.15
CA PRO D 174 11.25 -2.40 -9.62
C PRO D 174 12.02 -3.60 -9.04
N TYR D 175 13.31 -3.65 -9.30
CA TYR D 175 14.18 -4.75 -8.88
C TYR D 175 15.12 -4.32 -7.76
N HIS D 176 14.87 -3.14 -7.21
CA HIS D 176 15.78 -2.45 -6.28
C HIS D 176 15.05 -2.17 -4.97
N ASP D 177 15.54 -2.78 -3.90
CA ASP D 177 14.94 -2.67 -2.56
C ASP D 177 15.85 -1.83 -1.62
N GLU D 178 16.46 -2.51 -0.64
CA GLU D 178 17.47 -1.92 0.22
C GLU D 178 18.81 -2.44 -0.26
N PRO D 179 19.87 -1.63 -0.18
CA PRO D 179 19.90 -0.23 0.25
C PRO D 179 19.53 0.73 -0.87
N ARG D 180 19.16 1.95 -0.48
CA ARG D 180 19.02 3.04 -1.43
C ARG D 180 20.38 3.36 -2.04
N ALA D 181 20.37 3.93 -3.24
CA ALA D 181 21.61 4.24 -3.95
C ALA D 181 21.65 5.72 -4.35
N HIS D 182 22.82 6.32 -4.21
CA HIS D 182 23.02 7.73 -4.56
C HIS D 182 24.29 7.80 -5.35
N PHE D 183 24.42 8.84 -6.17
CA PHE D 183 25.47 8.93 -7.15
C PHE D 183 26.02 10.36 -7.16
N VAL D 184 27.30 10.47 -6.83
CA VAL D 184 28.01 11.73 -6.81
C VAL D 184 29.08 11.73 -7.93
N SER D 185 29.18 12.84 -8.66
CA SER D 185 30.11 12.93 -9.77
C SER D 185 30.74 14.33 -9.91
N ASN D 186 29.95 15.37 -9.70
CA ASN D 186 30.45 16.71 -9.96
C ASN D 186 31.54 17.09 -8.96
N ILE D 187 32.58 17.81 -9.40
CA ILE D 187 33.57 18.35 -8.43
C ILE D 187 32.93 19.46 -7.59
N ASP D 188 31.94 20.14 -8.15
CA ASP D 188 31.14 21.13 -7.41
C ASP D 188 30.85 20.52 -6.05
N GLY D 189 31.30 21.18 -4.99
CA GLY D 189 31.06 20.67 -3.62
C GLY D 189 29.58 20.45 -3.22
N ALA D 190 28.67 21.12 -3.95
CA ALA D 190 27.26 20.95 -3.72
C ALA D 190 26.87 19.49 -3.84
N HIS D 191 27.50 18.77 -4.77
CA HIS D 191 27.05 17.42 -5.04
C HIS D 191 27.28 16.48 -3.82
N ILE D 192 28.54 16.39 -3.36
CA ILE D 192 28.85 15.59 -2.18
C ILE D 192 28.14 16.14 -0.94
N ALA D 193 28.07 17.47 -0.77
CA ALA D 193 27.44 18.02 0.44
C ALA D 193 25.97 17.72 0.50
N ASP D 194 25.25 17.97 -0.60
CA ASP D 194 23.81 17.75 -0.63
C ASP D 194 23.49 16.25 -0.53
N THR D 195 24.34 15.42 -1.15
CA THR D 195 24.11 13.98 -1.09
C THR D 195 24.30 13.39 0.30
N LEU D 196 25.37 13.78 0.98
CA LEU D 196 25.68 13.24 2.31
C LEU D 196 24.85 13.86 3.45
N SER D 197 24.36 15.08 3.26
CA SER D 197 23.63 15.80 4.32
C SER D 197 22.49 15.00 5.00
N PRO D 198 21.64 14.33 4.23
CA PRO D 198 20.55 13.63 4.93
C PRO D 198 20.86 12.22 5.39
N LEU D 199 22.08 11.75 5.14
CA LEU D 199 22.46 10.37 5.41
C LEU D 199 23.14 10.23 6.77
N ASP D 200 23.14 8.99 7.27
CA ASP D 200 23.82 8.63 8.51
CA ASP D 200 23.83 8.64 8.50
C ASP D 200 25.08 7.84 8.16
N PRO D 201 26.28 8.34 8.58
CA PRO D 201 27.49 7.56 8.28
C PRO D 201 27.45 6.11 8.76
N ALA D 202 26.89 5.88 9.94
CA ALA D 202 26.83 4.52 10.51
C ALA D 202 26.10 3.50 9.59
N SER D 203 25.22 3.98 8.72
CA SER D 203 24.49 3.07 7.81
C SER D 203 24.73 3.35 6.32
N THR D 204 25.85 4.00 6.01
CA THR D 204 26.18 4.38 4.64
C THR D 204 27.50 3.74 4.18
N LEU D 205 27.49 3.21 2.96
CA LEU D 205 28.69 2.67 2.32
C LEU D 205 29.03 3.62 1.17
N ILE D 206 30.28 4.05 1.10
CA ILE D 206 30.78 4.87 0.01
C ILE D 206 31.57 3.94 -0.93
N ILE D 207 31.27 4.01 -2.23
CA ILE D 207 32.00 3.29 -3.26
C ILE D 207 32.78 4.29 -4.09
N VAL D 208 34.11 4.15 -4.12
CA VAL D 208 34.95 5.03 -4.94
C VAL D 208 35.38 4.32 -6.23
N ALA D 209 34.93 4.86 -7.36
CA ALA D 209 35.11 4.21 -8.65
C ALA D 209 36.13 5.04 -9.44
N SER D 210 37.34 4.53 -9.51
CA SER D 210 38.42 5.17 -10.24
C SER D 210 39.50 4.15 -10.52
N LYS D 211 39.70 3.79 -11.79
CA LYS D 211 40.70 2.74 -12.09
C LYS D 211 42.08 3.06 -11.52
N THR D 212 42.54 4.31 -11.72
CA THR D 212 43.86 4.71 -11.24
C THR D 212 43.89 5.07 -9.74
N PHE D 213 42.71 5.35 -9.18
CA PHE D 213 42.59 5.93 -7.86
C PHE D 213 43.35 7.25 -7.68
N THR D 214 43.57 7.96 -8.79
CA THR D 214 44.16 9.29 -8.77
C THR D 214 43.31 10.35 -9.51
N THR D 215 42.23 9.92 -10.15
CA THR D 215 41.27 10.82 -10.81
C THR D 215 40.97 12.00 -9.89
N ILE D 216 41.35 13.20 -10.27
CA ILE D 216 41.38 14.29 -9.30
C ILE D 216 39.98 14.63 -8.79
N GLU D 217 38.97 14.66 -9.66
CA GLU D 217 37.65 15.04 -9.17
C GLU D 217 37.08 13.98 -8.20
N THR D 218 37.18 12.73 -8.61
CA THR D 218 36.64 11.62 -7.85
C THR D 218 37.36 11.49 -6.52
N MET D 219 38.68 11.61 -6.54
CA MET D 219 39.41 11.39 -5.32
C MET D 219 39.23 12.56 -4.40
N THR D 220 39.03 13.76 -4.93
CA THR D 220 38.77 14.93 -4.08
C THR D 220 37.42 14.73 -3.36
N ASN D 221 36.40 14.32 -4.13
CA ASN D 221 35.11 13.97 -3.56
C ASN D 221 35.26 12.84 -2.52
N ALA D 222 36.06 11.82 -2.85
CA ALA D 222 36.30 10.68 -1.95
C ALA D 222 36.90 11.09 -0.61
N GLN D 223 37.90 11.97 -0.63
CA GLN D 223 38.48 12.44 0.63
C GLN D 223 37.48 13.23 1.46
N THR D 224 36.63 14.01 0.81
CA THR D 224 35.57 14.70 1.52
C THR D 224 34.61 13.71 2.18
N ALA D 225 34.20 12.69 1.44
CA ALA D 225 33.39 11.60 2.01
C ALA D 225 34.11 10.88 3.16
N ARG D 226 35.40 10.70 3.02
CA ARG D 226 36.19 9.99 4.03
C ARG D 226 36.14 10.74 5.36
N LYS D 227 36.29 12.05 5.30
CA LYS D 227 36.20 12.88 6.49
C LYS D 227 34.81 12.78 7.10
N TRP D 228 33.79 12.72 6.26
CA TRP D 228 32.42 12.64 6.74
C TRP D 228 32.22 11.33 7.52
N VAL D 229 32.81 10.24 7.03
CA VAL D 229 32.78 8.98 7.76
C VAL D 229 33.63 9.06 9.06
N ALA D 230 34.88 9.48 8.91
CA ALA D 230 35.85 9.43 10.00
C ALA D 230 35.53 10.41 11.11
N ASP D 231 35.08 11.62 10.75
CA ASP D 231 34.71 12.58 11.80
C ASP D 231 33.60 12.06 12.72
N THR D 232 32.67 11.25 12.21
CA THR D 232 31.56 10.73 13.04
C THR D 232 31.93 9.38 13.69
N LEU D 233 32.52 8.47 12.91
CA LEU D 233 32.74 7.08 13.34
C LEU D 233 34.16 6.76 13.79
N GLY D 234 35.09 7.69 13.59
CA GLY D 234 36.50 7.42 13.90
C GLY D 234 37.25 6.90 12.68
N GLU D 235 38.57 7.06 12.72
CA GLU D 235 39.42 6.71 11.60
C GLU D 235 39.39 5.21 11.28
N ALA D 236 39.35 4.37 12.32
CA ALA D 236 39.35 2.93 12.15
C ALA D 236 38.11 2.39 11.43
N ALA D 237 37.01 3.14 11.49
CA ALA D 237 35.75 2.79 10.84
C ALA D 237 35.79 2.91 9.32
N VAL D 238 36.77 3.62 8.79
CA VAL D 238 36.84 3.86 7.34
C VAL D 238 36.78 2.56 6.55
N GLY D 239 37.50 1.54 6.99
CA GLY D 239 37.51 0.25 6.30
C GLY D 239 36.20 -0.48 6.21
N ALA D 240 35.27 -0.16 7.12
CA ALA D 240 33.93 -0.77 7.07
C ALA D 240 32.90 0.03 6.27
N HIS D 241 33.24 1.22 5.80
CA HIS D 241 32.30 2.11 5.14
C HIS D 241 32.69 2.50 3.74
N PHE D 242 33.70 1.83 3.19
CA PHE D 242 34.20 2.11 1.85
C PHE D 242 34.44 0.83 1.06
N ALA D 243 34.22 0.93 -0.24
CA ALA D 243 34.66 -0.06 -1.21
C ALA D 243 35.30 0.70 -2.36
N ALA D 244 36.15 0.03 -3.13
CA ALA D 244 36.81 0.67 -4.26
C ALA D 244 36.58 -0.16 -5.52
N VAL D 245 36.32 0.52 -6.63
CA VAL D 245 36.42 -0.08 -7.95
C VAL D 245 37.65 0.55 -8.59
N SER D 246 38.74 -0.22 -8.64
CA SER D 246 40.07 0.29 -8.99
C SER D 246 41.01 -0.87 -9.21
N THR D 247 42.12 -0.60 -9.89
CA THR D 247 43.21 -1.55 -9.98
C THR D 247 44.52 -0.98 -9.38
N ALA D 248 44.45 0.21 -8.79
CA ALA D 248 45.63 0.82 -8.15
C ALA D 248 45.71 0.36 -6.69
N LEU D 249 46.21 -0.85 -6.47
CA LEU D 249 46.00 -1.52 -5.17
C LEU D 249 46.72 -0.82 -4.01
N ASP D 250 47.88 -0.24 -4.29
CA ASP D 250 48.61 0.49 -3.28
C ASP D 250 47.88 1.77 -2.89
N LYS D 251 47.30 2.47 -3.86
CA LYS D 251 46.61 3.72 -3.57
C LYS D 251 45.33 3.43 -2.78
N VAL D 252 44.68 2.32 -3.09
CA VAL D 252 43.47 1.92 -2.37
C VAL D 252 43.81 1.59 -0.92
N ALA D 253 44.91 0.88 -0.72
CA ALA D 253 45.42 0.61 0.61
C ALA D 253 45.73 1.89 1.37
N ALA D 254 46.37 2.87 0.71
CA ALA D 254 46.73 4.16 1.36
C ALA D 254 45.48 4.88 1.89
N PHE D 255 44.38 4.75 1.15
CA PHE D 255 43.08 5.31 1.52
C PHE D 255 42.48 4.62 2.74
N GLY D 256 42.83 3.35 2.97
CA GLY D 256 42.37 2.58 4.14
C GLY D 256 41.28 1.58 3.82
N ILE D 257 41.15 1.21 2.54
CA ILE D 257 40.12 0.27 2.11
C ILE D 257 40.76 -1.12 2.06
N PRO D 258 40.17 -2.10 2.76
CA PRO D 258 40.81 -3.42 2.78
C PRO D 258 40.76 -4.10 1.42
N GLU D 259 41.73 -5.00 1.17
CA GLU D 259 41.88 -5.69 -0.10
C GLU D 259 40.63 -6.47 -0.52
N ASP D 260 39.88 -6.99 0.44
CA ASP D 260 38.66 -7.74 0.08
C ASP D 260 37.48 -6.84 -0.29
N ARG D 261 37.68 -5.51 -0.30
CA ARG D 261 36.64 -4.59 -0.76
C ARG D 261 37.08 -3.79 -1.98
N VAL D 262 38.01 -4.33 -2.77
CA VAL D 262 38.50 -3.71 -3.99
C VAL D 262 38.19 -4.66 -5.15
N PHE D 263 37.60 -4.12 -6.20
CA PHE D 263 37.11 -4.87 -7.36
C PHE D 263 37.62 -4.21 -8.65
N GLY D 264 38.32 -4.98 -9.47
CA GLY D 264 39.06 -4.44 -10.58
C GLY D 264 38.42 -4.69 -11.93
N PHE D 265 39.00 -4.04 -12.93
CA PHE D 265 38.67 -4.27 -14.33
C PHE D 265 39.91 -4.00 -15.20
N TRP D 266 39.76 -4.12 -16.51
CA TRP D 266 40.93 -4.24 -17.39
C TRP D 266 41.02 -3.09 -18.38
N ASP D 267 42.22 -2.89 -18.94
CA ASP D 267 42.47 -1.79 -19.88
CA ASP D 267 42.43 -1.76 -19.86
C ASP D 267 41.68 -1.92 -21.18
N TRP D 268 41.19 -3.13 -21.48
CA TRP D 268 40.33 -3.36 -22.65
C TRP D 268 38.84 -3.11 -22.38
N VAL D 269 38.54 -2.51 -21.23
CA VAL D 269 37.21 -2.03 -20.89
C VAL D 269 37.24 -0.49 -20.84
N GLY D 270 36.62 0.16 -21.81
CA GLY D 270 36.60 1.61 -21.86
C GLY D 270 35.60 2.08 -20.85
N GLY D 271 35.84 3.24 -20.24
CA GLY D 271 34.92 3.77 -19.19
C GLY D 271 33.45 3.80 -19.63
N ARG D 272 33.21 4.27 -20.85
CA ARG D 272 31.84 4.38 -21.41
C ARG D 272 31.21 3.04 -21.87
N TYR D 273 31.97 1.96 -21.67
CA TYR D 273 31.56 0.57 -21.87
C TYR D 273 31.79 -0.27 -20.62
N SER D 274 31.82 0.37 -19.45
CA SER D 274 32.26 -0.28 -18.21
C SER D 274 31.17 -0.69 -17.22
N VAL D 275 29.90 -0.37 -17.49
CA VAL D 275 28.84 -0.67 -16.51
C VAL D 275 28.72 -2.18 -16.24
N TRP D 276 29.20 -2.99 -17.17
CA TRP D 276 29.09 -4.45 -17.14
C TRP D 276 30.15 -5.05 -16.20
N SER D 277 31.18 -4.25 -15.92
CA SER D 277 32.33 -4.66 -15.09
C SER D 277 32.07 -4.38 -13.60
N ALA D 278 33.14 -4.42 -12.81
CA ALA D 278 33.13 -3.98 -11.41
C ALA D 278 32.53 -2.60 -11.23
N ILE D 279 32.62 -1.73 -12.24
CA ILE D 279 31.98 -0.40 -12.18
C ILE D 279 30.48 -0.51 -11.91
N GLY D 280 29.90 -1.61 -12.34
CA GLY D 280 28.50 -1.92 -12.03
C GLY D 280 28.18 -2.31 -10.61
N LEU D 281 29.18 -2.33 -9.73
CA LEU D 281 28.98 -2.74 -8.34
C LEU D 281 27.77 -2.08 -7.65
N PRO D 282 27.64 -0.73 -7.72
CA PRO D 282 26.43 -0.15 -7.11
C PRO D 282 25.12 -0.67 -7.72
N VAL D 283 25.13 -0.98 -9.01
CA VAL D 283 23.92 -1.54 -9.64
C VAL D 283 23.65 -2.94 -9.02
N MET D 284 24.71 -3.73 -8.87
CA MET D 284 24.59 -5.07 -8.29
C MET D 284 24.12 -5.02 -6.83
N ILE D 285 24.59 -4.03 -6.07
CA ILE D 285 24.12 -3.89 -4.69
C ILE D 285 22.64 -3.49 -4.67
N ALA D 286 22.26 -2.63 -5.60
CA ALA D 286 20.87 -2.20 -5.71
C ALA D 286 19.92 -3.33 -6.10
N VAL D 287 20.23 -4.10 -7.14
CA VAL D 287 19.27 -5.10 -7.70
C VAL D 287 19.60 -6.56 -7.32
N GLY D 288 20.78 -6.76 -6.76
CA GLY D 288 21.25 -8.09 -6.39
C GLY D 288 22.02 -8.76 -7.53
N PRO D 289 22.86 -9.73 -7.18
CA PRO D 289 23.67 -10.31 -8.23
C PRO D 289 22.87 -11.14 -9.23
N ASP D 290 21.78 -11.78 -8.81
CA ASP D 290 20.99 -12.54 -9.81
C ASP D 290 20.47 -11.59 -10.90
N ASN D 291 19.91 -10.45 -10.48
CA ASN D 291 19.46 -9.49 -11.46
C ASN D 291 20.59 -8.89 -12.29
N PHE D 292 21.75 -8.65 -11.68
CA PHE D 292 22.89 -8.13 -12.43
C PHE D 292 23.31 -9.15 -13.50
N ARG D 293 23.30 -10.42 -13.15
CA ARG D 293 23.63 -11.46 -14.12
C ARG D 293 22.64 -11.53 -15.30
N LYS D 294 21.36 -11.23 -15.04
CA LYS D 294 20.34 -11.18 -16.11
C LYS D 294 20.59 -10.00 -17.04
N PHE D 295 21.03 -8.87 -16.47
CA PHE D 295 21.45 -7.68 -17.23
C PHE D 295 22.61 -8.04 -18.13
N LEU D 296 23.59 -8.76 -17.60
CA LEU D 296 24.70 -9.24 -18.42
C LEU D 296 24.20 -10.18 -19.53
N ALA D 297 23.26 -11.05 -19.19
CA ALA D 297 22.75 -12.04 -20.14
C ALA D 297 22.04 -11.40 -21.32
N GLY D 298 21.31 -10.32 -21.07
CA GLY D 298 20.66 -9.57 -22.13
C GLY D 298 21.65 -8.97 -23.12
N ALA D 299 22.71 -8.37 -22.57
CA ALA D 299 23.77 -7.82 -23.38
C ALA D 299 24.43 -8.94 -24.19
N HIS D 300 24.70 -10.06 -23.55
CA HIS D 300 25.27 -11.23 -24.20
C HIS D 300 24.42 -11.76 -25.38
N ALA D 301 23.11 -11.82 -25.20
CA ALA D 301 22.20 -12.24 -26.25
C ALA D 301 22.36 -11.31 -27.47
N MET D 302 22.46 -10.00 -27.21
CA MET D 302 22.64 -9.02 -28.30
C MET D 302 24.03 -9.16 -28.97
N ASP D 303 25.05 -9.47 -28.18
CA ASP D 303 26.40 -9.66 -28.69
C ASP D 303 26.45 -10.85 -29.65
N VAL D 304 25.87 -11.98 -29.25
CA VAL D 304 25.85 -13.16 -30.11
C VAL D 304 25.11 -12.86 -31.42
N HIS D 305 24.00 -12.16 -31.30
CA HIS D 305 23.21 -11.78 -32.47
C HIS D 305 24.03 -10.84 -33.39
N PHE D 306 24.68 -9.86 -32.79
CA PHE D 306 25.47 -8.90 -33.55
C PHE D 306 26.59 -9.62 -34.29
N ARG D 307 27.23 -10.56 -33.59
CA ARG D 307 28.40 -11.25 -34.12
C ARG D 307 28.00 -12.19 -35.27
N ASP D 308 26.85 -12.85 -35.11
CA ASP D 308 26.51 -14.01 -35.91
C ASP D 308 25.37 -13.84 -36.93
N ALA D 309 24.50 -12.86 -36.73
CA ALA D 309 23.40 -12.67 -37.70
C ALA D 309 23.93 -12.07 -39.01
N PRO D 310 23.43 -12.56 -40.15
CA PRO D 310 23.85 -11.97 -41.41
C PRO D 310 23.31 -10.54 -41.51
N LEU D 311 23.90 -9.74 -42.41
CA LEU D 311 23.62 -8.31 -42.49
C LEU D 311 22.13 -8.01 -42.53
N GLU D 312 21.41 -8.74 -43.38
CA GLU D 312 19.98 -8.47 -43.60
C GLU D 312 19.09 -8.71 -42.35
N LYS D 313 19.61 -9.45 -41.36
CA LYS D 313 18.86 -9.76 -40.15
C LYS D 313 19.43 -9.10 -38.90
N ASN D 314 20.46 -8.27 -39.08
CA ASN D 314 21.29 -7.83 -37.98
C ASN D 314 20.82 -6.47 -37.44
N LEU D 315 20.23 -6.50 -36.24
CA LEU D 315 19.60 -5.30 -35.71
C LEU D 315 20.60 -4.17 -35.53
N PRO D 316 21.74 -4.40 -34.85
CA PRO D 316 22.67 -3.28 -34.67
C PRO D 316 23.27 -2.74 -35.96
N VAL D 317 23.52 -3.61 -36.92
CA VAL D 317 24.03 -3.13 -38.21
C VAL D 317 23.01 -2.22 -38.90
N MET D 318 21.74 -2.63 -38.88
CA MET D 318 20.70 -1.83 -39.50
C MET D 318 20.52 -0.49 -38.75
N LEU D 319 20.59 -0.54 -37.43
CA LEU D 319 20.43 0.66 -36.63
C LEU D 319 21.57 1.66 -36.91
N GLY D 320 22.81 1.16 -37.03
CA GLY D 320 23.97 2.00 -37.41
C GLY D 320 23.90 2.49 -38.84
N LEU D 321 23.44 1.64 -39.76
CA LEU D 321 23.22 2.08 -41.13
C LEU D 321 22.21 3.22 -41.26
N ILE D 322 21.09 3.08 -40.56
CA ILE D 322 20.05 4.12 -40.58
C ILE D 322 20.55 5.39 -39.89
N GLY D 323 21.30 5.23 -38.82
CA GLY D 323 21.90 6.35 -38.11
C GLY D 323 22.91 7.10 -38.96
N TYR D 324 23.74 6.36 -39.68
CA TYR D 324 24.68 6.94 -40.64
C TYR D 324 23.95 7.69 -41.79
N TRP D 325 22.94 7.03 -42.34
CA TRP D 325 22.08 7.60 -43.38
C TRP D 325 21.56 8.97 -42.94
N HIS D 326 20.95 9.00 -41.76
CA HIS D 326 20.43 10.24 -41.22
C HIS D 326 21.46 11.34 -41.09
N ARG D 327 22.60 11.00 -40.52
CA ARG D 327 23.66 11.95 -40.23
C ARG D 327 24.43 12.39 -41.49
N ALA D 328 25.09 11.45 -42.15
CA ALA D 328 26.04 11.77 -43.24
C ALA D 328 25.40 12.02 -44.59
N ILE D 329 24.26 11.39 -44.86
CA ILE D 329 23.59 11.53 -46.16
C ILE D 329 22.46 12.54 -46.09
N CYS D 330 21.54 12.37 -45.14
CA CYS D 330 20.40 13.25 -45.09
C CYS D 330 20.75 14.62 -44.48
N GLY D 331 21.90 14.69 -43.80
CA GLY D 331 22.42 15.93 -43.26
C GLY D 331 21.88 16.32 -41.89
N TYR D 332 21.33 15.36 -41.15
CA TYR D 332 20.75 15.63 -39.83
C TYR D 332 21.82 15.65 -38.75
N GLY D 333 22.02 16.81 -38.15
CA GLY D 333 23.12 17.05 -37.23
C GLY D 333 22.90 16.50 -35.83
N SER D 334 21.67 16.12 -35.50
CA SER D 334 21.37 15.56 -34.20
C SER D 334 20.41 14.40 -34.36
N ARG D 335 20.27 13.61 -33.30
CA ARG D 335 19.19 12.63 -33.21
C ARG D 335 18.59 12.63 -31.82
N ALA D 336 17.26 12.59 -31.74
CA ALA D 336 16.56 12.57 -30.47
C ALA D 336 16.15 11.16 -30.12
N ILE D 337 16.61 10.69 -28.96
CA ILE D 337 16.28 9.38 -28.43
C ILE D 337 15.31 9.57 -27.28
N ILE D 338 14.09 9.08 -27.48
CA ILE D 338 12.97 9.38 -26.58
C ILE D 338 12.36 8.08 -26.07
N PRO D 339 12.83 7.62 -24.89
CA PRO D 339 12.30 6.40 -24.32
C PRO D 339 10.99 6.65 -23.61
N TYR D 340 9.94 5.96 -24.01
CA TYR D 340 8.62 6.10 -23.36
C TYR D 340 8.60 5.21 -22.12
N ASP D 341 9.43 5.60 -21.16
CA ASP D 341 9.62 4.88 -19.89
C ASP D 341 10.30 5.84 -18.93
N GLN D 342 9.58 6.29 -17.91
CA GLN D 342 10.16 7.22 -16.91
C GLN D 342 11.42 6.65 -16.28
N ARG D 343 11.48 5.33 -16.16
CA ARG D 343 12.66 4.70 -15.56
C ARG D 343 13.91 4.84 -16.44
N LEU D 344 13.73 5.12 -17.73
CA LEU D 344 14.86 5.41 -18.64
C LEU D 344 15.19 6.90 -18.68
N SER D 345 14.82 7.66 -17.63
CA SER D 345 15.07 9.10 -17.57
C SER D 345 16.53 9.48 -17.83
N ARG D 346 17.47 8.65 -17.40
CA ARG D 346 18.89 8.95 -17.58
C ARG D 346 19.58 8.13 -18.69
N LEU D 347 18.78 7.51 -19.55
CA LEU D 347 19.31 6.81 -20.72
C LEU D 347 19.85 7.78 -21.78
N PRO D 348 19.11 8.87 -22.13
CA PRO D 348 19.70 9.76 -23.13
C PRO D 348 21.06 10.31 -22.69
N ALA D 349 21.23 10.68 -21.43
CA ALA D 349 22.51 11.19 -20.91
C ALA D 349 23.59 10.13 -21.03
N TYR D 350 23.22 8.88 -20.77
CA TYR D 350 24.17 7.77 -20.91
C TYR D 350 24.61 7.59 -22.36
N LEU D 351 23.63 7.58 -23.26
CA LEU D 351 23.91 7.45 -24.69
C LEU D 351 24.72 8.63 -25.23
N GLN D 352 24.61 9.81 -24.60
CA GLN D 352 25.48 10.93 -25.01
C GLN D 352 26.92 10.58 -24.88
N GLN D 353 27.33 10.03 -23.73
CA GLN D 353 28.71 9.62 -23.59
C GLN D 353 29.05 8.48 -24.54
N LEU D 354 28.24 7.44 -24.52
CA LEU D 354 28.50 6.28 -25.39
C LEU D 354 28.73 6.69 -26.83
N ASP D 355 27.80 7.48 -27.35
CA ASP D 355 27.77 7.84 -28.77
C ASP D 355 28.75 8.97 -29.08
N MET D 356 28.61 10.08 -28.37
CA MET D 356 29.38 11.30 -28.70
C MET D 356 30.85 11.22 -28.36
N GLU D 357 31.21 10.57 -27.25
CA GLU D 357 32.60 10.44 -26.87
C GLU D 357 33.27 9.39 -27.75
N SER D 358 32.53 8.38 -28.19
CA SER D 358 33.08 7.40 -29.14
C SER D 358 33.28 8.01 -30.52
N ASN D 359 32.25 8.67 -31.04
CA ASN D 359 32.22 9.04 -32.45
C ASN D 359 32.41 10.53 -32.79
N GLY D 360 32.55 11.39 -31.78
CA GLY D 360 32.86 12.81 -32.00
C GLY D 360 34.34 13.01 -32.32
N LYS D 361 34.72 12.54 -33.50
CA LYS D 361 36.13 12.48 -33.90
C LYS D 361 36.30 13.10 -35.28
N SER D 362 37.48 13.68 -35.53
CA SER D 362 37.76 14.31 -36.81
C SER D 362 38.91 13.70 -37.57
N VAL D 363 39.49 12.65 -37.02
CA VAL D 363 40.65 11.99 -37.58
C VAL D 363 40.37 10.48 -37.77
N THR D 364 40.84 9.91 -38.89
CA THR D 364 40.66 8.48 -39.18
C THR D 364 41.64 7.59 -38.37
N LEU D 365 41.48 6.28 -38.46
CA LEU D 365 42.39 5.34 -37.79
C LEU D 365 43.80 5.63 -38.22
N ASP D 366 43.97 6.10 -39.46
CA ASP D 366 45.30 6.36 -39.99
C ASP D 366 45.78 7.80 -39.79
N GLY D 367 45.04 8.56 -38.98
CA GLY D 367 45.46 9.92 -38.64
C GLY D 367 45.20 10.97 -39.71
N LYS D 368 44.26 10.69 -40.61
CA LYS D 368 43.93 11.61 -41.70
C LYS D 368 42.59 12.28 -41.38
N PRO D 369 42.30 13.42 -42.05
CA PRO D 369 40.99 14.02 -41.77
C PRO D 369 39.87 13.13 -42.28
N VAL D 370 38.79 13.06 -41.52
CA VAL D 370 37.64 12.26 -41.91
C VAL D 370 36.97 12.76 -43.19
N SER D 371 36.28 11.86 -43.87
CA SER D 371 35.73 12.13 -45.20
C SER D 371 34.37 12.81 -45.18
N GLY D 372 33.68 12.80 -44.05
CA GLY D 372 32.43 13.54 -43.91
C GLY D 372 32.04 13.70 -42.45
N PRO D 373 30.76 13.99 -42.17
CA PRO D 373 30.37 14.19 -40.79
C PRO D 373 30.54 12.90 -40.00
N THR D 374 30.88 13.03 -38.71
CA THR D 374 30.97 11.86 -37.86
C THR D 374 29.81 11.91 -36.81
N GLY D 375 30.11 11.65 -35.55
CA GLY D 375 29.04 11.50 -34.57
C GLY D 375 28.08 12.68 -34.51
N PRO D 376 26.77 12.39 -34.44
CA PRO D 376 25.82 13.49 -34.27
C PRO D 376 25.69 13.87 -32.81
N VAL D 377 25.07 15.02 -32.55
CA VAL D 377 24.62 15.33 -31.19
C VAL D 377 23.48 14.38 -30.84
N VAL D 378 23.60 13.70 -29.71
CA VAL D 378 22.54 12.84 -29.18
C VAL D 378 21.88 13.56 -27.98
N TRP D 379 20.56 13.56 -27.94
CA TRP D 379 19.86 14.23 -26.86
C TRP D 379 18.49 13.60 -26.70
N GLY D 380 17.84 13.90 -25.59
CA GLY D 380 16.49 13.44 -25.34
C GLY D 380 16.07 13.50 -23.88
N GLU D 381 14.79 13.21 -23.68
CA GLU D 381 14.16 13.02 -22.40
C GLU D 381 13.14 11.92 -22.61
N PRO D 382 12.69 11.30 -21.53
CA PRO D 382 11.62 10.34 -21.74
C PRO D 382 10.32 10.91 -22.27
N GLY D 383 9.55 10.07 -22.94
CA GLY D 383 8.15 10.34 -23.23
C GLY D 383 7.32 9.83 -22.06
N THR D 384 6.18 10.48 -21.75
CA THR D 384 5.61 11.57 -22.53
C THR D 384 6.22 12.95 -22.24
N ASN D 385 7.02 13.07 -21.18
CA ASN D 385 7.61 14.34 -20.74
C ASN D 385 8.07 15.21 -21.91
N GLY D 386 8.92 14.63 -22.75
CA GLY D 386 9.53 15.36 -23.86
C GLY D 386 8.52 15.96 -24.79
N GLN D 387 7.37 15.30 -24.97
CA GLN D 387 6.26 15.89 -25.74
C GLN D 387 5.88 17.28 -25.31
N HIS D 388 5.85 17.48 -24.01
CA HIS D 388 5.35 18.71 -23.45
C HIS D 388 6.42 19.76 -23.30
N ALA D 389 7.64 19.42 -23.72
CA ALA D 389 8.79 20.29 -23.61
C ALA D 389 9.29 20.78 -24.98
N PHE D 390 9.63 19.86 -25.86
CA PHE D 390 10.32 20.21 -27.09
C PHE D 390 9.80 19.57 -28.38
N PHE D 391 8.76 18.73 -28.31
CA PHE D 391 8.19 18.19 -29.54
C PHE D 391 7.61 19.25 -30.45
N GLN D 392 7.24 20.41 -29.91
CA GLN D 392 6.88 21.56 -30.75
C GLN D 392 7.90 21.74 -31.86
N LEU D 393 9.17 21.74 -31.47
CA LEU D 393 10.26 21.95 -32.42
C LEU D 393 10.45 20.75 -33.37
N LEU D 394 10.32 19.54 -32.84
CA LEU D 394 10.48 18.35 -33.67
C LEU D 394 9.44 18.26 -34.78
N HIS D 395 8.26 18.84 -34.55
CA HIS D 395 7.15 18.85 -35.53
C HIS D 395 7.17 20.07 -36.43
N GLN D 396 7.38 21.26 -35.87
CA GLN D 396 7.23 22.50 -36.63
C GLN D 396 8.48 23.38 -36.78
N GLY D 397 9.60 22.92 -36.25
CA GLY D 397 10.86 23.62 -36.44
C GLY D 397 11.35 23.49 -37.86
N THR D 398 12.33 24.31 -38.21
CA THR D 398 12.84 24.37 -39.58
C THR D 398 13.71 23.17 -39.96
N ASP D 399 14.46 22.60 -39.00
CA ASP D 399 15.28 21.41 -39.26
C ASP D 399 14.50 20.12 -39.02
N THR D 400 14.80 19.08 -39.78
CA THR D 400 14.30 17.76 -39.46
C THR D 400 15.30 17.11 -38.51
N ILE D 401 14.77 16.51 -37.43
CA ILE D 401 15.56 15.77 -36.45
C ILE D 401 14.97 14.38 -36.35
N PRO D 402 15.77 13.33 -36.68
CA PRO D 402 15.25 11.98 -36.62
C PRO D 402 14.98 11.54 -35.17
N LEU D 403 13.94 10.75 -35.01
CA LEU D 403 13.50 10.21 -33.71
C LEU D 403 13.78 8.72 -33.60
N GLU D 404 14.30 8.33 -32.44
CA GLU D 404 14.46 6.92 -32.06
C GLU D 404 13.62 6.72 -30.78
N PHE D 405 12.49 6.04 -30.95
CA PHE D 405 11.51 5.80 -29.90
C PHE D 405 11.74 4.42 -29.28
N ILE D 406 11.61 4.32 -27.95
CA ILE D 406 11.71 3.05 -27.24
C ILE D 406 10.49 2.92 -26.34
N VAL D 407 9.82 1.77 -26.36
CA VAL D 407 8.69 1.55 -25.46
C VAL D 407 8.48 0.09 -25.11
N ALA D 408 7.85 -0.17 -23.97
CA ALA D 408 7.51 -1.53 -23.55
C ALA D 408 6.06 -1.82 -23.80
N ALA D 409 5.75 -3.09 -24.04
CA ALA D 409 4.38 -3.54 -24.19
C ALA D 409 3.64 -3.58 -22.84
N LYS D 410 4.38 -3.82 -21.76
CA LYS D 410 3.81 -3.89 -20.43
C LYS D 410 4.66 -3.11 -19.45
N GLY D 411 3.97 -2.42 -18.54
CA GLY D 411 4.59 -1.75 -17.43
C GLY D 411 4.62 -2.62 -16.17
N HIS D 412 5.13 -2.06 -15.09
CA HIS D 412 5.30 -2.85 -13.85
C HIS D 412 4.21 -2.60 -12.81
N GLU D 413 3.21 -1.79 -13.14
CA GLU D 413 2.15 -1.41 -12.19
C GLU D 413 0.84 -2.12 -12.56
N PRO D 414 0.51 -3.22 -11.89
CA PRO D 414 -0.69 -3.95 -12.33
C PRO D 414 -2.01 -3.20 -12.26
N THR D 415 -2.15 -2.21 -11.39
CA THR D 415 -3.41 -1.44 -11.38
C THR D 415 -3.38 -0.21 -12.29
N LEU D 416 -2.24 0.09 -12.90
CA LEU D 416 -2.13 1.28 -13.76
C LEU D 416 -1.88 0.94 -15.22
N ASP D 417 -2.38 -0.20 -15.68
CA ASP D 417 -2.20 -0.51 -17.10
C ASP D 417 -2.88 0.52 -18.00
N HIS D 418 -3.95 1.15 -17.53
CA HIS D 418 -4.56 2.19 -18.34
C HIS D 418 -3.59 3.33 -18.60
N GLN D 419 -2.77 3.68 -17.62
CA GLN D 419 -1.74 4.69 -17.85
C GLN D 419 -0.70 4.19 -18.85
N HIS D 420 -0.38 2.90 -18.76
CA HIS D 420 0.51 2.33 -19.76
C HIS D 420 -0.05 2.36 -21.19
N GLU D 421 -1.36 2.11 -21.32
CA GLU D 421 -2.01 2.23 -22.61
C GLU D 421 -1.90 3.65 -23.13
N MET D 422 -2.08 4.65 -22.27
CA MET D 422 -1.92 6.04 -22.68
C MET D 422 -0.50 6.30 -23.14
N LEU D 423 0.46 5.75 -22.42
CA LEU D 423 1.87 5.92 -22.72
C LEU D 423 2.20 5.35 -24.14
N MET D 424 1.72 4.15 -24.40
CA MET D 424 1.93 3.48 -25.69
C MET D 424 1.25 4.25 -26.83
N ALA D 425 0.03 4.70 -26.60
CA ALA D 425 -0.74 5.43 -27.62
C ALA D 425 -0.04 6.72 -27.99
N ASN D 426 0.55 7.40 -26.99
CA ASN D 426 1.31 8.63 -27.25
C ASN D 426 2.57 8.36 -28.06
N CYS D 427 3.26 7.28 -27.74
CA CYS D 427 4.47 6.90 -28.47
C CYS D 427 4.14 6.68 -29.95
N LEU D 428 3.17 5.83 -30.22
CA LEU D 428 2.78 5.52 -31.61
C LEU D 428 2.22 6.75 -32.32
N ALA D 429 1.50 7.60 -31.57
CA ALA D 429 0.90 8.80 -32.14
C ALA D 429 1.98 9.78 -32.61
N GLN D 430 3.06 9.89 -31.84
CA GLN D 430 4.11 10.85 -32.18
C GLN D 430 4.84 10.43 -33.45
N SER D 431 5.17 9.14 -33.59
CA SER D 431 5.82 8.70 -34.82
C SER D 431 4.86 8.83 -36.03
N GLU D 432 3.59 8.49 -35.84
CA GLU D 432 2.59 8.65 -36.89
C GLU D 432 2.48 10.13 -37.34
N ALA D 433 2.42 11.03 -36.36
CA ALA D 433 2.31 12.47 -36.60
C ALA D 433 3.53 13.01 -37.34
N LEU D 434 4.71 12.61 -36.90
CA LEU D 434 5.94 13.01 -37.58
C LEU D 434 5.94 12.58 -39.06
N MET D 435 5.37 11.40 -39.33
CA MET D 435 5.29 10.88 -40.69
C MET D 435 4.22 11.58 -41.51
N LYS D 436 3.01 11.66 -40.99
CA LYS D 436 1.83 12.12 -41.76
C LYS D 436 1.80 13.61 -42.01
N GLY D 437 2.15 14.35 -40.98
CA GLY D 437 1.99 15.78 -40.98
C GLY D 437 0.52 16.18 -41.16
N ARG D 438 0.32 17.42 -41.56
CA ARG D 438 -1.02 18.02 -41.77
C ARG D 438 -0.91 19.16 -42.76
N THR D 439 -1.69 19.09 -43.84
CA THR D 439 -1.60 20.04 -44.93
C THR D 439 -2.36 21.30 -44.55
N LEU D 440 -2.13 22.37 -45.29
CA LEU D 440 -2.91 23.60 -45.08
C LEU D 440 -4.39 23.30 -45.23
N ASP D 441 -4.76 22.54 -46.26
CA ASP D 441 -6.17 22.26 -46.48
C ASP D 441 -6.78 21.46 -45.33
N GLU D 442 -6.01 20.53 -44.78
CA GLU D 442 -6.47 19.75 -43.63
C GLU D 442 -6.63 20.63 -42.41
N ALA D 443 -5.68 21.55 -42.21
CA ALA D 443 -5.76 22.54 -41.13
C ALA D 443 -7.01 23.39 -41.28
N ARG D 444 -7.25 23.90 -42.48
CA ARG D 444 -8.44 24.71 -42.77
C ARG D 444 -9.71 23.97 -42.46
N ALA D 445 -9.78 22.72 -42.93
CA ALA D 445 -10.97 21.87 -42.74
C ALA D 445 -11.31 21.68 -41.26
N GLN D 446 -10.28 21.52 -40.42
CA GLN D 446 -10.50 21.38 -38.96
C GLN D 446 -11.11 22.63 -38.36
N LEU D 447 -10.60 23.80 -38.74
CA LEU D 447 -11.15 25.06 -38.25
C LEU D 447 -12.54 25.35 -38.79
N GLN D 448 -12.81 24.96 -40.04
CA GLN D 448 -14.14 25.08 -40.66
C GLN D 448 -15.17 24.19 -39.98
N ALA D 449 -14.75 22.98 -39.63
CA ALA D 449 -15.60 22.07 -38.87
C ALA D 449 -16.01 22.66 -37.51
N LYS D 450 -15.18 23.53 -36.94
CA LYS D 450 -15.51 24.22 -35.69
C LYS D 450 -16.38 25.48 -35.91
N ASN D 451 -16.79 25.72 -37.15
CA ASN D 451 -17.65 26.85 -37.50
C ASN D 451 -17.01 28.20 -37.20
N LEU D 452 -15.69 28.29 -37.34
CA LEU D 452 -15.01 29.57 -37.18
C LEU D 452 -15.23 30.48 -38.39
N PRO D 453 -15.29 31.81 -38.18
CA PRO D 453 -15.42 32.71 -39.32
C PRO D 453 -14.31 32.50 -40.31
N ALA D 454 -14.63 32.69 -41.58
CA ALA D 454 -13.65 32.52 -42.66
C ALA D 454 -12.35 33.29 -42.41
N SER D 455 -12.45 34.53 -41.93
CA SER D 455 -11.23 35.33 -41.71
C SER D 455 -10.31 34.65 -40.68
N GLN D 456 -10.89 34.06 -39.64
CA GLN D 456 -10.11 33.39 -38.59
C GLN D 456 -9.53 32.08 -39.14
N VAL D 457 -10.30 31.35 -39.92
CA VAL D 457 -9.77 30.13 -40.57
C VAL D 457 -8.49 30.47 -41.37
N GLU D 458 -8.53 31.52 -42.18
CA GLU D 458 -7.40 31.81 -43.07
C GLU D 458 -6.20 32.35 -42.28
N ARG D 459 -6.48 33.05 -41.18
CA ARG D 459 -5.43 33.62 -40.33
C ARG D 459 -4.71 32.51 -39.56
N ILE D 460 -5.50 31.58 -39.01
CA ILE D 460 -4.95 30.56 -38.12
C ILE D 460 -4.38 29.31 -38.85
N ALA D 461 -5.03 28.87 -39.93
CA ALA D 461 -4.67 27.60 -40.56
C ALA D 461 -3.16 27.45 -40.84
N PRO D 462 -2.50 28.48 -41.39
CA PRO D 462 -1.08 28.25 -41.73
C PRO D 462 -0.19 27.89 -40.53
N HIS D 463 -0.60 28.38 -39.36
CA HIS D 463 0.10 28.08 -38.08
C HIS D 463 -0.10 26.65 -37.61
N ARG D 464 -1.06 25.95 -38.22
CA ARG D 464 -1.41 24.59 -37.82
C ARG D 464 -0.95 23.55 -38.86
N VAL D 465 0.03 23.92 -39.69
CA VAL D 465 0.52 23.07 -40.76
C VAL D 465 1.77 22.34 -40.26
N PHE D 466 1.86 21.07 -40.62
CA PHE D 466 2.93 20.17 -40.22
C PHE D 466 3.49 19.53 -41.50
N SER D 467 4.77 19.73 -41.78
CA SER D 467 5.38 19.22 -43.00
C SER D 467 5.23 17.70 -43.15
N GLY D 468 5.31 17.00 -42.02
CA GLY D 468 5.42 15.54 -42.05
C GLY D 468 6.68 15.08 -42.76
N ASN D 469 6.71 13.80 -43.13
CA ASN D 469 7.89 13.17 -43.73
C ASN D 469 9.14 13.28 -42.86
N ARG D 470 8.95 13.36 -41.54
CA ARG D 470 10.03 13.44 -40.57
C ARG D 470 10.23 12.01 -40.07
N PRO D 471 11.44 11.47 -40.23
CA PRO D 471 11.63 10.04 -40.06
C PRO D 471 11.75 9.65 -38.60
N SER D 472 11.37 8.41 -38.32
CA SER D 472 11.54 7.85 -37.00
C SER D 472 11.70 6.33 -37.08
N LEU D 473 12.27 5.76 -36.03
CA LEU D 473 12.27 4.32 -35.83
C LEU D 473 11.77 4.05 -34.41
N THR D 474 11.15 2.89 -34.22
CA THR D 474 10.59 2.50 -32.96
C THR D 474 11.11 1.12 -32.55
N LEU D 475 11.55 1.03 -31.31
CA LEU D 475 12.01 -0.21 -30.70
C LEU D 475 10.97 -0.58 -29.64
N ILE D 476 10.45 -1.80 -29.71
CA ILE D 476 9.52 -2.28 -28.66
C ILE D 476 10.04 -3.59 -28.07
N HIS D 477 10.08 -3.64 -26.74
CA HIS D 477 10.31 -4.86 -25.98
C HIS D 477 9.13 -5.16 -25.06
N ASP D 478 9.10 -6.37 -24.52
CA ASP D 478 7.95 -6.79 -23.70
C ASP D 478 7.84 -6.00 -22.41
N MET D 479 8.94 -5.91 -21.67
CA MET D 479 8.96 -5.24 -20.39
C MET D 479 10.39 -4.86 -20.09
N LEU D 480 10.58 -3.71 -19.44
CA LEU D 480 11.92 -3.30 -19.07
C LEU D 480 12.30 -4.04 -17.80
N ASP D 481 13.00 -5.15 -17.99
CA ASP D 481 13.55 -5.90 -16.89
C ASP D 481 15.07 -5.88 -17.06
N PRO D 482 15.83 -6.51 -16.16
CA PRO D 482 17.29 -6.44 -16.29
C PRO D 482 17.80 -6.96 -17.63
N TYR D 483 17.30 -8.09 -18.07
CA TYR D 483 17.71 -8.66 -19.33
C TYR D 483 17.45 -7.71 -20.50
N THR D 484 16.24 -7.19 -20.57
CA THR D 484 15.82 -6.31 -21.66
CA THR D 484 15.88 -6.36 -21.70
C THR D 484 16.67 -5.03 -21.68
N LEU D 485 16.94 -4.50 -20.47
CA LEU D 485 17.82 -3.34 -20.35
C LEU D 485 19.21 -3.67 -20.90
N GLY D 486 19.79 -4.81 -20.51
CA GLY D 486 21.10 -5.18 -21.03
C GLY D 486 21.18 -5.28 -22.54
N ARG D 487 20.18 -5.93 -23.10
CA ARG D 487 20.04 -6.08 -24.56
C ARG D 487 19.96 -4.74 -25.26
N LEU D 488 19.15 -3.82 -24.72
CA LEU D 488 19.00 -2.47 -25.25
C LEU D 488 20.31 -1.65 -25.25
N ILE D 489 21.04 -1.66 -24.15
CA ILE D 489 22.29 -0.93 -24.09
C ILE D 489 23.31 -1.52 -25.07
N ALA D 490 23.37 -2.85 -25.14
CA ALA D 490 24.27 -3.51 -26.06
C ALA D 490 23.91 -3.18 -27.51
N LEU D 491 22.60 -3.12 -27.82
CA LEU D 491 22.13 -2.65 -29.14
C LEU D 491 22.76 -1.31 -29.49
N TYR D 492 22.71 -0.36 -28.55
CA TYR D 492 23.30 0.94 -28.79
C TYR D 492 24.83 0.91 -28.83
N GLU D 493 25.48 0.09 -28.02
CA GLU D 493 26.94 -0.05 -28.11
C GLU D 493 27.32 -0.46 -29.53
N HIS D 494 26.58 -1.42 -30.07
CA HIS D 494 26.92 -1.95 -31.37
C HIS D 494 26.54 -1.06 -32.55
N ARG D 495 25.44 -0.31 -32.47
CA ARG D 495 25.14 0.68 -33.53
C ARG D 495 26.26 1.73 -33.58
N VAL D 496 26.78 2.11 -32.42
CA VAL D 496 27.88 3.09 -32.36
C VAL D 496 29.14 2.50 -32.99
N PHE D 497 29.39 1.23 -32.73
CA PHE D 497 30.49 0.53 -33.38
C PHE D 497 30.37 0.59 -34.89
N VAL D 498 29.18 0.27 -35.38
CA VAL D 498 28.92 0.17 -36.82
C VAL D 498 29.14 1.54 -37.49
N GLU D 499 28.57 2.57 -36.89
CA GLU D 499 28.75 3.91 -37.43
C GLU D 499 30.21 4.33 -37.45
N ALA D 500 30.95 4.02 -36.39
CA ALA D 500 32.36 4.38 -36.35
C ALA D 500 33.13 3.73 -37.51
N GLN D 501 32.78 2.49 -37.87
CA GLN D 501 33.51 1.81 -38.93
C GLN D 501 33.20 2.47 -40.29
N ILE D 502 31.98 2.97 -40.47
CA ILE D 502 31.65 3.66 -41.69
C ILE D 502 32.38 5.01 -41.74
N PHE D 503 32.39 5.71 -40.61
CA PHE D 503 33.07 6.98 -40.47
C PHE D 503 34.60 6.83 -40.69
N GLY D 504 35.12 5.65 -40.40
CA GLY D 504 36.54 5.35 -40.52
C GLY D 504 37.34 5.77 -39.30
N ILE D 505 36.70 5.84 -38.14
CA ILE D 505 37.31 6.40 -36.93
C ILE D 505 37.52 5.33 -35.85
N ASN D 506 38.28 5.70 -34.82
CA ASN D 506 38.45 4.87 -33.61
C ASN D 506 37.40 5.24 -32.57
N ALA D 507 36.39 4.38 -32.42
CA ALA D 507 35.34 4.57 -31.43
C ALA D 507 35.80 4.48 -29.98
N PHE D 508 37.05 4.07 -29.73
CA PHE D 508 37.46 3.61 -28.41
C PHE D 508 38.52 4.43 -27.72
N ASP D 509 38.97 5.51 -28.36
CA ASP D 509 39.88 6.45 -27.71
C ASP D 509 39.10 7.75 -27.38
N GLN D 510 39.79 8.67 -26.70
CA GLN D 510 39.18 9.94 -26.33
C GLN D 510 40.24 11.00 -26.08
N TRP D 511 41.02 11.28 -27.12
CA TRP D 511 42.06 12.29 -27.02
C TRP D 511 41.53 13.70 -26.84
N GLY D 512 40.25 13.88 -27.16
CA GLY D 512 39.60 15.19 -27.12
C GLY D 512 39.31 15.74 -25.74
N VAL D 513 39.51 14.91 -24.72
CA VAL D 513 39.36 15.36 -23.34
C VAL D 513 40.62 15.96 -22.77
N GLU D 514 41.74 15.81 -23.46
CA GLU D 514 43.02 16.15 -22.84
C GLU D 514 43.30 17.64 -22.68
N LEU D 515 42.91 18.43 -23.66
CA LEU D 515 43.29 19.84 -23.68
C LEU D 515 42.61 20.55 -22.53
N GLY D 516 41.33 20.25 -22.31
CA GLY D 516 40.60 20.82 -21.19
C GLY D 516 41.21 20.51 -19.85
N LYS D 517 41.60 19.26 -19.67
CA LYS D 517 42.17 18.79 -18.42
C LYS D 517 43.51 19.49 -18.16
N GLU D 518 44.32 19.61 -19.22
CA GLU D 518 45.62 20.30 -19.17
C GLU D 518 45.49 21.77 -18.72
N LEU D 519 44.57 22.48 -19.37
CA LEU D 519 44.34 23.88 -19.08
C LEU D 519 43.71 24.09 -17.70
N ALA D 520 42.82 23.18 -17.28
CA ALA D 520 42.23 23.24 -15.93
C ALA D 520 43.30 23.06 -14.82
N THR D 521 44.26 22.20 -15.08
CA THR D 521 45.36 22.00 -14.13
C THR D 521 46.21 23.27 -14.01
N GLU D 522 46.51 23.91 -15.12
CA GLU D 522 47.24 25.20 -15.09
C GLU D 522 46.44 26.30 -14.39
N LEU D 523 45.14 26.34 -14.68
CA LEU D 523 44.33 27.45 -14.19
C LEU D 523 43.96 27.34 -12.70
N LEU D 524 44.02 26.13 -12.13
CA LEU D 524 43.61 25.96 -10.73
C LEU D 524 44.35 26.91 -9.77
N PRO D 525 45.70 26.89 -9.79
CA PRO D 525 46.41 27.84 -8.93
C PRO D 525 46.15 29.31 -9.28
N VAL D 526 45.87 29.60 -10.55
CA VAL D 526 45.63 30.96 -11.02
C VAL D 526 44.31 31.47 -10.46
N VAL D 527 43.26 30.69 -10.63
CA VAL D 527 41.96 31.03 -10.08
C VAL D 527 41.99 31.12 -8.54
N SER D 528 42.77 30.24 -7.91
CA SER D 528 42.83 30.16 -6.45
C SER D 528 43.70 31.27 -5.81
N GLY D 529 44.67 31.78 -6.57
CA GLY D 529 45.64 32.72 -6.08
C GLY D 529 45.19 34.16 -6.17
N LYS D 530 46.11 35.08 -5.86
CA LYS D 530 45.81 36.51 -5.77
C LYS D 530 46.20 37.31 -7.02
N GLU D 531 47.24 36.87 -7.73
CA GLU D 531 47.71 37.60 -8.92
C GLU D 531 46.88 37.23 -10.18
N GLY D 532 46.83 38.14 -11.15
CA GLY D 532 46.16 37.88 -12.44
C GLY D 532 46.85 36.84 -13.30
N ALA D 533 46.15 36.35 -14.32
CA ALA D 533 46.57 35.21 -15.19
C ALA D 533 47.53 35.54 -16.36
N SER D 534 48.79 35.77 -16.05
CA SER D 534 49.79 36.22 -17.04
C SER D 534 49.95 35.28 -18.24
N GLY D 535 49.95 35.86 -19.44
CA GLY D 535 50.27 35.11 -20.66
C GLY D 535 49.11 34.43 -21.38
N ARG D 536 47.90 34.58 -20.88
CA ARG D 536 46.74 33.92 -21.48
C ARG D 536 45.91 34.92 -22.26
N ASP D 537 44.92 34.42 -23.00
CA ASP D 537 44.10 35.30 -23.82
C ASP D 537 43.32 36.26 -22.92
N ALA D 538 42.94 37.41 -23.47
CA ALA D 538 42.31 38.47 -22.69
C ALA D 538 40.98 38.09 -22.08
N SER D 539 40.26 37.14 -22.69
CA SER D 539 39.00 36.69 -22.12
C SER D 539 39.27 35.86 -20.88
N THR D 540 40.13 34.88 -21.00
CA THR D 540 40.51 34.14 -19.85
C THR D 540 41.02 35.00 -18.68
N GLN D 541 41.88 35.93 -19.01
CA GLN D 541 42.42 36.80 -17.99
C GLN D 541 41.32 37.68 -17.45
N GLY D 542 40.43 38.18 -18.27
CA GLY D 542 39.34 39.00 -17.78
C GLY D 542 38.36 38.24 -16.86
N LEU D 543 38.08 37.01 -17.24
CA LEU D 543 37.24 36.20 -16.41
C LEU D 543 37.91 35.91 -15.03
N VAL D 544 39.20 35.56 -15.06
CA VAL D 544 39.95 35.38 -13.82
C VAL D 544 39.95 36.64 -12.96
N ALA D 545 40.20 37.79 -13.60
CA ALA D 545 40.23 39.07 -12.88
C ALA D 545 38.88 39.36 -12.20
N HIS D 546 37.79 39.07 -12.91
CA HIS D 546 36.43 39.24 -12.37
C HIS D 546 36.21 38.33 -11.16
N LEU D 547 36.58 37.06 -11.31
CA LEU D 547 36.44 36.11 -10.21
C LEU D 547 37.22 36.55 -8.98
N HIS D 548 38.46 36.99 -9.17
CA HIS D 548 39.26 37.47 -8.05
C HIS D 548 38.56 38.66 -7.40
N ALA D 549 38.07 39.59 -8.23
CA ALA D 549 37.46 40.81 -7.70
C ALA D 549 36.24 40.49 -6.87
N ARG D 550 35.41 39.57 -7.37
CA ARG D 550 34.18 39.20 -6.66
C ARG D 550 34.40 38.35 -5.41
N ARG D 551 35.53 37.64 -5.36
CA ARG D 551 35.88 36.81 -4.21
C ARG D 551 36.73 37.54 -3.13
N LYS D 552 37.16 38.78 -3.36
CA LYS D 552 38.13 39.44 -2.44
C LYS D 552 37.50 39.77 -1.09
CL CL E . -39.61 10.19 35.33
CA CA F . -31.22 -31.21 14.76
CA CA G . -4.47 4.05 -45.23
CL CL H . 3.19 24.00 -20.77
CL CL I . -0.01 7.02 6.35
CL CL J . -57.41 -16.48 31.59
CA CA K . -12.97 -29.15 -9.69
CL CL L . -3.83 -24.53 17.94
CA CA M . -5.10 -4.67 36.67
C1 EDO N . 29.69 18.40 3.45
O1 EDO N . 30.70 19.31 3.91
C2 EDO N . 30.24 16.98 3.34
O2 EDO N . 30.66 16.52 4.64
CL CL O . 48.85 1.65 -6.83
CA CA P . 0.21 -0.83 -54.02
CA CA Q . 49.15 9.31 -39.83
CA CA R . 12.17 -0.05 -5.88
CL CL S . 20.58 -1.26 12.17
CL CL T . 34.99 7.58 -18.60
CA CA U . 22.45 19.73 -41.23
CL CL V . 22.41 20.12 -35.48
#